data_8IJT
#
_entry.id   8IJT
#
_cell.length_a   45.872
_cell.length_b   86.230
_cell.length_c   102.349
_cell.angle_alpha   77.50
_cell.angle_beta   85.91
_cell.angle_gamma   87.69
#
_symmetry.space_group_name_H-M   'P 1'
#
loop_
_entity.id
_entity.type
_entity.pdbx_description
1 polymer 'Terpene synthase'
2 water water
#
_entity_poly.entity_id   1
_entity_poly.type   'polypeptide(L)'
_entity_poly.pdbx_seq_one_letter_code
;MRPITCSFDPVGISFQTESKQENFEFLREAISRSVPGLENCNVFDPRSLGVPWPTSFPAAAQSKYWKDAEEAAAELMDQI
VAAAPGEQGSLPAELAVSDKKAAKRRELLDTSVSAPMNMFPAANAPRARIMAKAALLIFMHDDVCEYQSVQSTIIDSALA
DTSTPNGKGADILWQNRIFKEFSEETNREDPVVGPQFLQGILNWVEHTRKALPASMTFRSFNEYIDYRIGDFAVDFCDAA
ILLTCEIFLTPADMEPLRKLHRLYMTHFSLTNDLYSFNKEVVAEQETGSAVINAVRVLEQLVDTSTRSAKVLLRAFLWDL
ELQIHDELTRLKGTDLTPSQWRFARGMVEVCAGNIFYSATCLRYAKPGLRGI
;
_entity_poly.pdbx_strand_id   A,B,C,D
#
# COMPACT_ATOMS: atom_id res chain seq x y z
N MET A 1 6.21 16.15 -47.51
CA MET A 1 5.84 16.67 -46.20
C MET A 1 5.65 18.18 -46.24
N ARG A 2 4.65 18.68 -45.53
CA ARG A 2 4.30 20.10 -45.63
C ARG A 2 5.43 20.94 -45.05
N PRO A 3 5.87 21.99 -45.74
CA PRO A 3 6.92 22.85 -45.18
C PRO A 3 6.51 23.43 -43.84
N ILE A 4 7.50 23.58 -42.97
CA ILE A 4 7.28 24.09 -41.62
C ILE A 4 7.88 25.49 -41.54
N THR A 5 7.08 26.44 -41.06
CA THR A 5 7.55 27.82 -40.94
C THR A 5 8.38 28.02 -39.68
N CYS A 6 7.88 27.52 -38.54
CA CYS A 6 8.49 27.79 -37.25
C CYS A 6 8.38 26.56 -36.36
N SER A 7 9.16 26.59 -35.27
CA SER A 7 9.14 25.54 -34.25
C SER A 7 9.55 26.17 -32.93
N PHE A 8 8.82 25.84 -31.86
CA PHE A 8 9.11 26.42 -30.55
C PHE A 8 8.65 25.47 -29.45
N ASP A 9 9.19 25.68 -28.26
CA ASP A 9 8.79 24.95 -27.05
C ASP A 9 8.55 25.96 -25.91
N PRO A 10 7.33 26.05 -25.39
CA PRO A 10 7.08 26.99 -24.28
C PRO A 10 7.94 26.72 -23.06
N VAL A 11 8.13 25.45 -22.70
CA VAL A 11 8.92 25.10 -21.52
C VAL A 11 10.38 24.78 -21.87
N GLY A 12 10.65 24.33 -23.09
CA GLY A 12 11.97 23.91 -23.53
C GLY A 12 12.83 23.07 -22.60
N ILE A 13 12.26 22.03 -21.99
CA ILE A 13 13.04 21.14 -21.13
C ILE A 13 13.41 19.86 -21.88
N SER A 14 12.40 19.09 -22.33
CA SER A 14 12.57 17.80 -23.01
C SER A 14 13.09 16.70 -22.10
N PHE A 15 12.86 15.44 -22.47
CA PHE A 15 13.17 14.31 -21.59
C PHE A 15 13.22 13.01 -22.37
N GLN A 16 13.67 11.97 -21.66
CA GLN A 16 13.72 10.59 -22.12
C GLN A 16 13.14 9.69 -21.04
N THR A 17 12.34 8.71 -21.44
CA THR A 17 11.68 7.83 -20.47
C THR A 17 12.65 6.75 -20.00
N GLU A 18 12.39 6.21 -18.80
CA GLU A 18 13.25 5.16 -18.27
C GLU A 18 12.92 3.80 -18.84
N SER A 19 11.73 3.62 -19.38
CA SER A 19 11.36 2.34 -19.94
C SER A 19 11.24 2.48 -21.44
N LYS A 20 11.56 1.40 -22.14
CA LYS A 20 11.44 1.38 -23.58
C LYS A 20 9.97 1.19 -23.91
N GLN A 21 9.42 2.15 -24.64
CA GLN A 21 8.04 2.09 -25.10
C GLN A 21 7.91 1.10 -26.26
N GLU A 22 7.69 -0.18 -25.94
CA GLU A 22 7.43 -1.16 -26.98
C GLU A 22 6.17 -0.76 -27.76
N ASN A 23 5.11 -0.36 -27.05
CA ASN A 23 4.07 0.41 -27.70
C ASN A 23 4.64 1.79 -27.99
N PHE A 24 4.04 2.50 -28.95
CA PHE A 24 4.54 3.75 -29.54
C PHE A 24 5.64 3.43 -30.53
N GLU A 25 6.22 2.24 -30.50
CA GLU A 25 7.35 1.94 -31.37
C GLU A 25 6.92 1.89 -32.83
N PHE A 26 5.65 1.58 -33.10
CA PHE A 26 5.16 1.57 -34.48
C PHE A 26 5.38 2.91 -35.17
N LEU A 27 5.28 4.02 -34.43
CA LEU A 27 5.60 5.31 -35.02
C LEU A 27 7.05 5.39 -35.47
N ARG A 28 7.99 4.92 -34.61
CA ARG A 28 9.40 4.95 -34.99
C ARG A 28 9.65 4.09 -36.23
N GLU A 29 9.18 2.83 -36.22
CA GLU A 29 9.38 1.94 -37.35
C GLU A 29 8.82 2.52 -38.64
N ALA A 30 7.75 3.30 -38.52
CA ALA A 30 7.09 3.86 -39.71
C ALA A 30 7.97 4.85 -40.45
N ILE A 31 9.01 5.39 -39.81
CA ILE A 31 9.90 6.30 -40.51
C ILE A 31 10.61 5.59 -41.66
N SER A 32 11.14 4.40 -41.40
CA SER A 32 11.95 3.70 -42.38
C SER A 32 11.14 2.71 -43.24
N ARG A 33 10.16 2.03 -42.67
CA ARG A 33 9.44 0.97 -43.35
C ARG A 33 7.93 1.15 -43.22
N SER A 34 7.20 0.51 -44.13
CA SER A 34 5.74 0.56 -44.13
C SER A 34 5.19 -0.15 -42.90
N VAL A 35 4.28 0.53 -42.20
CA VAL A 35 3.61 0.01 -41.01
C VAL A 35 2.11 -0.06 -41.28
N PRO A 36 1.40 -1.08 -40.79
CA PRO A 36 -0.05 -1.13 -41.01
C PRO A 36 -0.76 0.06 -40.39
N GLY A 37 -1.65 0.67 -41.17
CA GLY A 37 -2.38 1.84 -40.74
C GLY A 37 -1.76 3.15 -41.19
N LEU A 38 -0.44 3.20 -41.37
CA LEU A 38 0.27 4.41 -41.72
C LEU A 38 0.64 4.47 -43.21
N GLU A 39 0.00 3.65 -44.04
CA GLU A 39 0.37 3.61 -45.46
C GLU A 39 0.14 4.93 -46.18
N ASN A 40 -0.71 5.80 -45.64
CA ASN A 40 -1.02 7.10 -46.23
C ASN A 40 -0.27 8.24 -45.57
N CYS A 41 0.75 7.96 -44.77
CA CYS A 41 1.40 9.01 -44.00
C CYS A 41 2.89 9.06 -44.29
N ASN A 42 3.44 10.28 -44.20
CA ASN A 42 4.87 10.49 -44.03
C ASN A 42 5.14 10.57 -42.53
N VAL A 43 5.95 9.65 -42.03
CA VAL A 43 6.28 9.57 -40.60
C VAL A 43 7.73 10.00 -40.41
N PHE A 44 7.96 10.89 -39.46
CA PHE A 44 9.27 11.49 -39.29
C PHE A 44 9.54 11.72 -37.81
N ASP A 45 10.80 11.99 -37.49
CA ASP A 45 11.19 12.41 -36.15
C ASP A 45 11.37 13.91 -36.18
N PRO A 46 10.53 14.69 -35.49
CA PRO A 46 10.64 16.16 -35.59
C PRO A 46 11.99 16.71 -35.18
N ARG A 47 12.74 15.97 -34.36
CA ARG A 47 14.06 16.44 -33.95
C ARG A 47 15.00 16.59 -35.13
N SER A 48 14.87 15.70 -36.13
CA SER A 48 15.68 15.84 -37.35
C SER A 48 15.35 17.12 -38.10
N LEU A 49 14.11 17.60 -38.03
CA LEU A 49 13.75 18.86 -38.68
C LEU A 49 14.03 20.08 -37.81
N GLY A 50 14.68 19.91 -36.66
CA GLY A 50 14.96 21.03 -35.78
C GLY A 50 13.80 21.51 -34.96
N VAL A 51 12.71 20.75 -34.89
CA VAL A 51 11.55 21.12 -34.09
C VAL A 51 11.75 20.56 -32.69
N PRO A 52 11.62 21.37 -31.64
CA PRO A 52 11.71 20.82 -30.29
C PRO A 52 10.62 19.79 -30.05
N TRP A 53 11.03 18.62 -29.56
CA TRP A 53 10.15 17.45 -29.46
C TRP A 53 10.17 16.89 -28.05
N PRO A 54 9.54 17.58 -27.08
CA PRO A 54 9.54 17.13 -25.67
C PRO A 54 8.48 16.08 -25.38
N THR A 55 8.62 14.91 -26.00
CA THR A 55 7.58 13.89 -25.91
C THR A 55 8.21 12.51 -25.83
N SER A 56 7.49 11.59 -25.18
CA SER A 56 7.83 10.17 -25.30
C SER A 56 7.49 9.59 -26.69
N PHE A 57 6.56 10.21 -27.44
CA PHE A 57 6.23 9.71 -28.77
C PHE A 57 7.46 9.79 -29.68
N PRO A 58 7.93 8.68 -30.24
CA PRO A 58 9.19 8.74 -31.00
C PRO A 58 9.09 9.46 -32.33
N ALA A 59 7.91 9.51 -32.95
CA ALA A 59 7.76 10.11 -34.26
C ALA A 59 6.43 10.84 -34.37
N ALA A 60 6.27 11.58 -35.47
CA ALA A 60 5.02 12.22 -35.83
C ALA A 60 4.62 11.80 -37.24
N ALA A 61 3.33 11.65 -37.48
CA ALA A 61 2.80 11.18 -38.76
C ALA A 61 1.98 12.28 -39.40
N GLN A 62 2.19 12.50 -40.68
CA GLN A 62 1.45 13.50 -41.44
C GLN A 62 0.94 12.87 -42.73
N SER A 63 -0.30 13.19 -43.09
CA SER A 63 -0.86 12.63 -44.33
C SER A 63 -0.05 13.12 -45.52
N LYS A 64 0.22 12.21 -46.46
CA LYS A 64 1.01 12.62 -47.61
C LYS A 64 0.20 13.42 -48.63
N TYR A 65 -1.13 13.46 -48.47
CA TYR A 65 -2.00 14.15 -49.42
C TYR A 65 -2.41 15.53 -48.93
N TRP A 66 -1.49 16.22 -48.24
CA TRP A 66 -1.79 17.56 -47.76
C TRP A 66 -1.99 18.55 -48.89
N LYS A 67 -1.35 18.34 -50.04
CA LYS A 67 -1.52 19.25 -51.16
C LYS A 67 -2.96 19.23 -51.68
N ASP A 68 -3.57 18.04 -51.72
CA ASP A 68 -4.99 17.95 -52.06
C ASP A 68 -5.83 18.68 -51.02
N ALA A 69 -5.47 18.57 -49.75
CA ALA A 69 -6.20 19.25 -48.70
C ALA A 69 -6.11 20.76 -48.83
N GLU A 70 -4.94 21.27 -49.24
CA GLU A 70 -4.81 22.71 -49.47
C GLU A 70 -5.74 23.18 -50.58
N GLU A 71 -5.84 22.39 -51.66
CA GLU A 71 -6.71 22.77 -52.77
C GLU A 71 -8.16 22.80 -52.32
N ALA A 72 -8.59 21.74 -51.61
CA ALA A 72 -9.97 21.65 -51.17
C ALA A 72 -10.33 22.82 -50.27
N ALA A 73 -9.47 23.11 -49.28
CA ALA A 73 -9.73 24.24 -48.40
C ALA A 73 -9.77 25.54 -49.20
N ALA A 74 -8.84 25.70 -50.15
CA ALA A 74 -8.87 26.87 -51.02
C ALA A 74 -10.16 26.93 -51.83
N GLU A 75 -10.61 25.79 -52.35
CA GLU A 75 -11.88 25.74 -53.07
C GLU A 75 -13.03 26.21 -52.19
N LEU A 76 -13.19 25.58 -51.03
CA LEU A 76 -14.27 25.95 -50.12
C LEU A 76 -14.21 27.43 -49.77
N MET A 77 -13.01 27.94 -49.49
CA MET A 77 -12.85 29.36 -49.15
C MET A 77 -13.43 30.26 -50.23
N ASP A 78 -13.17 29.94 -51.49
CA ASP A 78 -13.67 30.77 -52.58
C ASP A 78 -15.20 30.72 -52.67
N GLN A 79 -15.79 29.55 -52.43
CA GLN A 79 -17.24 29.45 -52.40
C GLN A 79 -17.83 30.39 -51.34
N ILE A 80 -17.25 30.40 -50.15
CA ILE A 80 -17.79 31.21 -49.06
C ILE A 80 -17.66 32.70 -49.34
N VAL A 81 -16.49 33.15 -49.82
CA VAL A 81 -16.26 34.58 -50.05
C VAL A 81 -17.06 35.11 -51.21
N ALA A 82 -17.76 34.23 -51.92
CA ALA A 82 -18.64 34.67 -53.00
C ALA A 82 -20.04 34.84 -52.42
N ALA A 83 -20.54 33.78 -51.82
CA ALA A 83 -21.67 33.85 -50.93
C ALA A 83 -21.36 34.76 -49.75
N LYS A 100 -3.39 42.56 -44.55
CA LYS A 100 -4.65 43.09 -44.05
C LYS A 100 -5.77 42.04 -44.05
N LYS A 101 -6.89 42.29 -44.75
CA LYS A 101 -7.95 41.31 -44.76
C LYS A 101 -7.49 40.02 -45.45
N ALA A 102 -6.57 40.14 -46.40
CA ALA A 102 -5.97 38.94 -46.98
C ALA A 102 -5.14 38.20 -45.93
N ALA A 103 -4.77 38.85 -44.83
CA ALA A 103 -3.88 38.14 -43.88
C ALA A 103 -4.62 36.97 -43.22
N LYS A 104 -5.87 37.19 -42.84
CA LYS A 104 -6.63 36.13 -42.12
C LYS A 104 -6.78 34.92 -43.05
N ARG A 105 -7.03 35.17 -44.33
CA ARG A 105 -7.27 34.05 -45.27
C ARG A 105 -6.01 33.19 -45.33
N ARG A 106 -4.84 33.83 -45.36
CA ARG A 106 -3.59 33.04 -45.49
C ARG A 106 -3.46 32.14 -44.26
N GLU A 107 -3.80 32.66 -43.08
CA GLU A 107 -3.66 31.87 -41.83
C GLU A 107 -4.78 30.83 -41.77
N LEU A 108 -6.01 31.21 -42.12
CA LEU A 108 -7.12 30.26 -41.95
C LEU A 108 -6.87 29.00 -42.76
N LEU A 109 -6.51 29.16 -44.03
CA LEU A 109 -6.26 28.01 -44.89
C LEU A 109 -5.05 27.21 -44.40
N ASP A 110 -4.00 27.90 -43.95
CA ASP A 110 -2.83 27.21 -43.42
C ASP A 110 -3.21 26.39 -42.20
N THR A 111 -3.94 26.99 -41.26
CA THR A 111 -4.38 26.28 -40.06
C THR A 111 -5.38 25.18 -40.41
N SER A 112 -6.25 25.43 -41.39
CA SER A 112 -7.22 24.43 -41.82
C SER A 112 -6.55 23.19 -42.40
N VAL A 113 -5.35 23.33 -42.96
CA VAL A 113 -4.67 22.16 -43.50
C VAL A 113 -3.75 21.52 -42.47
N SER A 114 -2.99 22.33 -41.72
CA SER A 114 -1.97 21.80 -40.83
C SER A 114 -2.58 20.91 -39.75
N ALA A 115 -3.69 21.36 -39.15
CA ALA A 115 -4.31 20.59 -38.07
C ALA A 115 -4.73 19.18 -38.53
N PRO A 116 -5.63 19.02 -39.51
CA PRO A 116 -6.10 17.65 -39.81
C PRO A 116 -5.02 16.77 -40.39
N MET A 117 -4.11 17.32 -41.20
CA MET A 117 -3.02 16.52 -41.79
C MET A 117 -2.14 15.91 -40.70
N ASN A 118 -1.84 16.67 -39.65
CA ASN A 118 -1.04 16.16 -38.55
C ASN A 118 -1.87 15.35 -37.56
N MET A 119 -3.02 15.89 -37.14
CA MET A 119 -3.84 15.19 -36.13
C MET A 119 -4.46 13.91 -36.67
N PHE A 120 -4.82 13.89 -37.95
CA PHE A 120 -5.50 12.73 -38.54
C PHE A 120 -4.74 12.32 -39.80
N PRO A 121 -3.53 11.77 -39.63
CA PRO A 121 -2.64 11.59 -40.79
C PRO A 121 -2.99 10.42 -41.70
N ALA A 122 -3.80 9.46 -41.26
CA ALA A 122 -4.10 8.32 -42.12
C ALA A 122 -4.98 8.67 -43.31
N ALA A 123 -5.31 9.94 -43.50
CA ALA A 123 -6.26 10.32 -44.54
C ALA A 123 -5.66 10.13 -45.93
N ASN A 124 -6.38 9.43 -46.80
CA ASN A 124 -6.02 9.40 -48.22
C ASN A 124 -6.42 10.72 -48.86
N ALA A 125 -6.15 10.85 -50.16
CA ALA A 125 -6.42 12.08 -50.88
C ALA A 125 -7.87 12.56 -50.75
N PRO A 126 -8.90 11.76 -51.07
CA PRO A 126 -10.28 12.25 -50.90
C PRO A 126 -10.63 12.59 -49.46
N ARG A 127 -10.35 11.67 -48.52
CA ARG A 127 -10.68 11.92 -47.13
C ARG A 127 -9.89 13.10 -46.57
N ALA A 128 -8.68 13.35 -47.10
CA ALA A 128 -7.94 14.54 -46.67
C ALA A 128 -8.67 15.81 -47.09
N ARG A 129 -9.26 15.80 -48.29
CA ARG A 129 -9.99 16.98 -48.75
C ARG A 129 -11.19 17.26 -47.85
N ILE A 130 -11.93 16.21 -47.49
CA ILE A 130 -13.07 16.37 -46.58
C ILE A 130 -12.60 16.92 -45.24
N MET A 131 -11.51 16.36 -44.71
CA MET A 131 -11.00 16.82 -43.42
C MET A 131 -10.58 18.28 -43.48
N ALA A 132 -9.90 18.67 -44.56
CA ALA A 132 -9.51 20.06 -44.72
C ALA A 132 -10.71 20.97 -44.79
N LYS A 133 -11.75 20.56 -45.54
CA LYS A 133 -12.97 21.36 -45.62
C LYS A 133 -13.64 21.46 -44.26
N ALA A 134 -13.73 20.33 -43.53
CA ALA A 134 -14.29 20.34 -42.19
C ALA A 134 -13.53 21.28 -41.27
N ALA A 135 -12.18 21.24 -41.32
CA ALA A 135 -11.39 22.11 -40.47
C ALA A 135 -11.67 23.59 -40.78
N LEU A 136 -11.75 23.95 -42.06
CA LEU A 136 -12.02 25.34 -42.41
C LEU A 136 -13.34 25.79 -41.83
N LEU A 137 -14.38 24.96 -41.95
CA LEU A 137 -15.67 25.29 -41.37
C LEU A 137 -15.57 25.47 -39.86
N ILE A 138 -14.93 24.54 -39.17
CA ILE A 138 -14.79 24.64 -37.72
C ILE A 138 -13.99 25.89 -37.36
N PHE A 139 -12.86 26.11 -38.04
CA PHE A 139 -11.99 27.24 -37.70
C PHE A 139 -12.65 28.57 -38.02
N MET A 140 -13.39 28.67 -39.13
CA MET A 140 -14.08 29.91 -39.43
C MET A 140 -15.11 30.25 -38.38
N HIS A 141 -15.78 29.24 -37.82
CA HIS A 141 -16.74 29.48 -36.76
C HIS A 141 -16.06 29.86 -35.45
N ASP A 142 -14.94 29.18 -35.12
CA ASP A 142 -14.19 29.50 -33.91
C ASP A 142 -13.73 30.95 -33.93
N ASP A 143 -13.17 31.39 -35.06
CA ASP A 143 -12.72 32.77 -35.16
C ASP A 143 -13.86 33.76 -34.98
N VAL A 144 -15.03 33.44 -35.55
CA VAL A 144 -16.18 34.34 -35.45
C VAL A 144 -16.62 34.49 -33.99
N CYS A 145 -16.66 33.37 -33.25
CA CYS A 145 -17.04 33.45 -31.84
C CYS A 145 -16.06 34.27 -31.03
N GLU A 146 -14.78 34.27 -31.41
CA GLU A 146 -13.78 35.09 -30.74
C GLU A 146 -13.77 36.50 -31.31
N TYR A 147 -14.96 37.11 -31.41
CA TYR A 147 -15.07 38.49 -31.89
C TYR A 147 -16.39 39.10 -31.42
N ASP A 171 -29.61 33.73 -49.97
CA ASP A 171 -28.47 34.19 -49.13
C ASP A 171 -28.19 33.13 -48.06
N ILE A 172 -29.01 33.07 -47.01
CA ILE A 172 -28.83 31.99 -45.99
C ILE A 172 -29.03 30.66 -46.69
N LEU A 173 -30.03 30.57 -47.57
CA LEU A 173 -30.26 29.33 -48.35
C LEU A 173 -29.01 29.06 -49.19
N TRP A 174 -28.41 30.11 -49.75
CA TRP A 174 -27.15 29.92 -50.48
C TRP A 174 -26.08 29.28 -49.59
N GLN A 175 -25.84 29.87 -48.41
CA GLN A 175 -24.84 29.32 -47.47
C GLN A 175 -25.21 27.91 -47.07
N ASN A 176 -26.50 27.68 -46.79
CA ASN A 176 -27.00 26.37 -46.42
C ASN A 176 -26.77 25.37 -47.53
N ARG A 177 -26.81 25.84 -48.79
CA ARG A 177 -26.53 24.95 -49.92
C ARG A 177 -25.05 24.56 -49.96
N ILE A 178 -24.16 25.47 -49.62
CA ILE A 178 -22.71 25.16 -49.61
C ILE A 178 -22.46 23.98 -48.66
N PHE A 179 -22.97 24.06 -47.43
CA PHE A 179 -22.78 22.97 -46.43
C PHE A 179 -23.44 21.68 -46.92
N LYS A 180 -24.62 21.79 -47.53
CA LYS A 180 -25.36 20.59 -47.98
C LYS A 180 -24.52 19.88 -49.04
N GLU A 181 -23.88 20.66 -49.92
CA GLU A 181 -22.98 20.04 -50.92
C GLU A 181 -21.81 19.37 -50.18
N PHE A 182 -21.26 20.05 -49.16
CA PHE A 182 -20.17 19.45 -48.39
C PHE A 182 -20.63 18.16 -47.73
N SER A 183 -21.85 18.17 -47.19
CA SER A 183 -22.43 16.95 -46.63
C SER A 183 -22.55 15.84 -47.67
N GLU A 184 -22.95 16.18 -48.89
CA GLU A 184 -23.11 15.16 -49.93
C GLU A 184 -21.76 14.56 -50.33
N GLU A 185 -20.76 15.41 -50.54
CA GLU A 185 -19.41 14.90 -50.84
C GLU A 185 -18.92 13.98 -49.72
N THR A 186 -19.17 14.34 -48.47
CA THR A 186 -18.75 13.51 -47.34
C THR A 186 -19.51 12.18 -47.32
N ASN A 187 -20.84 12.24 -47.38
CA ASN A 187 -21.64 11.02 -47.29
C ASN A 187 -21.41 10.09 -48.47
N ARG A 188 -20.97 10.63 -49.61
CA ARG A 188 -20.71 9.75 -50.74
C ARG A 188 -19.29 9.17 -50.69
N GLU A 189 -18.38 9.85 -50.00
CA GLU A 189 -17.06 9.27 -49.73
C GLU A 189 -17.17 8.13 -48.72
N ASP A 190 -17.76 8.41 -47.57
CA ASP A 190 -17.90 7.43 -46.48
C ASP A 190 -19.37 7.43 -46.05
N PRO A 191 -20.18 6.51 -46.57
CA PRO A 191 -21.59 6.48 -46.16
C PRO A 191 -21.81 6.05 -44.72
N VAL A 192 -20.95 5.19 -44.17
CA VAL A 192 -21.14 4.72 -42.79
C VAL A 192 -20.82 5.83 -41.80
N VAL A 193 -19.59 6.34 -41.85
CA VAL A 193 -19.14 7.30 -40.85
C VAL A 193 -19.59 8.73 -41.15
N GLY A 194 -19.89 9.05 -42.40
CA GLY A 194 -20.23 10.39 -42.82
C GLY A 194 -21.25 11.12 -41.97
N PRO A 195 -22.41 10.50 -41.69
CA PRO A 195 -23.41 11.20 -40.86
C PRO A 195 -22.87 11.61 -39.50
N GLN A 196 -22.21 10.70 -38.77
CA GLN A 196 -21.64 11.08 -37.47
C GLN A 196 -20.58 12.15 -37.65
N PHE A 197 -19.81 12.06 -38.72
CA PHE A 197 -18.80 13.08 -39.01
C PHE A 197 -19.45 14.46 -39.10
N LEU A 198 -20.47 14.60 -39.94
CA LEU A 198 -21.18 15.88 -40.06
C LEU A 198 -21.92 16.22 -38.77
N GLN A 199 -22.54 15.22 -38.14
CA GLN A 199 -23.21 15.46 -36.87
C GLN A 199 -22.21 15.90 -35.80
N GLY A 200 -20.98 15.38 -35.86
CA GLY A 200 -19.96 15.83 -34.92
C GLY A 200 -19.64 17.31 -35.07
N ILE A 201 -19.63 17.80 -36.30
CA ILE A 201 -19.44 19.23 -36.53
C ILE A 201 -20.58 20.03 -35.91
N LEU A 202 -21.82 19.60 -36.15
CA LEU A 202 -22.97 20.35 -35.65
C LEU A 202 -23.02 20.33 -34.13
N ASN A 203 -22.69 19.18 -33.53
CA ASN A 203 -22.62 19.11 -32.07
C ASN A 203 -21.62 20.10 -31.50
N TRP A 204 -20.51 20.33 -32.21
CA TRP A 204 -19.56 21.34 -31.76
C TRP A 204 -20.20 22.72 -31.74
N VAL A 205 -20.96 23.06 -32.79
CA VAL A 205 -21.60 24.37 -32.86
C VAL A 205 -22.53 24.57 -31.67
N GLU A 206 -23.27 23.52 -31.30
CA GLU A 206 -24.18 23.62 -30.16
C GLU A 206 -23.43 23.94 -28.88
N HIS A 207 -22.28 23.30 -28.65
CA HIS A 207 -21.56 23.50 -27.40
C HIS A 207 -20.94 24.90 -27.33
N THR A 208 -20.42 25.41 -28.46
CA THR A 208 -19.77 26.71 -28.45
C THR A 208 -20.73 27.84 -28.13
N ARG A 209 -22.02 27.66 -28.39
CA ARG A 209 -23.01 28.63 -27.94
C ARG A 209 -23.00 28.78 -26.43
N LYS A 210 -22.82 27.66 -25.72
CA LYS A 210 -22.98 27.63 -24.28
C LYS A 210 -21.99 28.58 -23.61
N ALA A 211 -22.53 29.59 -22.92
CA ALA A 211 -21.70 30.52 -22.18
C ALA A 211 -21.18 29.86 -20.90
N LEU A 212 -19.94 30.17 -20.55
CA LEU A 212 -19.34 29.65 -19.33
C LEU A 212 -18.89 30.81 -18.47
N PRO A 213 -19.46 30.99 -17.27
CA PRO A 213 -19.37 32.28 -16.58
C PRO A 213 -17.94 32.71 -16.32
N ALA A 214 -17.71 34.02 -16.45
CA ALA A 214 -16.44 34.60 -16.05
C ALA A 214 -16.21 34.49 -14.54
N SER A 215 -17.26 34.24 -13.78
CA SER A 215 -17.16 34.04 -12.34
C SER A 215 -16.73 32.62 -11.98
N MET A 216 -16.38 31.78 -12.96
CA MET A 216 -16.06 30.39 -12.68
C MET A 216 -14.63 30.27 -12.14
N THR A 217 -14.48 29.45 -11.10
CA THR A 217 -13.19 29.17 -10.48
C THR A 217 -13.13 27.68 -10.17
N PHE A 218 -11.94 27.10 -10.33
CA PHE A 218 -11.73 25.67 -10.22
C PHE A 218 -10.98 25.35 -8.94
N ARG A 219 -11.53 24.44 -8.14
CA ARG A 219 -10.92 24.13 -6.85
C ARG A 219 -9.83 23.06 -6.95
N SER A 220 -10.03 22.04 -7.81
CA SER A 220 -9.07 20.97 -7.99
C SER A 220 -8.64 20.91 -9.45
N PHE A 221 -7.39 20.50 -9.71
CA PHE A 221 -6.93 20.43 -11.09
C PHE A 221 -7.71 19.40 -11.91
N ASN A 222 -8.09 18.28 -11.32
CA ASN A 222 -8.97 17.33 -12.01
C ASN A 222 -10.26 18.01 -12.40
N GLU A 223 -10.63 19.01 -11.61
CA GLU A 223 -11.97 19.54 -11.63
C GLU A 223 -12.06 20.35 -12.92
N TYR A 224 -10.96 21.10 -13.17
CA TYR A 224 -10.69 21.81 -14.42
C TYR A 224 -10.53 20.86 -15.60
N ILE A 225 -9.90 19.71 -15.36
CA ILE A 225 -9.70 18.74 -16.43
C ILE A 225 -11.06 18.27 -16.95
N ASP A 226 -11.96 17.92 -16.03
CA ASP A 226 -13.31 17.54 -16.43
C ASP A 226 -13.99 18.65 -17.21
N TYR A 227 -13.75 19.90 -16.82
CA TYR A 227 -14.29 21.02 -17.58
C TYR A 227 -13.59 21.16 -18.92
N ARG A 228 -12.26 21.23 -18.90
CA ARG A 228 -11.48 21.46 -20.12
C ARG A 228 -11.69 20.36 -21.16
N ILE A 229 -11.86 19.12 -20.70
CA ILE A 229 -12.19 18.01 -21.59
C ILE A 229 -13.48 18.29 -22.34
N GLY A 230 -14.38 19.08 -21.76
CA GLY A 230 -15.64 19.38 -22.43
C GLY A 230 -15.47 20.18 -23.71
N ASP A 231 -14.52 21.11 -23.74
CA ASP A 231 -14.26 21.88 -24.99
C ASP A 231 -13.54 21.00 -26.03
N PHE A 232 -13.54 19.68 -25.84
CA PHE A 232 -12.83 18.72 -26.75
C PHE A 232 -13.35 18.65 -28.19
N ALA A 233 -14.66 18.76 -28.45
CA ALA A 233 -15.20 18.45 -29.80
C ALA A 233 -14.87 17.00 -30.13
N VAL A 234 -15.02 16.12 -29.14
CA VAL A 234 -14.68 14.67 -29.27
C VAL A 234 -15.53 13.98 -30.35
N ASP A 235 -16.81 14.30 -30.45
CA ASP A 235 -17.68 13.55 -31.39
C ASP A 235 -17.14 13.72 -32.82
N PHE A 236 -16.71 14.93 -33.17
CA PHE A 236 -16.09 15.14 -34.50
C PHE A 236 -14.74 14.42 -34.54
N CYS A 237 -13.95 14.54 -33.47
CA CYS A 237 -12.60 13.97 -33.50
C CYS A 237 -12.65 12.46 -33.61
N ASP A 238 -13.53 11.83 -32.83
CA ASP A 238 -13.70 10.38 -32.93
C ASP A 238 -14.16 9.98 -34.33
N ALA A 239 -15.12 10.72 -34.90
CA ALA A 239 -15.55 10.43 -36.27
C ALA A 239 -14.44 10.66 -37.27
N ALA A 240 -13.58 11.65 -37.02
CA ALA A 240 -12.46 11.91 -37.92
C ALA A 240 -11.48 10.75 -37.93
N ILE A 241 -11.22 10.15 -36.77
CA ILE A 241 -10.38 8.95 -36.72
C ILE A 241 -11.01 7.83 -37.53
N LEU A 242 -12.30 7.57 -37.29
CA LEU A 242 -13.01 6.53 -38.04
C LEU A 242 -12.90 6.79 -39.53
N LEU A 243 -13.17 8.02 -39.96
CA LEU A 243 -13.12 8.38 -41.37
C LEU A 243 -11.72 8.16 -41.95
N THR A 244 -10.70 8.79 -41.34
CA THR A 244 -9.35 8.73 -41.90
C THR A 244 -8.80 7.31 -41.85
N CYS A 245 -9.05 6.59 -40.77
CA CYS A 245 -8.57 5.21 -40.71
C CYS A 245 -9.42 4.24 -41.51
N GLU A 246 -10.53 4.70 -42.08
CA GLU A 246 -11.40 3.85 -42.89
C GLU A 246 -11.83 2.61 -42.12
N ILE A 247 -12.36 2.84 -40.92
CA ILE A 247 -12.87 1.80 -40.03
C ILE A 247 -14.18 2.28 -39.45
N PHE A 248 -14.95 1.33 -38.90
CA PHE A 248 -16.20 1.69 -38.25
C PHE A 248 -16.30 1.01 -36.89
N LEU A 249 -16.78 1.78 -35.91
CA LEU A 249 -17.01 1.28 -34.57
C LEU A 249 -18.38 1.76 -34.09
N THR A 250 -19.22 0.84 -33.63
CA THR A 250 -20.42 1.25 -32.93
C THR A 250 -20.03 1.88 -31.60
N PRO A 251 -20.95 2.63 -30.98
CA PRO A 251 -20.65 3.17 -29.64
C PRO A 251 -20.33 2.09 -28.60
N ALA A 252 -20.94 0.90 -28.71
CA ALA A 252 -20.61 -0.18 -27.79
C ALA A 252 -19.18 -0.67 -28.00
N ASP A 253 -18.69 -0.65 -29.24
CA ASP A 253 -17.29 -1.00 -29.47
C ASP A 253 -16.34 -0.05 -28.76
N MET A 254 -16.78 1.19 -28.51
CA MET A 254 -15.94 2.20 -27.90
C MET A 254 -15.83 2.04 -26.39
N GLU A 255 -16.77 1.34 -25.77
CA GLU A 255 -16.80 1.25 -24.31
C GLU A 255 -15.50 0.71 -23.70
N PRO A 256 -14.88 -0.36 -24.21
CA PRO A 256 -13.61 -0.80 -23.62
C PRO A 256 -12.52 0.26 -23.67
N LEU A 257 -12.55 1.15 -24.67
CA LEU A 257 -11.52 2.16 -24.84
C LEU A 257 -11.83 3.45 -24.08
N ARG A 258 -12.75 3.40 -23.12
CA ARG A 258 -13.13 4.63 -22.43
C ARG A 258 -11.94 5.25 -21.68
N LYS A 259 -11.21 4.42 -20.92
CA LYS A 259 -10.06 4.95 -20.18
C LYS A 259 -9.02 5.58 -21.12
N LEU A 260 -8.62 4.86 -22.17
CA LEU A 260 -7.68 5.42 -23.14
C LEU A 260 -8.24 6.67 -23.79
N HIS A 261 -9.55 6.68 -24.04
CA HIS A 261 -10.18 7.83 -24.67
C HIS A 261 -10.05 9.07 -23.79
N ARG A 262 -10.28 8.92 -22.49
CA ARG A 262 -10.15 10.04 -21.56
C ARG A 262 -8.71 10.54 -21.47
N LEU A 263 -7.74 9.62 -21.41
CA LEU A 263 -6.34 10.03 -21.44
C LEU A 263 -6.02 10.83 -22.69
N TYR A 264 -6.53 10.37 -23.85
CA TYR A 264 -6.26 11.04 -25.11
C TYR A 264 -6.87 12.44 -25.14
N MET A 265 -8.13 12.58 -24.70
CA MET A 265 -8.72 13.91 -24.62
C MET A 265 -7.95 14.81 -23.66
N THR A 266 -7.53 14.26 -22.51
CA THR A 266 -6.78 15.05 -21.54
C THR A 266 -5.46 15.53 -22.11
N HIS A 267 -4.68 14.61 -22.69
CA HIS A 267 -3.41 14.99 -23.29
C HIS A 267 -3.61 16.03 -24.39
N PHE A 268 -4.63 15.85 -25.22
CA PHE A 268 -4.89 16.80 -26.30
C PHE A 268 -5.20 18.19 -25.75
N SER A 269 -6.18 18.27 -24.84
CA SER A 269 -6.58 19.57 -24.30
C SER A 269 -5.44 20.24 -23.55
N LEU A 270 -4.78 19.49 -22.66
CA LEU A 270 -3.69 20.08 -21.87
C LEU A 270 -2.54 20.51 -22.76
N THR A 271 -2.23 19.71 -23.80
CA THR A 271 -1.21 20.13 -24.76
C THR A 271 -1.60 21.44 -25.43
N ASN A 272 -2.87 21.55 -25.85
CA ASN A 272 -3.34 22.75 -26.50
C ASN A 272 -3.20 23.97 -25.60
N ASP A 273 -3.57 23.83 -24.31
CA ASP A 273 -3.40 24.92 -23.35
C ASP A 273 -1.95 25.34 -23.23
N LEU A 274 -1.04 24.37 -23.07
CA LEU A 274 0.36 24.68 -22.87
C LEU A 274 0.92 25.52 -24.00
N TYR A 275 0.71 25.09 -25.25
CA TYR A 275 1.26 25.82 -26.39
C TYR A 275 0.50 27.12 -26.65
N SER A 276 -0.79 27.16 -26.33
CA SER A 276 -1.60 28.35 -26.59
C SER A 276 -1.50 29.40 -25.48
N PHE A 277 -0.88 29.08 -24.34
CA PHE A 277 -0.94 29.97 -23.18
C PHE A 277 -0.46 31.37 -23.52
N ASN A 278 0.75 31.47 -24.08
CA ASN A 278 1.33 32.79 -24.34
C ASN A 278 0.45 33.61 -25.27
N LYS A 279 -0.14 32.97 -26.29
CA LYS A 279 -0.99 33.69 -27.22
C LYS A 279 -2.24 34.20 -26.53
N GLU A 280 -2.76 33.44 -25.57
CA GLU A 280 -3.91 33.91 -24.80
C GLU A 280 -3.54 35.11 -23.94
N VAL A 281 -2.35 35.09 -23.33
CA VAL A 281 -1.92 36.20 -22.48
C VAL A 281 -1.82 37.49 -23.29
N VAL A 282 -1.29 37.39 -24.52
CA VAL A 282 -1.27 38.55 -25.41
C VAL A 282 -2.69 39.05 -25.65
N ALA A 283 -3.59 38.15 -26.05
CA ALA A 283 -5.00 38.52 -26.24
C ALA A 283 -5.64 39.00 -24.96
N GLU A 284 -5.21 38.47 -23.81
CA GLU A 284 -5.81 38.88 -22.53
C GLU A 284 -5.50 40.34 -22.21
N GLN A 285 -4.25 40.76 -22.44
CA GLN A 285 -3.87 42.14 -22.15
C GLN A 285 -4.51 43.11 -23.15
N GLU A 286 -4.65 42.70 -24.41
CA GLU A 286 -5.17 43.57 -25.46
C GLU A 286 -6.67 43.78 -25.31
N THR A 287 -7.45 42.72 -25.48
CA THR A 287 -8.90 42.78 -25.50
C THR A 287 -9.51 42.54 -24.13
N GLY A 288 -8.70 42.40 -23.08
CA GLY A 288 -9.26 42.05 -21.79
C GLY A 288 -9.83 40.66 -21.74
N SER A 289 -9.44 39.80 -22.68
CA SER A 289 -9.98 38.45 -22.76
C SER A 289 -9.49 37.60 -21.61
N ALA A 290 -10.34 36.69 -21.16
CA ALA A 290 -9.94 35.78 -20.09
C ALA A 290 -9.02 34.67 -20.57
N VAL A 291 -8.16 34.22 -19.68
CA VAL A 291 -7.42 32.97 -19.78
C VAL A 291 -8.00 31.93 -18.83
N ILE A 292 -8.46 30.86 -19.46
CA ILE A 292 -9.00 29.65 -18.90
C ILE A 292 -7.95 28.54 -19.02
N ASN A 293 -6.71 28.94 -19.26
CA ASN A 293 -5.63 28.00 -19.52
C ASN A 293 -5.25 27.23 -18.27
N ALA A 294 -4.85 25.97 -18.47
CA ALA A 294 -4.41 25.13 -17.34
C ALA A 294 -3.19 25.71 -16.65
N VAL A 295 -2.34 26.44 -17.39
CA VAL A 295 -1.21 27.13 -16.77
C VAL A 295 -1.70 28.05 -15.67
N ARG A 296 -2.68 28.91 -15.98
CA ARG A 296 -3.21 29.80 -14.96
C ARG A 296 -3.81 29.02 -13.81
N VAL A 297 -4.60 27.98 -14.12
CA VAL A 297 -5.15 27.13 -13.07
C VAL A 297 -4.04 26.58 -12.19
N LEU A 298 -3.01 25.98 -12.80
CA LEU A 298 -1.93 25.39 -12.02
C LEU A 298 -1.19 26.44 -11.20
N GLU A 299 -0.91 27.61 -11.78
CA GLU A 299 -0.25 28.68 -11.06
C GLU A 299 -1.01 29.02 -9.76
N GLN A 300 -2.33 29.14 -9.84
CA GLN A 300 -3.10 29.51 -8.64
C GLN A 300 -3.19 28.35 -7.65
N LEU A 301 -3.57 27.16 -8.13
CA LEU A 301 -3.74 26.03 -7.21
C LEU A 301 -2.45 25.69 -6.47
N VAL A 302 -1.33 25.56 -7.20
CA VAL A 302 -0.07 25.20 -6.56
C VAL A 302 0.71 26.40 -6.04
N ASP A 303 0.29 27.61 -6.37
CA ASP A 303 0.92 28.86 -5.93
C ASP A 303 2.42 28.89 -6.27
N THR A 304 2.68 28.97 -7.56
CA THR A 304 4.03 29.03 -8.08
C THR A 304 4.07 30.10 -9.17
N SER A 305 5.28 30.32 -9.70
CA SER A 305 5.45 31.25 -10.81
C SER A 305 4.78 30.71 -12.08
N THR A 306 4.56 31.62 -13.03
CA THR A 306 4.01 31.21 -14.32
C THR A 306 4.93 30.21 -15.01
N ARG A 307 6.23 30.49 -15.03
CA ARG A 307 7.18 29.58 -15.68
C ARG A 307 7.15 28.19 -15.04
N SER A 308 7.11 28.13 -13.70
CA SER A 308 7.02 26.84 -13.03
C SER A 308 5.72 26.12 -13.36
N ALA A 309 4.62 26.87 -13.46
CA ALA A 309 3.34 26.25 -13.81
C ALA A 309 3.40 25.59 -15.18
N LYS A 310 4.04 26.27 -16.14
CA LYS A 310 4.24 25.65 -17.45
C LYS A 310 5.08 24.39 -17.34
N VAL A 311 6.15 24.43 -16.53
CA VAL A 311 6.97 23.23 -16.34
C VAL A 311 6.15 22.12 -15.71
N LEU A 312 5.33 22.49 -14.72
CA LEU A 312 4.47 21.49 -14.09
C LEU A 312 3.50 20.90 -15.10
N LEU A 313 2.92 21.74 -15.98
CA LEU A 313 1.99 21.24 -16.99
C LEU A 313 2.69 20.30 -17.96
N ARG A 314 3.88 20.68 -18.44
CA ARG A 314 4.66 19.79 -19.30
C ARG A 314 4.92 18.45 -18.63
N ALA A 315 5.31 18.48 -17.35
CA ALA A 315 5.56 17.24 -16.62
C ALA A 315 4.29 16.42 -16.46
N PHE A 316 3.15 17.10 -16.22
CA PHE A 316 1.88 16.41 -16.17
C PHE A 316 1.63 15.65 -17.46
N LEU A 317 1.94 16.27 -18.60
CA LEU A 317 1.76 15.61 -19.90
C LEU A 317 2.66 14.39 -20.03
N TRP A 318 3.89 14.47 -19.53
CA TRP A 318 4.79 13.33 -19.65
C TRP A 318 4.24 12.12 -18.90
N ASP A 319 3.65 12.33 -17.73
CA ASP A 319 3.03 11.23 -17.02
C ASP A 319 1.78 10.74 -17.73
N LEU A 320 1.03 11.66 -18.34
CA LEU A 320 -0.12 11.24 -19.14
C LEU A 320 0.33 10.35 -20.29
N GLU A 321 1.45 10.67 -20.92
CA GLU A 321 1.95 9.82 -22.00
C GLU A 321 2.29 8.43 -21.47
N LEU A 322 2.86 8.35 -20.27
CA LEU A 322 3.11 7.06 -19.66
C LEU A 322 1.81 6.32 -19.38
N GLN A 323 0.80 7.04 -18.89
CA GLN A 323 -0.50 6.42 -18.63
C GLN A 323 -1.13 5.89 -19.92
N ILE A 324 -0.98 6.63 -21.01
CA ILE A 324 -1.44 6.14 -22.31
C ILE A 324 -0.73 4.85 -22.66
N HIS A 325 0.60 4.82 -22.49
CA HIS A 325 1.37 3.64 -22.83
C HIS A 325 0.95 2.44 -21.98
N ASP A 326 0.75 2.64 -20.67
CA ASP A 326 0.30 1.54 -19.83
C ASP A 326 -1.07 1.03 -20.26
N GLU A 327 -2.00 1.95 -20.54
CA GLU A 327 -3.34 1.55 -20.97
C GLU A 327 -3.29 0.78 -22.28
N LEU A 328 -2.43 1.21 -23.22
CA LEU A 328 -2.25 0.46 -24.45
C LEU A 328 -1.79 -0.97 -24.17
N THR A 329 -0.83 -1.13 -23.26
CA THR A 329 -0.37 -2.45 -22.87
C THR A 329 -1.50 -3.27 -22.24
N ARG A 330 -2.22 -2.66 -21.30
CA ARG A 330 -3.33 -3.36 -20.66
C ARG A 330 -4.38 -3.77 -21.69
N LEU A 331 -4.72 -2.86 -22.61
CA LEU A 331 -5.70 -3.17 -23.64
C LEU A 331 -5.24 -4.32 -24.53
N LYS A 332 -3.94 -4.35 -24.84
CA LYS A 332 -3.37 -5.43 -25.67
C LYS A 332 -3.62 -6.80 -25.06
N GLY A 333 -3.61 -6.89 -23.73
CA GLY A 333 -3.93 -8.17 -23.08
C GLY A 333 -5.35 -8.60 -23.32
N THR A 334 -6.30 -7.67 -23.20
CA THR A 334 -7.70 -7.97 -23.44
C THR A 334 -7.93 -8.34 -24.90
N ASP A 335 -8.99 -9.11 -25.14
CA ASP A 335 -9.36 -9.48 -26.50
C ASP A 335 -9.97 -8.26 -27.18
N LEU A 336 -9.27 -7.71 -28.16
CA LEU A 336 -9.65 -6.48 -28.84
C LEU A 336 -9.81 -6.74 -30.33
N THR A 337 -10.81 -6.11 -30.93
CA THR A 337 -11.03 -6.22 -32.36
C THR A 337 -9.92 -5.49 -33.13
N PRO A 338 -9.57 -5.97 -34.33
CA PRO A 338 -8.61 -5.21 -35.16
C PRO A 338 -9.01 -3.77 -35.38
N SER A 339 -10.28 -3.51 -35.66
CA SER A 339 -10.76 -2.14 -35.81
C SER A 339 -10.71 -1.39 -34.48
N GLN A 340 -11.04 -2.07 -33.39
CA GLN A 340 -10.90 -1.46 -32.07
C GLN A 340 -9.46 -1.04 -31.80
N TRP A 341 -8.50 -1.91 -32.13
CA TRP A 341 -7.10 -1.58 -31.90
C TRP A 341 -6.63 -0.46 -32.82
N ARG A 342 -7.12 -0.45 -34.06
CA ARG A 342 -6.78 0.63 -34.98
C ARG A 342 -7.28 1.98 -34.45
N PHE A 343 -8.47 2.01 -33.84
CA PHE A 343 -8.95 3.23 -33.22
C PHE A 343 -8.09 3.63 -32.04
N ALA A 344 -7.69 2.66 -31.22
CA ALA A 344 -6.79 2.93 -30.11
C ALA A 344 -5.51 3.61 -30.61
N ARG A 345 -4.92 3.06 -31.67
CA ARG A 345 -3.67 3.63 -32.21
C ARG A 345 -3.92 4.98 -32.85
N GLY A 346 -5.10 5.18 -33.44
CA GLY A 346 -5.40 6.47 -34.03
C GLY A 346 -5.37 7.59 -32.99
N MET A 347 -5.87 7.30 -31.78
CA MET A 347 -5.83 8.29 -30.71
C MET A 347 -4.40 8.68 -30.37
N VAL A 348 -3.48 7.70 -30.33
CA VAL A 348 -2.08 8.03 -30.15
C VAL A 348 -1.59 8.95 -31.25
N GLU A 349 -1.99 8.68 -32.50
CA GLU A 349 -1.58 9.52 -33.61
C GLU A 349 -2.14 10.93 -33.52
N VAL A 350 -3.33 11.10 -32.94
CA VAL A 350 -3.86 12.44 -32.74
C VAL A 350 -3.01 13.20 -31.74
N CYS A 351 -2.65 12.56 -30.63
CA CYS A 351 -1.85 13.24 -29.61
C CYS A 351 -0.50 13.67 -30.16
N ALA A 352 0.23 12.75 -30.80
CA ALA A 352 1.53 13.08 -31.37
C ALA A 352 1.41 14.19 -32.41
N GLY A 353 0.43 14.07 -33.32
CA GLY A 353 0.25 15.09 -34.33
C GLY A 353 -0.15 16.43 -33.76
N ASN A 354 -0.92 16.42 -32.66
CA ASN A 354 -1.27 17.66 -31.99
C ASN A 354 -0.02 18.36 -31.45
N ILE A 355 0.87 17.61 -30.81
CA ILE A 355 2.13 18.20 -30.34
C ILE A 355 2.88 18.83 -31.51
N PHE A 356 3.04 18.08 -32.60
CA PHE A 356 3.77 18.61 -33.74
C PHE A 356 3.09 19.86 -34.29
N TYR A 357 1.77 19.79 -34.52
CA TYR A 357 1.02 20.94 -35.02
C TYR A 357 1.22 22.16 -34.12
N SER A 358 1.06 21.99 -32.81
CA SER A 358 1.20 23.11 -31.87
C SER A 358 2.62 23.68 -31.89
N ALA A 359 3.62 22.82 -31.95
CA ALA A 359 5.00 23.30 -32.02
C ALA A 359 5.27 24.06 -33.31
N THR A 360 4.64 23.65 -34.40
CA THR A 360 4.80 24.22 -35.72
C THR A 360 3.86 25.41 -35.98
N CYS A 361 2.92 25.67 -35.09
CA CYS A 361 1.92 26.72 -35.27
C CYS A 361 2.45 28.11 -34.98
N LEU A 362 2.27 29.04 -35.92
CA LEU A 362 2.74 30.41 -35.75
C LEU A 362 1.91 31.18 -34.74
N ARG A 363 0.59 30.94 -34.70
CA ARG A 363 -0.24 31.69 -33.77
C ARG A 363 0.25 31.50 -32.34
N TYR A 364 0.66 30.28 -32.00
CA TYR A 364 1.26 30.05 -30.69
C TYR A 364 2.71 30.53 -30.65
N ALA A 365 3.51 30.22 -31.68
CA ALA A 365 4.93 30.58 -31.73
C ALA A 365 5.13 32.03 -32.15
N LYS A 366 5.75 32.84 -31.29
CA LYS A 366 6.06 34.24 -31.58
C LYS A 366 4.80 34.97 -32.04
N PRO A 367 3.99 35.50 -31.13
CA PRO A 367 2.70 36.07 -31.56
C PRO A 367 2.85 37.52 -32.01
N MET B 1 38.99 7.09 -6.88
CA MET B 1 37.60 7.51 -6.66
C MET B 1 36.89 6.56 -5.71
N ARG B 2 36.04 7.10 -4.85
CA ARG B 2 35.44 6.29 -3.80
C ARG B 2 34.52 5.24 -4.40
N PRO B 3 34.64 3.97 -4.01
CA PRO B 3 33.68 2.97 -4.48
C PRO B 3 32.26 3.36 -4.10
N ILE B 4 31.31 2.95 -4.94
CA ILE B 4 29.90 3.28 -4.76
C ILE B 4 29.20 2.02 -4.29
N THR B 5 28.39 2.16 -3.23
CA THR B 5 27.70 1.00 -2.67
C THR B 5 26.51 0.62 -3.54
N CYS B 6 25.69 1.60 -3.91
CA CYS B 6 24.46 1.38 -4.67
C CYS B 6 24.23 2.59 -5.55
N SER B 7 23.29 2.45 -6.48
CA SER B 7 22.90 3.56 -7.35
C SER B 7 21.43 3.42 -7.70
N PHE B 8 20.67 4.52 -7.57
CA PHE B 8 19.24 4.45 -7.86
C PHE B 8 18.71 5.83 -8.24
N ASP B 9 17.56 5.80 -8.92
CA ASP B 9 16.82 7.00 -9.30
C ASP B 9 15.35 6.81 -8.94
N PRO B 10 14.77 7.63 -8.06
CA PRO B 10 13.35 7.44 -7.72
C PRO B 10 12.41 7.54 -8.91
N VAL B 11 12.51 8.60 -9.71
CA VAL B 11 11.76 8.75 -10.95
C VAL B 11 12.77 8.55 -12.08
N GLY B 12 12.63 7.48 -12.83
CA GLY B 12 13.67 7.19 -13.81
C GLY B 12 13.71 7.94 -15.13
N ILE B 13 13.04 9.10 -15.25
CA ILE B 13 13.09 9.80 -16.53
C ILE B 13 14.41 10.53 -16.66
N SER B 14 14.95 10.54 -17.87
CA SER B 14 16.24 11.16 -18.18
C SER B 14 16.03 12.53 -18.81
N PHE B 15 17.08 13.35 -18.74
CA PHE B 15 16.98 14.73 -19.29
C PHE B 15 17.59 14.81 -20.68
N GLN B 16 16.87 15.43 -21.62
CA GLN B 16 17.40 15.67 -22.98
C GLN B 16 17.42 17.19 -23.13
N THR B 17 18.50 17.79 -23.62
CA THR B 17 18.51 19.28 -23.62
C THR B 17 18.23 19.85 -25.01
N GLU B 18 17.14 20.60 -25.15
CA GLU B 18 16.86 21.33 -26.41
C GLU B 18 17.94 22.38 -26.65
N SER B 19 18.37 23.08 -25.59
CA SER B 19 19.35 24.18 -25.73
C SER B 19 20.63 23.83 -24.96
N LYS B 20 21.78 23.97 -25.62
CA LYS B 20 23.07 23.60 -24.98
C LYS B 20 23.39 24.52 -23.80
N GLN B 21 24.07 24.00 -22.77
CA GLN B 21 24.49 24.86 -21.63
C GLN B 21 25.98 25.20 -21.77
N GLU B 22 26.31 26.40 -22.27
CA GLU B 22 27.73 26.80 -22.41
C GLU B 22 28.38 26.86 -21.02
N ASN B 23 27.69 27.42 -20.03
CA ASN B 23 28.18 27.34 -18.63
C ASN B 23 27.82 25.93 -18.15
N PHE B 24 28.52 25.39 -17.15
CA PHE B 24 28.34 23.99 -16.66
C PHE B 24 29.20 23.09 -17.53
N GLU B 25 29.83 23.67 -18.55
CA GLU B 25 30.66 22.85 -19.47
C GLU B 25 31.96 22.55 -18.72
N PHE B 26 32.42 23.51 -17.92
CA PHE B 26 33.62 23.25 -17.15
C PHE B 26 33.55 21.92 -16.42
N LEU B 27 32.35 21.48 -16.03
CA LEU B 27 32.24 20.17 -15.40
C LEU B 27 32.70 19.05 -16.33
N ARG B 28 32.21 19.05 -17.57
CA ARG B 28 32.66 18.05 -18.54
C ARG B 28 34.12 18.20 -18.90
N GLU B 29 34.56 19.42 -19.24
CA GLU B 29 35.96 19.57 -19.61
C GLU B 29 36.86 19.01 -18.52
N ALA B 30 36.43 19.11 -17.26
CA ALA B 30 37.24 18.64 -16.14
C ALA B 30 37.41 17.13 -16.15
N ILE B 31 36.54 16.38 -16.84
CA ILE B 31 36.73 14.94 -16.96
C ILE B 31 38.02 14.65 -17.72
N SER B 32 38.21 15.31 -18.85
CA SER B 32 39.34 15.04 -19.73
C SER B 32 40.53 15.96 -19.46
N ARG B 33 40.28 17.22 -19.14
CA ARG B 33 41.33 18.21 -19.02
C ARG B 33 41.23 18.93 -17.68
N SER B 34 42.36 19.46 -17.23
CA SER B 34 42.39 20.21 -15.98
C SER B 34 41.63 21.53 -16.14
N VAL B 35 40.72 21.80 -15.21
CA VAL B 35 39.97 23.05 -15.22
C VAL B 35 40.34 23.81 -13.95
N PRO B 36 40.52 25.14 -14.01
CA PRO B 36 40.84 25.88 -12.80
C PRO B 36 39.74 25.78 -11.76
N GLY B 37 40.14 25.56 -10.51
CA GLY B 37 39.23 25.38 -9.41
C GLY B 37 38.97 23.94 -9.05
N LEU B 38 39.12 23.03 -10.00
CA LEU B 38 38.86 21.62 -9.78
C LEU B 38 40.14 20.79 -9.63
N GLU B 39 41.27 21.45 -9.33
CA GLU B 39 42.54 20.74 -9.26
C GLU B 39 42.58 19.66 -8.18
N ASN B 40 41.73 19.73 -7.15
CA ASN B 40 41.81 18.76 -6.07
C ASN B 40 40.76 17.66 -6.16
N CYS B 41 39.99 17.61 -7.24
CA CYS B 41 38.93 16.62 -7.37
C CYS B 41 39.05 15.94 -8.73
N ASN B 42 38.72 14.66 -8.83
CA ASN B 42 38.39 14.11 -10.14
C ASN B 42 36.90 14.08 -10.42
N VAL B 43 36.61 14.61 -11.58
CA VAL B 43 35.33 14.89 -12.18
C VAL B 43 35.02 13.80 -13.19
N PHE B 44 33.80 13.30 -13.14
CA PHE B 44 33.40 12.14 -13.90
C PHE B 44 31.96 12.31 -14.36
N ASP B 45 31.55 11.43 -15.26
CA ASP B 45 30.16 11.31 -15.66
C ASP B 45 29.58 10.13 -14.91
N PRO B 46 28.63 10.34 -13.99
CA PRO B 46 28.16 9.21 -13.17
C PRO B 46 27.59 8.06 -13.98
N ARG B 47 27.12 8.33 -15.20
CA ARG B 47 26.57 7.26 -16.02
C ARG B 47 27.62 6.22 -16.38
N SER B 48 28.86 6.65 -16.62
CA SER B 48 29.93 5.71 -16.91
C SER B 48 30.16 4.74 -15.76
N LEU B 49 29.88 5.16 -14.52
CA LEU B 49 29.94 4.27 -13.38
C LEU B 49 28.67 3.46 -13.19
N GLY B 50 27.71 3.55 -14.12
CA GLY B 50 26.45 2.87 -13.98
C GLY B 50 25.45 3.54 -13.06
N VAL B 51 25.69 4.80 -12.68
CA VAL B 51 24.77 5.53 -11.81
C VAL B 51 23.77 6.31 -12.66
N PRO B 52 22.47 6.23 -12.36
CA PRO B 52 21.49 7.06 -13.07
C PRO B 52 21.80 8.53 -12.85
N TRP B 53 21.84 9.29 -13.95
CA TRP B 53 22.26 10.69 -13.93
C TRP B 53 21.21 11.57 -14.59
N PRO B 54 20.07 11.77 -13.92
CA PRO B 54 18.97 12.55 -14.53
C PRO B 54 19.13 14.06 -14.33
N THR B 55 20.19 14.61 -14.93
CA THR B 55 20.54 16.00 -14.69
C THR B 55 20.97 16.68 -15.98
N SER B 56 20.74 18.00 -16.03
CA SER B 56 21.39 18.81 -17.03
C SER B 56 22.87 19.01 -16.73
N PHE B 57 23.30 18.83 -15.47
CA PHE B 57 24.72 18.94 -15.13
C PHE B 57 25.50 17.88 -15.89
N PRO B 58 26.50 18.26 -16.70
CA PRO B 58 27.18 17.25 -17.52
C PRO B 58 28.05 16.31 -16.73
N ALA B 59 28.58 16.73 -15.57
CA ALA B 59 29.51 15.89 -14.81
C ALA B 59 29.28 16.09 -13.32
N ALA B 60 29.92 15.22 -12.53
CA ALA B 60 29.98 15.33 -11.09
C ALA B 60 31.43 15.29 -10.62
N ALA B 61 31.74 16.04 -9.56
CA ALA B 61 33.09 16.17 -9.05
C ALA B 61 33.18 15.65 -7.62
N GLN B 62 34.22 14.88 -7.34
CA GLN B 62 34.47 14.30 -6.02
C GLN B 62 35.91 14.59 -5.62
N SER B 63 36.11 14.95 -4.35
CA SER B 63 37.45 15.25 -3.87
C SER B 63 38.35 14.02 -3.98
N LYS B 64 39.59 14.22 -4.42
CA LYS B 64 40.52 13.11 -4.55
C LYS B 64 41.07 12.63 -3.22
N TYR B 65 40.87 13.38 -2.15
CA TYR B 65 41.42 13.05 -0.83
C TYR B 65 40.36 12.44 0.08
N TRP B 66 39.46 11.64 -0.50
CA TRP B 66 38.44 10.98 0.30
C TRP B 66 39.03 9.96 1.25
N LYS B 67 40.16 9.34 0.89
CA LYS B 67 40.77 8.36 1.78
C LYS B 67 41.26 9.02 3.06
N ASP B 68 41.83 10.23 2.96
CA ASP B 68 42.19 10.99 4.14
C ASP B 68 40.96 11.32 4.98
N ALA B 69 39.86 11.66 4.31
CA ALA B 69 38.63 11.96 5.04
C ALA B 69 38.11 10.73 5.78
N GLU B 70 38.27 9.55 5.19
CA GLU B 70 37.88 8.32 5.89
C GLU B 70 38.73 8.12 7.14
N GLU B 71 40.03 8.41 7.05
CA GLU B 71 40.90 8.24 8.21
C GLU B 71 40.51 9.21 9.33
N ALA B 72 40.27 10.48 8.98
CA ALA B 72 39.90 11.47 9.99
C ALA B 72 38.59 11.10 10.66
N ALA B 73 37.58 10.70 9.86
CA ALA B 73 36.29 10.33 10.42
C ALA B 73 36.41 9.14 11.38
N ALA B 74 37.19 8.12 10.99
CA ALA B 74 37.41 7.00 11.90
C ALA B 74 38.13 7.46 13.16
N GLU B 75 39.13 8.32 13.00
CA GLU B 75 39.88 8.86 14.13
C GLU B 75 38.95 9.55 15.13
N LEU B 76 38.16 10.51 14.64
CA LEU B 76 37.22 11.23 15.51
C LEU B 76 36.24 10.28 16.19
N MET B 77 35.67 9.34 15.42
CA MET B 77 34.72 8.38 15.99
C MET B 77 35.33 7.60 17.15
N ASP B 78 36.59 7.18 17.02
CA ASP B 78 37.22 6.41 18.10
C ASP B 78 37.33 7.23 19.38
N GLN B 79 37.70 8.51 19.26
CA GLN B 79 37.68 9.40 20.42
C GLN B 79 36.27 9.52 20.98
N ILE B 80 35.27 9.67 20.10
CA ILE B 80 33.91 9.94 20.56
C ILE B 80 33.36 8.77 21.37
N VAL B 81 33.49 7.55 20.85
CA VAL B 81 32.97 6.39 21.59
C VAL B 81 33.84 6.03 22.79
N ALA B 82 34.96 6.72 22.99
CA ALA B 82 35.84 6.46 24.12
C ALA B 82 35.58 7.41 25.29
N LYS B 101 23.42 -0.88 16.13
CA LYS B 101 24.46 -1.88 16.33
C LYS B 101 25.76 -1.35 15.73
N ALA B 102 26.74 -2.25 15.51
CA ALA B 102 27.99 -1.82 14.90
C ALA B 102 27.85 -1.45 13.42
N ALA B 103 26.88 -2.01 12.70
CA ALA B 103 26.67 -1.60 11.31
C ALA B 103 26.26 -0.14 11.25
N LYS B 104 25.51 0.32 12.26
CA LYS B 104 25.13 1.72 12.35
C LYS B 104 26.36 2.62 12.30
N ARG B 105 27.39 2.26 13.08
CA ARG B 105 28.64 3.03 13.05
C ARG B 105 29.25 3.03 11.64
N ARG B 106 29.32 1.85 11.00
CA ARG B 106 29.86 1.78 9.65
C ARG B 106 29.04 2.66 8.70
N GLU B 107 27.71 2.65 8.83
CA GLU B 107 26.89 3.49 7.97
C GLU B 107 27.14 4.94 8.30
N LEU B 108 27.28 5.25 9.59
CA LEU B 108 27.53 6.61 10.02
C LEU B 108 28.82 7.14 9.39
N LEU B 109 29.88 6.34 9.45
CA LEU B 109 31.15 6.74 8.86
C LEU B 109 31.07 6.87 7.35
N ASP B 110 30.35 5.96 6.68
CA ASP B 110 30.23 6.02 5.23
C ASP B 110 29.59 7.31 4.78
N THR B 111 28.42 7.65 5.33
CA THR B 111 27.75 8.89 4.91
C THR B 111 28.53 10.12 5.33
N SER B 112 29.19 10.07 6.48
CA SER B 112 29.98 11.21 6.93
C SER B 112 31.11 11.54 5.96
N VAL B 113 31.58 10.56 5.19
CA VAL B 113 32.59 10.83 4.17
C VAL B 113 31.95 11.15 2.83
N SER B 114 30.88 10.43 2.47
CA SER B 114 30.28 10.58 1.15
C SER B 114 29.72 11.99 0.94
N ALA B 115 29.01 12.52 1.93
CA ALA B 115 28.39 13.85 1.78
C ALA B 115 29.43 14.94 1.51
N PRO B 116 30.38 15.24 2.40
CA PRO B 116 31.27 16.38 2.14
C PRO B 116 32.20 16.16 0.96
N MET B 117 32.69 14.93 0.74
CA MET B 117 33.57 14.67 -0.38
C MET B 117 32.90 14.99 -1.72
N ASN B 118 31.63 14.62 -1.87
CA ASN B 118 30.89 14.92 -3.09
C ASN B 118 30.36 16.36 -3.12
N MET B 119 29.77 16.82 -2.02
CA MET B 119 29.21 18.16 -2.00
C MET B 119 30.28 19.25 -2.06
N PHE B 120 31.45 19.01 -1.48
CA PHE B 120 32.52 20.01 -1.39
C PHE B 120 33.79 19.41 -1.96
N PRO B 121 33.85 19.23 -3.29
CA PRO B 121 34.93 18.43 -3.88
C PRO B 121 36.28 19.12 -3.95
N ALA B 122 36.35 20.45 -3.86
CA ALA B 122 37.63 21.11 -4.00
C ALA B 122 38.57 20.91 -2.80
N ALA B 123 38.17 20.12 -1.81
CA ALA B 123 38.92 20.01 -0.57
C ALA B 123 40.25 19.28 -0.79
N ASN B 124 41.35 19.89 -0.35
CA ASN B 124 42.63 19.19 -0.29
C ASN B 124 42.64 18.22 0.89
N ALA B 125 43.76 17.52 1.05
CA ALA B 125 43.89 16.55 2.14
C ALA B 125 43.59 17.15 3.50
N PRO B 126 44.21 18.26 3.94
CA PRO B 126 43.83 18.84 5.23
C PRO B 126 42.37 19.25 5.30
N ARG B 127 41.87 20.01 4.31
CA ARG B 127 40.48 20.45 4.34
C ARG B 127 39.52 19.25 4.27
N ALA B 128 39.91 18.18 3.56
CA ALA B 128 39.06 16.98 3.52
C ALA B 128 38.89 16.36 4.88
N ARG B 129 39.96 16.35 5.70
CA ARG B 129 39.86 15.78 7.04
C ARG B 129 38.88 16.56 7.90
N ILE B 130 38.97 17.89 7.85
CA ILE B 130 38.07 18.74 8.63
C ILE B 130 36.62 18.51 8.22
N MET B 131 36.35 18.44 6.92
CA MET B 131 34.98 18.24 6.46
C MET B 131 34.41 16.92 6.97
N ALA B 132 35.18 15.85 6.91
CA ALA B 132 34.70 14.56 7.39
C ALA B 132 34.36 14.61 8.88
N LYS B 133 35.23 15.24 9.68
CA LYS B 133 34.95 15.35 11.10
C LYS B 133 33.71 16.22 11.35
N ALA B 134 33.62 17.35 10.65
CA ALA B 134 32.42 18.18 10.78
C ALA B 134 31.18 17.41 10.37
N ALA B 135 31.25 16.71 9.24
CA ALA B 135 30.10 15.92 8.79
C ALA B 135 29.74 14.86 9.81
N LEU B 136 30.74 14.18 10.37
CA LEU B 136 30.46 13.16 11.37
C LEU B 136 29.72 13.75 12.56
N LEU B 137 30.21 14.88 13.07
CA LEU B 137 29.57 15.53 14.21
C LEU B 137 28.12 15.89 13.89
N ILE B 138 27.89 16.52 12.74
CA ILE B 138 26.53 16.89 12.34
C ILE B 138 25.66 15.64 12.19
N PHE B 139 26.19 14.62 11.52
CA PHE B 139 25.39 13.42 11.29
C PHE B 139 25.07 12.68 12.59
N MET B 140 26.01 12.64 13.54
CA MET B 140 25.72 12.01 14.83
C MET B 140 24.64 12.76 15.59
N HIS B 141 24.62 14.09 15.45
CA HIS B 141 23.57 14.90 16.13
C HIS B 141 22.21 14.58 15.50
N ASP B 142 22.15 14.50 14.17
CA ASP B 142 20.86 14.26 13.47
C ASP B 142 20.28 12.89 13.86
N ASP B 143 21.14 11.88 13.98
CA ASP B 143 20.68 10.52 14.37
C ASP B 143 20.09 10.59 15.79
N VAL B 144 20.75 11.35 16.67
CA VAL B 144 20.24 11.51 18.07
C VAL B 144 18.88 12.20 18.02
N CYS B 145 18.73 13.20 17.14
CA CYS B 145 17.43 13.90 16.99
C CYS B 145 16.37 12.91 16.50
N GLU B 146 16.74 12.03 15.57
CA GLU B 146 15.79 11.03 15.00
C GLU B 146 14.39 11.64 14.96
N ASP B 171 33.90 13.72 31.99
CA ASP B 171 33.00 13.12 31.01
C ASP B 171 32.52 14.18 30.02
N ILE B 172 31.72 15.13 30.51
CA ILE B 172 31.27 16.24 29.67
C ILE B 172 32.46 17.07 29.22
N LEU B 173 33.33 17.41 30.18
CA LEU B 173 34.52 18.18 29.88
C LEU B 173 35.42 17.45 28.89
N TRP B 174 35.44 16.11 28.96
CA TRP B 174 36.16 15.31 27.98
C TRP B 174 35.57 15.51 26.59
N GLN B 175 34.25 15.30 26.45
CA GLN B 175 33.61 15.47 25.16
C GLN B 175 33.76 16.90 24.65
N ASN B 176 33.65 17.89 25.54
CA ASN B 176 33.93 19.27 25.12
C ASN B 176 35.39 19.43 24.70
N ARG B 177 36.30 18.68 25.34
CA ARG B 177 37.70 18.75 24.94
C ARG B 177 37.91 18.16 23.56
N ILE B 178 37.13 17.14 23.20
CA ILE B 178 37.19 16.59 21.84
C ILE B 178 36.72 17.61 20.81
N PHE B 179 35.62 18.32 21.09
CA PHE B 179 35.16 19.32 20.12
C PHE B 179 36.17 20.45 19.99
N LYS B 180 36.70 20.93 21.11
CA LYS B 180 37.88 21.77 21.02
C LYS B 180 38.99 20.89 20.45
N GLU B 181 39.97 21.52 19.83
CA GLU B 181 41.12 20.90 19.16
C GLU B 181 40.67 20.50 17.76
N PHE B 182 39.44 19.97 17.60
CA PHE B 182 38.89 19.94 16.24
C PHE B 182 38.72 21.37 15.74
N SER B 183 38.19 22.24 16.61
CA SER B 183 38.15 23.66 16.29
C SER B 183 39.56 24.22 16.13
N GLU B 184 40.48 23.85 17.02
CA GLU B 184 41.85 24.35 16.92
C GLU B 184 42.50 23.85 15.63
N GLU B 185 42.36 22.56 15.32
CA GLU B 185 42.85 22.05 14.05
C GLU B 185 42.23 22.82 12.89
N THR B 186 40.93 23.12 12.97
CA THR B 186 40.28 23.87 11.90
C THR B 186 40.83 25.29 11.83
N ASN B 187 40.85 25.99 12.97
CA ASN B 187 41.29 27.37 12.99
C ASN B 187 42.77 27.52 12.66
N ARG B 188 43.57 26.47 12.85
CA ARG B 188 44.98 26.57 12.46
C ARG B 188 45.14 26.28 10.98
N GLU B 189 44.22 25.50 10.40
CA GLU B 189 44.20 25.31 8.96
C GLU B 189 43.77 26.60 8.27
N ASP B 190 42.60 27.12 8.64
CA ASP B 190 42.05 28.34 8.08
C ASP B 190 41.66 29.27 9.21
N PRO B 191 42.53 30.19 9.61
CA PRO B 191 42.15 31.14 10.66
C PRO B 191 41.05 32.09 10.25
N VAL B 192 40.98 32.46 8.96
CA VAL B 192 39.95 33.37 8.49
C VAL B 192 38.59 32.67 8.47
N VAL B 193 38.48 31.56 7.72
CA VAL B 193 37.19 30.93 7.54
C VAL B 193 36.82 29.99 8.68
N GLY B 194 37.80 29.48 9.41
CA GLY B 194 37.57 28.53 10.47
C GLY B 194 36.47 28.91 11.44
N PRO B 195 36.51 30.13 12.00
CA PRO B 195 35.45 30.53 12.95
C PRO B 195 34.04 30.45 12.38
N GLN B 196 33.79 31.02 11.20
CA GLN B 196 32.44 30.93 10.64
C GLN B 196 32.06 29.47 10.38
N PHE B 197 33.03 28.67 9.95
CA PHE B 197 32.79 27.25 9.73
C PHE B 197 32.27 26.59 11.00
N LEU B 198 33.02 26.75 12.10
CA LEU B 198 32.60 26.17 13.38
C LEU B 198 31.33 26.82 13.89
N GLN B 199 31.19 28.13 13.73
CA GLN B 199 29.95 28.79 14.14
C GLN B 199 28.76 28.29 13.35
N GLY B 200 28.96 27.96 12.06
CA GLY B 200 27.88 27.40 11.28
C GLY B 200 27.39 26.06 11.81
N ILE B 201 28.31 25.21 12.28
CA ILE B 201 27.90 23.96 12.90
C ILE B 201 27.03 24.25 14.11
N LEU B 202 27.46 25.19 14.96
CA LEU B 202 26.72 25.51 16.16
C LEU B 202 25.36 26.11 15.80
N ASN B 203 25.33 26.98 14.78
CA ASN B 203 24.05 27.52 14.30
C ASN B 203 23.09 26.43 13.84
N TRP B 204 23.61 25.35 13.24
CA TRP B 204 22.73 24.23 12.88
C TRP B 204 22.07 23.66 14.14
N VAL B 205 22.85 23.47 15.20
CA VAL B 205 22.33 22.86 16.43
C VAL B 205 21.20 23.69 17.02
N GLU B 206 21.32 25.02 16.98
CA GLU B 206 20.22 25.86 17.45
C GLU B 206 18.97 25.66 16.60
N HIS B 207 19.14 25.53 15.28
CA HIS B 207 17.99 25.41 14.40
C HIS B 207 17.26 24.09 14.61
N THR B 208 18.00 23.00 14.82
CA THR B 208 17.36 21.71 15.01
C THR B 208 16.55 21.67 16.29
N ARG B 209 16.64 22.70 17.12
CA ARG B 209 15.69 22.91 18.21
C ARG B 209 14.31 23.28 17.67
N LYS B 210 14.26 24.11 16.64
CA LYS B 210 12.99 24.47 16.00
C LYS B 210 12.32 23.22 15.45
N ALA B 211 11.11 22.96 15.91
CA ALA B 211 10.42 21.70 15.68
C ALA B 211 9.53 21.77 14.44
N LEU B 212 9.09 20.60 14.00
CA LEU B 212 8.47 20.40 12.70
C LEU B 212 6.95 20.24 12.84
N PRO B 213 6.20 20.67 11.82
CA PRO B 213 4.75 20.92 11.98
C PRO B 213 3.90 19.66 11.96
N ALA B 214 4.24 18.71 12.83
CA ALA B 214 3.46 17.48 13.06
C ALA B 214 3.13 16.86 11.70
N SER B 215 1.87 16.57 11.38
CA SER B 215 1.48 16.16 10.04
C SER B 215 1.02 17.39 9.25
N MET B 216 2.00 18.23 8.94
CA MET B 216 1.75 19.50 8.27
C MET B 216 1.07 19.28 6.92
N THR B 217 0.25 20.24 6.53
CA THR B 217 -0.20 20.35 5.15
C THR B 217 0.10 21.76 4.66
N PHE B 218 0.63 21.83 3.45
CA PHE B 218 1.14 23.08 2.88
C PHE B 218 0.18 23.54 1.80
N ARG B 219 -0.26 24.79 1.91
CA ARG B 219 -1.26 25.32 0.98
C ARG B 219 -0.60 25.81 -0.30
N SER B 220 0.60 26.37 -0.20
CA SER B 220 1.33 26.89 -1.36
C SER B 220 2.65 26.15 -1.53
N PHE B 221 2.99 25.85 -2.79
CA PHE B 221 4.29 25.24 -3.06
C PHE B 221 5.41 26.24 -2.80
N ASN B 222 5.20 27.51 -3.14
CA ASN B 222 6.20 28.54 -2.83
C ASN B 222 6.43 28.65 -1.33
N GLU B 223 5.38 28.47 -0.54
CA GLU B 223 5.52 28.51 0.92
C GLU B 223 6.35 27.34 1.43
N TYR B 224 6.11 26.15 0.89
CA TYR B 224 6.89 24.99 1.30
C TYR B 224 8.37 25.19 0.99
N ILE B 225 8.67 25.79 -0.16
CA ILE B 225 10.06 26.04 -0.52
C ILE B 225 10.71 26.96 0.50
N ASP B 226 10.03 28.06 0.84
CA ASP B 226 10.54 28.96 1.88
C ASP B 226 10.79 28.22 3.19
N TYR B 227 9.91 27.25 3.50
CA TYR B 227 10.13 26.45 4.69
C TYR B 227 11.38 25.57 4.55
N ARG B 228 11.48 24.79 3.47
CA ARG B 228 12.63 23.91 3.27
C ARG B 228 13.92 24.70 3.11
N ILE B 229 13.84 25.86 2.45
CA ILE B 229 15.00 26.75 2.35
C ILE B 229 15.53 27.13 3.73
N GLY B 230 14.65 27.25 4.73
CA GLY B 230 15.10 27.69 6.05
C GLY B 230 16.01 26.70 6.74
N ASP B 231 15.61 25.44 6.82
CA ASP B 231 16.43 24.47 7.55
C ASP B 231 17.57 23.90 6.71
N PHE B 232 18.11 24.67 5.76
CA PHE B 232 19.10 24.11 4.85
C PHE B 232 20.52 24.16 5.41
N ALA B 233 20.72 24.71 6.61
CA ALA B 233 22.05 24.90 7.20
C ALA B 233 22.95 25.73 6.28
N VAL B 234 22.51 26.98 6.04
CA VAL B 234 23.18 27.83 5.06
C VAL B 234 24.55 28.27 5.56
N ASP B 235 24.64 28.66 6.84
CA ASP B 235 25.90 29.15 7.40
C ASP B 235 27.03 28.15 7.22
N PHE B 236 26.78 26.89 7.59
CA PHE B 236 27.80 25.86 7.49
C PHE B 236 28.17 25.59 6.03
N CYS B 237 27.16 25.41 5.18
CA CYS B 237 27.42 25.06 3.78
C CYS B 237 28.22 26.15 3.08
N ASP B 238 27.82 27.42 3.27
CA ASP B 238 28.57 28.52 2.68
C ASP B 238 30.01 28.54 3.21
N ALA B 239 30.18 28.32 4.51
CA ALA B 239 31.52 28.28 5.08
C ALA B 239 32.31 27.08 4.53
N ALA B 240 31.63 25.97 4.25
CA ALA B 240 32.31 24.80 3.69
C ALA B 240 32.80 25.08 2.28
N ILE B 241 31.99 25.77 1.46
CA ILE B 241 32.47 26.17 0.14
C ILE B 241 33.70 27.07 0.27
N LEU B 242 33.61 28.08 1.14
CA LEU B 242 34.73 28.99 1.37
C LEU B 242 35.98 28.22 1.80
N LEU B 243 35.85 27.36 2.81
CA LEU B 243 36.99 26.60 3.30
C LEU B 243 37.59 25.73 2.19
N THR B 244 36.75 24.89 1.58
CA THR B 244 37.23 23.94 0.57
C THR B 244 37.81 24.66 -0.64
N CYS B 245 37.19 25.77 -1.05
CA CYS B 245 37.75 26.53 -2.17
C CYS B 245 38.91 27.44 -1.76
N GLU B 246 39.24 27.50 -0.46
CA GLU B 246 40.34 28.32 0.03
C GLU B 246 40.20 29.78 -0.43
N ILE B 247 39.00 30.33 -0.19
CA ILE B 247 38.69 31.71 -0.51
C ILE B 247 37.90 32.31 0.65
N PHE B 248 37.81 33.64 0.66
CA PHE B 248 37.04 34.36 1.67
C PHE B 248 36.13 35.39 1.02
N LEU B 249 34.89 35.47 1.50
CA LEU B 249 33.93 36.46 1.04
C LEU B 249 33.23 37.10 2.24
N THR B 250 33.23 38.43 2.29
CA THR B 250 32.44 39.12 3.28
C THR B 250 30.95 38.94 2.99
N PRO B 251 30.08 39.22 3.97
CA PRO B 251 28.64 39.17 3.69
C PRO B 251 28.22 40.10 2.56
N ALA B 252 28.87 41.26 2.42
CA ALA B 252 28.57 42.15 1.30
C ALA B 252 29.04 41.57 -0.02
N ASP B 253 30.16 40.85 -0.03
CA ASP B 253 30.63 40.21 -1.26
C ASP B 253 29.63 39.21 -1.81
N MET B 254 28.82 38.59 -0.95
CA MET B 254 27.88 37.56 -1.40
C MET B 254 26.61 38.14 -2.00
N GLU B 255 26.32 39.42 -1.77
CA GLU B 255 25.05 40.01 -2.23
C GLU B 255 24.78 39.82 -3.72
N PRO B 256 25.73 40.02 -4.63
CA PRO B 256 25.43 39.78 -6.05
C PRO B 256 24.96 38.37 -6.34
N LEU B 257 25.40 37.40 -5.53
CA LEU B 257 25.08 36.01 -5.73
C LEU B 257 23.80 35.58 -5.01
N ARG B 258 22.96 36.54 -4.59
CA ARG B 258 21.76 36.20 -3.83
C ARG B 258 20.82 35.31 -4.64
N LYS B 259 20.51 35.72 -5.87
CA LYS B 259 19.63 34.93 -6.72
C LYS B 259 20.19 33.53 -6.93
N LEU B 260 21.47 33.45 -7.32
CA LEU B 260 22.11 32.15 -7.48
C LEU B 260 22.11 31.37 -6.18
N HIS B 261 22.29 32.08 -5.06
CA HIS B 261 22.33 31.40 -3.76
C HIS B 261 21.00 30.73 -3.45
N ARG B 262 19.89 31.43 -3.67
CA ARG B 262 18.58 30.85 -3.37
C ARG B 262 18.26 29.68 -4.28
N LEU B 263 18.59 29.80 -5.57
CA LEU B 263 18.42 28.69 -6.50
C LEU B 263 19.18 27.47 -6.02
N TYR B 264 20.41 27.68 -5.54
CA TYR B 264 21.23 26.56 -5.08
C TYR B 264 20.61 25.89 -3.85
N MET B 265 20.16 26.66 -2.86
CA MET B 265 19.46 26.04 -1.73
C MET B 265 18.16 25.37 -2.18
N THR B 266 17.42 25.99 -3.09
CA THR B 266 16.18 25.36 -3.55
C THR B 266 16.47 24.03 -4.23
N HIS B 267 17.40 24.01 -5.19
CA HIS B 267 17.77 22.75 -5.84
C HIS B 267 18.29 21.73 -4.84
N PHE B 268 19.12 22.17 -3.89
CA PHE B 268 19.66 21.26 -2.89
C PHE B 268 18.54 20.63 -2.06
N SER B 269 17.68 21.46 -1.47
CA SER B 269 16.62 20.94 -0.62
C SER B 269 15.67 20.05 -1.39
N LEU B 270 15.21 20.50 -2.56
CA LEU B 270 14.25 19.72 -3.33
C LEU B 270 14.83 18.40 -3.82
N THR B 271 16.12 18.40 -4.20
CA THR B 271 16.75 17.14 -4.56
C THR B 271 16.76 16.18 -3.38
N ASN B 272 17.08 16.69 -2.18
CA ASN B 272 17.06 15.85 -0.99
C ASN B 272 15.68 15.27 -0.74
N ASP B 273 14.63 16.08 -0.90
CA ASP B 273 13.26 15.60 -0.75
C ASP B 273 12.96 14.46 -1.71
N LEU B 274 13.26 14.65 -3.00
CA LEU B 274 12.94 13.64 -4.00
C LEU B 274 13.61 12.31 -3.66
N TYR B 275 14.90 12.34 -3.32
CA TYR B 275 15.62 11.09 -3.04
C TYR B 275 15.24 10.51 -1.69
N SER B 276 14.89 11.34 -0.71
CA SER B 276 14.55 10.80 0.61
C SER B 276 13.11 10.30 0.69
N PHE B 277 12.30 10.61 -0.33
CA PHE B 277 10.86 10.33 -0.26
C PHE B 277 10.58 8.87 0.04
N ASN B 278 11.19 7.96 -0.71
CA ASN B 278 10.89 6.54 -0.55
C ASN B 278 11.15 6.07 0.88
N LYS B 279 12.25 6.51 1.49
CA LYS B 279 12.51 6.14 2.87
C LYS B 279 11.52 6.77 3.83
N GLU B 280 11.08 8.00 3.54
CA GLU B 280 10.10 8.66 4.40
C GLU B 280 8.75 7.95 4.35
N VAL B 281 8.33 7.52 3.16
CA VAL B 281 7.07 6.81 3.04
C VAL B 281 7.12 5.50 3.81
N VAL B 282 8.23 4.77 3.70
CA VAL B 282 8.44 3.58 4.51
C VAL B 282 8.37 3.90 5.99
N ALA B 283 9.09 4.95 6.42
CA ALA B 283 9.08 5.33 7.84
C ALA B 283 7.68 5.66 8.30
N GLU B 284 6.87 6.26 7.43
CA GLU B 284 5.48 6.52 7.78
C GLU B 284 4.70 5.23 7.89
N GLN B 285 5.09 4.21 7.12
CA GLN B 285 4.32 2.96 7.10
C GLN B 285 4.36 2.26 8.44
N GLU B 286 5.53 2.16 9.06
CA GLU B 286 5.44 1.56 10.40
C GLU B 286 5.39 2.58 11.54
N THR B 287 6.31 3.52 11.56
CA THR B 287 6.30 4.36 12.76
C THR B 287 5.24 5.46 12.69
N GLY B 288 4.45 5.50 11.63
CA GLY B 288 3.44 6.54 11.51
C GLY B 288 4.03 7.93 11.40
N SER B 289 5.30 8.04 11.06
CA SER B 289 5.98 9.32 11.02
C SER B 289 5.43 10.22 9.91
N ALA B 290 5.46 11.52 10.17
CA ALA B 290 4.96 12.49 9.20
C ALA B 290 5.82 12.50 7.95
N VAL B 291 5.19 12.86 6.84
CA VAL B 291 5.88 13.02 5.55
C VAL B 291 5.85 14.49 5.20
N ILE B 292 7.00 15.14 5.27
CA ILE B 292 7.17 16.53 4.88
C ILE B 292 8.07 16.51 3.63
N ASN B 293 7.45 16.49 2.45
CA ASN B 293 8.20 16.33 1.23
C ASN B 293 7.52 17.07 0.08
N ALA B 294 8.32 17.57 -0.85
CA ALA B 294 7.75 18.24 -2.02
C ALA B 294 6.92 17.28 -2.85
N VAL B 295 7.27 15.98 -2.86
CA VAL B 295 6.44 15.00 -3.55
C VAL B 295 5.03 14.98 -2.98
N ARG B 296 4.92 14.86 -1.65
CA ARG B 296 3.60 14.84 -1.00
C ARG B 296 2.84 16.13 -1.23
N VAL B 297 3.51 17.28 -1.11
CA VAL B 297 2.87 18.57 -1.36
C VAL B 297 2.29 18.61 -2.76
N LEU B 298 3.10 18.28 -3.77
CA LEU B 298 2.61 18.27 -5.14
C LEU B 298 1.47 17.28 -5.31
N GLU B 299 1.59 16.11 -4.66
CA GLU B 299 0.50 15.13 -4.70
C GLU B 299 -0.81 15.76 -4.27
N GLN B 300 -0.79 16.52 -3.18
CA GLN B 300 -2.03 17.09 -2.66
C GLN B 300 -2.51 18.27 -3.50
N LEU B 301 -1.63 19.24 -3.79
CA LEU B 301 -2.06 20.45 -4.52
C LEU B 301 -2.57 20.05 -5.91
N VAL B 302 -1.76 19.36 -6.69
CA VAL B 302 -2.16 18.84 -8.03
C VAL B 302 -3.27 17.80 -7.84
N ASP B 303 -3.32 17.12 -6.69
CA ASP B 303 -4.28 16.01 -6.49
C ASP B 303 -3.99 14.90 -7.50
N THR B 304 -2.71 14.67 -7.77
CA THR B 304 -2.30 13.61 -8.73
C THR B 304 -1.64 12.42 -8.04
N SER B 305 -1.24 11.41 -8.80
CA SER B 305 -0.56 10.19 -8.34
C SER B 305 0.84 10.50 -7.84
N THR B 306 1.37 9.58 -7.02
CA THR B 306 2.74 9.70 -6.56
C THR B 306 3.71 9.67 -7.74
N ARG B 307 3.48 8.76 -8.68
CA ARG B 307 4.34 8.67 -9.86
C ARG B 307 4.37 9.98 -10.61
N SER B 308 3.20 10.59 -10.84
CA SER B 308 3.15 11.88 -11.53
C SER B 308 3.83 12.96 -10.71
N ALA B 309 3.64 12.94 -9.39
CA ALA B 309 4.24 13.94 -8.53
C ALA B 309 5.76 13.90 -8.56
N LYS B 310 6.34 12.70 -8.55
CA LYS B 310 7.79 12.58 -8.66
C LYS B 310 8.30 13.15 -9.98
N VAL B 311 7.60 12.86 -11.07
CA VAL B 311 7.95 13.44 -12.36
C VAL B 311 7.80 14.95 -12.33
N LEU B 312 6.76 15.43 -11.63
CA LEU B 312 6.53 16.86 -11.52
C LEU B 312 7.70 17.54 -10.82
N LEU B 313 8.20 16.94 -9.74
CA LEU B 313 9.34 17.51 -9.02
C LEU B 313 10.61 17.44 -9.84
N ARG B 314 10.85 16.29 -10.50
CA ARG B 314 12.02 16.13 -11.36
C ARG B 314 12.08 17.21 -12.44
N ALA B 315 10.94 17.50 -13.07
CA ALA B 315 10.90 18.58 -14.05
C ALA B 315 11.16 19.94 -13.42
N PHE B 316 10.58 20.17 -12.23
CA PHE B 316 10.87 21.39 -11.50
C PHE B 316 12.36 21.53 -11.22
N LEU B 317 13.00 20.43 -10.81
CA LEU B 317 14.44 20.46 -10.55
C LEU B 317 15.23 20.78 -11.83
N TRP B 318 14.83 20.19 -12.96
CA TRP B 318 15.54 20.47 -14.21
C TRP B 318 15.39 21.94 -14.60
N ASP B 319 14.23 22.52 -14.35
CA ASP B 319 14.03 23.93 -14.63
C ASP B 319 14.86 24.80 -13.70
N LEU B 320 15.05 24.36 -12.45
CA LEU B 320 15.94 25.08 -11.53
C LEU B 320 17.36 25.12 -12.08
N GLU B 321 17.83 24.00 -12.64
CA GLU B 321 19.16 23.98 -13.24
C GLU B 321 19.24 24.93 -14.44
N LEU B 322 18.16 25.02 -15.21
CA LEU B 322 18.12 25.97 -16.31
C LEU B 322 18.20 27.40 -15.80
N GLN B 323 17.46 27.72 -14.73
CA GLN B 323 17.55 29.05 -14.13
C GLN B 323 18.93 29.34 -13.56
N ILE B 324 19.55 28.33 -12.94
CA ILE B 324 20.89 28.49 -12.38
C ILE B 324 21.87 28.88 -13.48
N HIS B 325 21.86 28.16 -14.59
CA HIS B 325 22.76 28.46 -15.72
C HIS B 325 22.52 29.84 -16.33
N ASP B 326 21.25 30.22 -16.50
CA ASP B 326 20.97 31.56 -17.00
C ASP B 326 21.57 32.60 -16.07
N GLU B 327 21.41 32.39 -14.76
CA GLU B 327 22.01 33.31 -13.79
C GLU B 327 23.54 33.30 -13.89
N LEU B 328 24.14 32.13 -14.10
CA LEU B 328 25.58 32.09 -14.35
C LEU B 328 25.94 32.91 -15.58
N THR B 329 25.14 32.76 -16.64
CA THR B 329 25.36 33.53 -17.86
C THR B 329 25.25 35.04 -17.58
N ARG B 330 24.19 35.44 -16.88
CA ARG B 330 24.03 36.85 -16.53
C ARG B 330 25.18 37.32 -15.65
N LEU B 331 25.54 36.52 -14.64
CA LEU B 331 26.62 36.90 -13.73
C LEU B 331 27.95 37.04 -14.46
N LYS B 332 28.18 36.22 -15.49
CA LYS B 332 29.44 36.28 -16.23
C LYS B 332 29.70 37.68 -16.78
N GLY B 333 28.64 38.36 -17.23
CA GLY B 333 28.78 39.75 -17.64
C GLY B 333 29.13 40.70 -16.51
N THR B 334 28.51 40.48 -15.34
CA THR B 334 28.72 41.36 -14.20
C THR B 334 30.19 41.36 -13.78
N ASP B 335 30.62 42.48 -13.21
CA ASP B 335 31.98 42.60 -12.70
C ASP B 335 32.09 41.83 -11.40
N LEU B 336 32.77 40.69 -11.45
CA LEU B 336 32.90 39.81 -10.30
C LEU B 336 34.37 39.52 -10.03
N THR B 337 34.74 39.51 -8.75
CA THR B 337 36.08 39.12 -8.37
C THR B 337 36.27 37.62 -8.58
N PRO B 338 37.52 37.17 -8.75
CA PRO B 338 37.78 35.72 -8.81
C PRO B 338 37.23 34.94 -7.63
N SER B 339 37.28 35.49 -6.42
CA SER B 339 36.70 34.80 -5.27
C SER B 339 35.18 34.71 -5.39
N GLN B 340 34.52 35.79 -5.81
CA GLN B 340 33.08 35.75 -6.04
C GLN B 340 32.71 34.71 -7.08
N TRP B 341 33.48 34.63 -8.16
CA TRP B 341 33.18 33.66 -9.21
C TRP B 341 33.44 32.24 -8.74
N ARG B 342 34.50 32.04 -7.94
CA ARG B 342 34.80 30.71 -7.42
C ARG B 342 33.68 30.21 -6.52
N PHE B 343 33.09 31.11 -5.72
CA PHE B 343 31.94 30.73 -4.90
C PHE B 343 30.73 30.37 -5.76
N ALA B 344 30.46 31.17 -6.80
CA ALA B 344 29.34 30.87 -7.69
C ALA B 344 29.44 29.47 -8.28
N ARG B 345 30.63 29.10 -8.79
CA ARG B 345 30.80 27.77 -9.35
C ARG B 345 30.75 26.71 -8.26
N GLY B 346 31.24 27.03 -7.06
CA GLY B 346 31.19 26.08 -5.97
C GLY B 346 29.76 25.70 -5.61
N MET B 347 28.86 26.67 -5.68
CA MET B 347 27.45 26.39 -5.41
C MET B 347 26.90 25.36 -6.39
N VAL B 348 27.24 25.50 -7.67
CA VAL B 348 26.85 24.50 -8.66
C VAL B 348 27.44 23.14 -8.32
N GLU B 349 28.71 23.10 -7.89
CA GLU B 349 29.32 21.82 -7.56
C GLU B 349 28.65 21.17 -6.35
N VAL B 350 28.17 21.98 -5.40
CA VAL B 350 27.40 21.43 -4.29
C VAL B 350 26.12 20.79 -4.80
N CYS B 351 25.42 21.48 -5.71
CA CYS B 351 24.18 20.96 -6.27
C CYS B 351 24.43 19.65 -7.03
N ALA B 352 25.40 19.64 -7.94
CA ALA B 352 25.71 18.42 -8.68
C ALA B 352 26.14 17.30 -7.76
N GLY B 353 27.04 17.60 -6.81
CA GLY B 353 27.51 16.57 -5.89
C GLY B 353 26.41 16.00 -5.04
N ASN B 354 25.41 16.83 -4.70
CA ASN B 354 24.25 16.36 -3.94
C ASN B 354 23.48 15.29 -4.69
N ILE B 355 23.28 15.46 -6.00
CA ILE B 355 22.62 14.42 -6.79
C ILE B 355 23.38 13.11 -6.69
N PHE B 356 24.69 13.14 -6.93
CA PHE B 356 25.47 11.92 -6.88
C PHE B 356 25.41 11.29 -5.50
N TYR B 357 25.68 12.09 -4.45
CA TYR B 357 25.57 11.57 -3.10
C TYR B 357 24.20 10.96 -2.85
N SER B 358 23.13 11.68 -3.21
CA SER B 358 21.78 11.18 -2.99
C SER B 358 21.50 9.92 -3.81
N ALA B 359 21.97 9.89 -5.07
CA ALA B 359 21.74 8.73 -5.92
C ALA B 359 22.50 7.50 -5.44
N THR B 360 23.65 7.73 -4.81
CA THR B 360 24.50 6.59 -4.35
C THR B 360 24.40 6.45 -2.82
N CYS B 361 23.22 6.68 -2.24
CA CYS B 361 23.06 6.45 -0.78
C CYS B 361 22.10 5.28 -0.55
N LEU B 362 22.53 4.28 0.21
CA LEU B 362 21.66 3.11 0.54
C LEU B 362 20.46 3.57 1.35
N ARG B 363 20.66 4.48 2.31
CA ARG B 363 19.54 4.88 3.21
C ARG B 363 18.38 5.38 2.35
N TYR B 364 18.67 6.02 1.22
CA TYR B 364 17.58 6.48 0.31
C TYR B 364 17.14 5.33 -0.60
N ALA B 365 18.09 4.55 -1.14
CA ALA B 365 17.76 3.47 -2.08
C ALA B 365 16.92 2.37 -1.44
N LYS B 366 17.25 1.98 -0.21
CA LYS B 366 16.54 0.85 0.44
C LYS B 366 15.89 1.31 1.74
N PRO B 367 14.60 1.01 1.98
CA PRO B 367 13.91 1.38 3.21
C PRO B 367 14.87 1.66 4.38
N MET C 1 -38.47 -10.40 8.57
CA MET C 1 -37.13 -11.03 8.35
C MET C 1 -37.33 -12.45 7.83
N ARG C 2 -36.45 -12.90 6.92
CA ARG C 2 -36.64 -14.24 6.31
C ARG C 2 -36.51 -15.33 7.37
N PRO C 3 -37.33 -16.39 7.34
CA PRO C 3 -37.20 -17.49 8.29
C PRO C 3 -35.87 -18.22 8.10
N ILE C 4 -35.26 -18.70 9.19
CA ILE C 4 -33.91 -19.32 9.06
C ILE C 4 -34.03 -20.83 9.18
N THR C 5 -33.57 -21.56 8.17
CA THR C 5 -33.60 -23.05 8.16
C THR C 5 -32.71 -23.64 9.26
N CYS C 6 -31.51 -23.09 9.46
CA CYS C 6 -30.56 -23.71 10.42
C CYS C 6 -29.42 -22.74 10.75
N SER C 7 -28.51 -23.14 11.65
CA SER C 7 -27.40 -22.28 12.05
C SER C 7 -26.27 -23.18 12.50
N PHE C 8 -25.06 -22.91 12.02
CA PHE C 8 -23.93 -23.75 12.38
C PHE C 8 -22.64 -22.96 12.28
N ASP C 9 -21.63 -23.43 13.01
CA ASP C 9 -20.29 -22.86 12.95
C ASP C 9 -19.31 -24.03 12.81
N PRO C 10 -18.58 -24.12 11.70
CA PRO C 10 -17.62 -25.23 11.53
C PRO C 10 -16.55 -25.29 12.62
N VAL C 11 -16.00 -24.15 13.05
CA VAL C 11 -14.93 -24.17 14.04
C VAL C 11 -15.45 -24.03 15.47
N GLY C 12 -16.76 -23.81 15.65
CA GLY C 12 -17.33 -23.62 16.97
C GLY C 12 -16.58 -22.77 18.00
N ILE C 13 -15.73 -21.84 17.57
CA ILE C 13 -15.01 -20.95 18.47
C ILE C 13 -15.38 -19.50 18.16
N SER C 14 -15.76 -18.76 19.19
CA SER C 14 -16.12 -17.36 19.04
C SER C 14 -15.14 -16.48 19.82
N PHE C 15 -15.04 -15.22 19.42
CA PHE C 15 -14.07 -14.31 19.99
C PHE C 15 -14.66 -12.93 20.19
N GLN C 16 -13.98 -12.13 21.00
CA GLN C 16 -14.28 -10.72 21.23
C GLN C 16 -13.00 -9.93 21.09
N THR C 17 -13.09 -8.75 20.47
CA THR C 17 -11.89 -7.91 20.22
C THR C 17 -11.43 -7.20 21.50
N GLU C 18 -10.15 -6.86 21.58
CA GLU C 18 -9.60 -6.12 22.75
C GLU C 18 -10.28 -4.76 22.83
N SER C 19 -10.47 -4.11 21.68
CA SER C 19 -11.04 -2.75 21.66
C SER C 19 -12.38 -2.78 20.96
N LYS C 20 -13.38 -2.11 21.53
CA LYS C 20 -14.70 -2.04 20.85
C LYS C 20 -14.47 -1.36 19.51
N GLN C 21 -15.12 -1.84 18.46
CA GLN C 21 -14.83 -1.29 17.12
C GLN C 21 -15.78 -0.13 16.86
N GLU C 22 -15.22 1.06 16.60
CA GLU C 22 -16.06 2.27 16.43
C GLU C 22 -16.64 2.26 15.01
N ASN C 23 -15.80 1.98 14.01
CA ASN C 23 -16.26 1.97 12.60
C ASN C 23 -17.38 0.94 12.40
N PHE C 24 -17.43 -0.11 13.20
CA PHE C 24 -18.45 -1.17 13.03
C PHE C 24 -19.72 -0.83 13.82
N GLU C 25 -19.72 0.28 14.55
CA GLU C 25 -20.85 0.66 15.44
C GLU C 25 -22.13 0.87 14.64
N PHE C 26 -22.06 1.40 13.42
CA PHE C 26 -23.28 1.75 12.66
C PHE C 26 -24.13 0.50 12.45
N LEU C 27 -23.54 -0.66 12.18
CA LEU C 27 -24.36 -1.90 12.09
C LEU C 27 -25.04 -2.16 13.42
N ARG C 28 -24.32 -1.98 14.53
CA ARG C 28 -24.91 -2.19 15.88
C ARG C 28 -26.04 -1.18 16.11
N GLU C 29 -25.84 0.07 15.70
CA GLU C 29 -26.85 1.12 15.94
C GLU C 29 -28.06 0.87 15.06
N ALA C 30 -27.82 0.48 13.80
CA ALA C 30 -28.94 0.24 12.87
C ALA C 30 -29.98 -0.67 13.51
N ILE C 31 -29.59 -1.65 14.32
CA ILE C 31 -30.61 -2.59 14.86
C ILE C 31 -31.71 -1.77 15.52
N SER C 32 -31.38 -1.08 16.62
CA SER C 32 -32.37 -0.28 17.38
C SER C 32 -32.94 0.90 16.60
N ARG C 33 -32.11 1.63 15.84
CA ARG C 33 -32.62 2.88 15.21
C ARG C 33 -32.23 3.00 13.74
N SER C 34 -33.00 3.78 12.97
CA SER C 34 -32.70 3.96 11.53
C SER C 34 -31.33 4.63 11.38
N VAL C 35 -30.54 4.17 10.42
CA VAL C 35 -29.17 4.70 10.22
C VAL C 35 -28.98 4.90 8.71
N PRO C 36 -28.37 6.01 8.25
CA PRO C 36 -28.26 6.24 6.81
C PRO C 36 -27.57 5.07 6.12
N GLY C 37 -28.15 4.64 5.00
CA GLY C 37 -27.67 3.52 4.22
C GLY C 37 -28.36 2.20 4.54
N LEU C 38 -28.83 2.02 5.77
CA LEU C 38 -29.47 0.78 6.18
C LEU C 38 -30.99 0.91 6.32
N GLU C 39 -31.56 1.98 5.75
CA GLU C 39 -33.00 2.22 5.89
C GLU C 39 -33.84 1.15 5.20
N ASN C 40 -33.27 0.40 4.26
CA ASN C 40 -34.01 -0.62 3.53
C ASN C 40 -33.76 -2.02 4.08
N CYS C 41 -33.13 -2.14 5.23
CA CYS C 41 -32.76 -3.43 5.77
C CYS C 41 -33.29 -3.62 7.18
N ASN C 42 -33.55 -4.88 7.53
CA ASN C 42 -33.68 -5.29 8.91
C ASN C 42 -32.30 -5.65 9.42
N VAL C 43 -31.84 -4.94 10.45
CA VAL C 43 -30.50 -5.15 11.01
C VAL C 43 -30.67 -5.87 12.34
N PHE C 44 -29.93 -6.95 12.52
CA PHE C 44 -30.11 -7.79 13.69
C PHE C 44 -28.76 -8.29 14.17
N ASP C 45 -28.75 -8.78 15.40
CA ASP C 45 -27.58 -9.46 15.94
C ASP C 45 -27.89 -10.95 15.85
N PRO C 46 -27.25 -11.71 14.96
CA PRO C 46 -27.64 -13.11 14.75
C PRO C 46 -27.54 -13.93 16.01
N ARG C 47 -26.71 -13.47 16.93
CA ARG C 47 -26.45 -14.18 18.16
C ARG C 47 -27.73 -14.26 19.00
N SER C 48 -28.53 -13.19 18.95
CA SER C 48 -29.83 -13.16 19.58
C SER C 48 -30.80 -14.15 18.97
N LEU C 49 -30.64 -14.45 17.68
CA LEU C 49 -31.44 -15.43 16.99
C LEU C 49 -30.94 -16.86 17.18
N GLY C 50 -29.93 -17.06 18.02
CA GLY C 50 -29.38 -18.38 18.20
C GLY C 50 -28.43 -18.82 17.11
N VAL C 51 -27.99 -17.92 16.25
CA VAL C 51 -27.04 -18.24 15.18
C VAL C 51 -25.63 -18.04 15.72
N PRO C 52 -24.73 -19.02 15.61
CA PRO C 52 -23.35 -18.79 16.01
C PRO C 52 -22.73 -17.67 15.17
N TRP C 53 -22.14 -16.70 15.86
CA TRP C 53 -21.70 -15.45 15.24
C TRP C 53 -20.25 -15.17 15.62
N PRO C 54 -19.30 -15.91 15.04
CA PRO C 54 -17.87 -15.73 15.38
C PRO C 54 -17.21 -14.60 14.62
N THR C 55 -17.66 -13.38 14.85
CA THR C 55 -17.21 -12.24 14.06
C THR C 55 -17.03 -11.00 14.94
N SER C 56 -16.15 -10.11 14.49
CA SER C 56 -16.09 -8.76 15.04
C SER C 56 -17.27 -7.90 14.60
N PHE C 57 -17.93 -8.23 13.47
CA PHE C 57 -19.08 -7.48 13.00
C PHE C 57 -20.22 -7.58 14.01
N PRO C 58 -20.71 -6.46 14.54
CA PRO C 58 -21.73 -6.54 15.61
C PRO C 58 -23.09 -7.00 15.14
N ALA C 59 -23.44 -6.76 13.88
CA ALA C 59 -24.76 -7.10 13.39
C ALA C 59 -24.67 -7.58 11.95
N ALA C 60 -25.79 -8.13 11.46
CA ALA C 60 -25.96 -8.49 10.06
C ALA C 60 -27.21 -7.81 9.55
N ALA C 61 -27.18 -7.41 8.28
CA ALA C 61 -28.26 -6.65 7.66
C ALA C 61 -28.88 -7.45 6.54
N GLN C 62 -30.22 -7.49 6.51
CA GLN C 62 -30.97 -8.18 5.48
C GLN C 62 -32.04 -7.25 4.92
N SER C 63 -32.21 -7.28 3.60
CA SER C 63 -33.21 -6.44 2.96
C SER C 63 -34.61 -6.85 3.40
N LYS C 64 -35.47 -5.87 3.67
CA LYS C 64 -36.83 -6.18 4.06
C LYS C 64 -37.71 -6.59 2.89
N TYR C 65 -37.22 -6.44 1.67
CA TYR C 65 -37.98 -6.77 0.47
C TYR C 65 -37.58 -8.14 -0.07
N TRP C 66 -37.25 -9.07 0.83
CA TRP C 66 -36.94 -10.44 0.41
C TRP C 66 -38.18 -11.14 -0.14
N LYS C 67 -39.37 -10.77 0.31
CA LYS C 67 -40.59 -11.37 -0.22
C LYS C 67 -40.75 -11.03 -1.70
N ASP C 68 -40.42 -9.79 -2.07
CA ASP C 68 -40.40 -9.41 -3.48
C ASP C 68 -39.34 -10.19 -4.25
N ALA C 69 -38.19 -10.42 -3.62
CA ALA C 69 -37.12 -11.18 -4.27
C ALA C 69 -37.56 -12.61 -4.55
N GLU C 70 -38.33 -13.21 -3.64
CA GLU C 70 -38.86 -14.55 -3.88
C GLU C 70 -39.79 -14.57 -5.08
N GLU C 71 -40.63 -13.54 -5.23
CA GLU C 71 -41.56 -13.49 -6.36
C GLU C 71 -40.80 -13.36 -7.68
N ALA C 72 -39.85 -12.44 -7.75
CA ALA C 72 -39.12 -12.23 -9.00
C ALA C 72 -38.36 -13.48 -9.39
N ALA C 73 -37.65 -14.09 -8.44
CA ALA C 73 -36.94 -15.33 -8.76
C ALA C 73 -37.91 -16.43 -9.19
N ALA C 74 -39.05 -16.55 -8.50
CA ALA C 74 -40.05 -17.51 -8.92
C ALA C 74 -40.57 -17.20 -10.32
N GLU C 75 -40.81 -15.92 -10.61
CA GLU C 75 -41.24 -15.50 -11.94
C GLU C 75 -40.24 -15.93 -13.00
N LEU C 76 -38.98 -15.52 -12.83
CA LEU C 76 -37.93 -15.88 -13.77
C LEU C 76 -37.80 -17.39 -13.89
N MET C 77 -37.89 -18.11 -12.77
CA MET C 77 -37.83 -19.57 -12.80
C MET C 77 -38.90 -20.13 -13.74
N ASP C 78 -40.11 -19.59 -13.70
CA ASP C 78 -41.18 -20.08 -14.58
C ASP C 78 -40.87 -19.80 -16.04
N GLN C 79 -40.36 -18.60 -16.33
CA GLN C 79 -39.97 -18.27 -17.71
C GLN C 79 -38.93 -19.25 -18.24
N ILE C 80 -37.92 -19.55 -17.43
CA ILE C 80 -36.82 -20.40 -17.88
C ILE C 80 -37.29 -21.82 -18.14
N VAL C 81 -38.09 -22.39 -17.23
CA VAL C 81 -38.53 -23.78 -17.36
C VAL C 81 -39.51 -23.96 -18.50
N ALA C 82 -39.86 -22.87 -19.19
CA ALA C 82 -40.73 -22.95 -20.35
C ALA C 82 -39.95 -23.01 -21.66
N ALA C 83 -38.74 -23.57 -21.64
CA ALA C 83 -37.89 -23.49 -22.83
C ALA C 83 -36.80 -24.56 -22.80
N ALA C 84 -36.57 -25.19 -23.94
CA ALA C 84 -35.54 -26.22 -24.11
C ALA C 84 -35.64 -27.32 -23.06
N LYS C 101 -36.47 -33.48 -7.48
CA LYS C 101 -36.56 -32.34 -8.39
C LYS C 101 -37.26 -31.15 -7.76
N ALA C 102 -38.33 -31.40 -6.99
CA ALA C 102 -38.98 -30.28 -6.31
C ALA C 102 -38.10 -29.67 -5.24
N ALA C 103 -37.24 -30.48 -4.61
CA ALA C 103 -36.26 -29.92 -3.68
C ALA C 103 -35.25 -29.05 -4.43
N LYS C 104 -34.86 -29.49 -5.63
CA LYS C 104 -33.94 -28.73 -6.48
C LYS C 104 -34.48 -27.34 -6.78
N ARG C 105 -35.72 -27.24 -7.24
CA ARG C 105 -36.30 -25.94 -7.53
C ARG C 105 -36.37 -25.08 -6.28
N ARG C 106 -36.89 -25.64 -5.18
CA ARG C 106 -36.98 -24.89 -3.93
C ARG C 106 -35.60 -24.45 -3.47
N GLU C 107 -34.63 -25.37 -3.52
CA GLU C 107 -33.30 -25.06 -3.02
C GLU C 107 -32.61 -24.01 -3.88
N LEU C 108 -32.73 -24.11 -5.20
CA LEU C 108 -32.11 -23.13 -6.09
C LEU C 108 -32.69 -21.74 -5.85
N LEU C 109 -34.01 -21.64 -5.80
CA LEU C 109 -34.67 -20.35 -5.56
C LEU C 109 -34.36 -19.85 -4.15
N ASP C 110 -34.28 -20.75 -3.18
CA ASP C 110 -33.97 -20.37 -1.81
C ASP C 110 -32.62 -19.65 -1.74
N THR C 111 -31.60 -20.25 -2.34
CA THR C 111 -30.29 -19.63 -2.36
C THR C 111 -30.29 -18.34 -3.17
N SER C 112 -31.05 -18.31 -4.25
CA SER C 112 -31.13 -17.10 -5.08
C SER C 112 -31.70 -15.92 -4.31
N VAL C 113 -32.50 -16.16 -3.28
CA VAL C 113 -33.00 -15.07 -2.45
C VAL C 113 -32.10 -14.83 -1.26
N SER C 114 -31.65 -15.91 -0.61
CA SER C 114 -30.90 -15.78 0.63
C SER C 114 -29.58 -15.03 0.41
N ALA C 115 -28.85 -15.38 -0.66
CA ALA C 115 -27.55 -14.73 -0.91
C ALA C 115 -27.66 -13.20 -1.10
N PRO C 116 -28.36 -12.71 -2.13
CA PRO C 116 -28.30 -11.25 -2.36
C PRO C 116 -29.00 -10.42 -1.29
N MET C 117 -30.10 -10.92 -0.72
CA MET C 117 -30.78 -10.18 0.35
C MET C 117 -29.87 -9.97 1.55
N ASN C 118 -29.06 -10.98 1.88
CA ASN C 118 -28.10 -10.85 2.97
C ASN C 118 -26.83 -10.11 2.53
N MET C 119 -26.25 -10.50 1.39
CA MET C 119 -25.00 -9.90 0.94
C MET C 119 -25.17 -8.44 0.51
N PHE C 120 -26.30 -8.09 -0.09
CA PHE C 120 -26.52 -6.73 -0.60
C PHE C 120 -27.84 -6.22 -0.04
N PRO C 121 -27.86 -5.93 1.27
CA PRO C 121 -29.15 -5.70 1.96
C PRO C 121 -29.79 -4.35 1.71
N ALA C 122 -29.07 -3.35 1.23
CA ALA C 122 -29.67 -2.03 1.08
C ALA C 122 -30.72 -1.95 -0.02
N ALA C 123 -31.02 -3.07 -0.68
CA ALA C 123 -31.90 -3.08 -1.83
C ALA C 123 -33.34 -2.81 -1.42
N ASN C 124 -33.98 -1.84 -2.10
CA ASN C 124 -35.42 -1.66 -2.01
C ASN C 124 -36.14 -2.73 -2.85
N ALA C 125 -37.47 -2.64 -2.89
CA ALA C 125 -38.27 -3.63 -3.62
C ALA C 125 -37.87 -3.81 -5.09
N PRO C 126 -37.79 -2.78 -5.92
CA PRO C 126 -37.40 -3.04 -7.33
C PRO C 126 -36.02 -3.65 -7.47
N ARG C 127 -35.02 -3.06 -6.82
CA ARG C 127 -33.66 -3.57 -6.93
C ARG C 127 -33.52 -4.96 -6.31
N ALA C 128 -34.33 -5.28 -5.29
CA ALA C 128 -34.32 -6.64 -4.75
C ALA C 128 -34.77 -7.63 -5.82
N ARG C 129 -35.75 -7.26 -6.63
CA ARG C 129 -36.21 -8.14 -7.69
C ARG C 129 -35.10 -8.38 -8.71
N ILE C 130 -34.40 -7.31 -9.10
CA ILE C 130 -33.29 -7.44 -10.03
C ILE C 130 -32.18 -8.30 -9.42
N MET C 131 -31.85 -8.03 -8.16
CA MET C 131 -30.78 -8.79 -7.50
C MET C 131 -31.13 -10.27 -7.43
N ALA C 132 -32.39 -10.59 -7.10
CA ALA C 132 -32.82 -11.99 -7.06
C ALA C 132 -32.76 -12.63 -8.45
N LYS C 133 -33.23 -11.91 -9.47
CA LYS C 133 -33.18 -12.46 -10.83
C LYS C 133 -31.73 -12.67 -11.27
N ALA C 134 -30.86 -11.71 -10.99
CA ALA C 134 -29.44 -11.88 -11.28
C ALA C 134 -28.86 -13.07 -10.53
N ALA C 135 -29.17 -13.19 -9.24
CA ALA C 135 -28.64 -14.28 -8.44
C ALA C 135 -29.06 -15.64 -9.00
N LEU C 136 -30.33 -15.78 -9.38
CA LEU C 136 -30.79 -17.04 -9.96
C LEU C 136 -30.02 -17.36 -11.23
N LEU C 137 -29.83 -16.37 -12.09
CA LEU C 137 -29.06 -16.59 -13.32
C LEU C 137 -27.65 -17.06 -13.01
N ILE C 138 -26.96 -16.36 -12.09
CA ILE C 138 -25.61 -16.74 -11.72
C ILE C 138 -25.60 -18.14 -11.11
N PHE C 139 -26.52 -18.41 -10.18
CA PHE C 139 -26.53 -19.70 -9.50
C PHE C 139 -26.89 -20.85 -10.45
N MET C 140 -27.83 -20.62 -11.37
CA MET C 140 -28.17 -21.67 -12.33
C MET C 140 -26.98 -22.02 -13.21
N HIS C 141 -26.16 -21.02 -13.57
CA HIS C 141 -25.00 -21.29 -14.41
C HIS C 141 -23.90 -22.03 -13.64
N ASP C 142 -23.68 -21.67 -12.38
CA ASP C 142 -22.68 -22.36 -11.56
C ASP C 142 -22.97 -23.85 -11.44
N ASP C 143 -24.23 -24.21 -11.21
CA ASP C 143 -24.60 -25.61 -11.04
C ASP C 143 -24.24 -26.44 -12.27
N VAL C 144 -24.48 -25.90 -13.47
CA VAL C 144 -24.21 -26.63 -14.70
C VAL C 144 -22.71 -26.88 -14.89
N CYS C 145 -21.88 -25.89 -14.57
CA CYS C 145 -20.43 -26.01 -14.79
C CYS C 145 -19.80 -27.14 -13.99
N GLU C 146 -20.27 -27.38 -12.76
CA GLU C 146 -19.70 -28.48 -11.98
C GLU C 146 -20.14 -29.82 -12.55
N TYR C 147 -21.44 -29.98 -12.77
CA TYR C 147 -22.05 -31.13 -13.43
C TYR C 147 -21.28 -31.61 -14.66
N ASP C 171 -35.60 -21.13 -29.79
CA ASP C 171 -35.21 -21.66 -28.46
C ASP C 171 -34.06 -20.81 -27.91
N ILE C 172 -32.91 -20.83 -28.56
CA ILE C 172 -31.76 -19.99 -28.10
C ILE C 172 -32.17 -18.52 -28.23
N LEU C 173 -32.87 -18.19 -29.32
CA LEU C 173 -33.35 -16.80 -29.52
C LEU C 173 -34.31 -16.45 -28.39
N TRP C 174 -35.17 -17.39 -28.01
CA TRP C 174 -36.10 -17.15 -26.87
C TRP C 174 -35.30 -16.94 -25.59
N GLN C 175 -34.24 -17.75 -25.38
CA GLN C 175 -33.42 -17.61 -24.16
C GLN C 175 -32.73 -16.24 -24.17
N ASN C 176 -32.25 -15.82 -25.34
CA ASN C 176 -31.63 -14.48 -25.45
C ASN C 176 -32.68 -13.45 -25.02
N ARG C 177 -33.92 -13.62 -25.50
CA ARG C 177 -34.93 -12.63 -25.19
C ARG C 177 -35.21 -12.56 -23.69
N ILE C 178 -35.08 -13.68 -22.99
CA ILE C 178 -35.28 -13.68 -21.54
C ILE C 178 -34.28 -12.72 -20.88
N PHE C 179 -33.02 -12.81 -21.30
CA PHE C 179 -31.98 -11.93 -20.78
C PHE C 179 -32.21 -10.47 -21.21
N LYS C 180 -32.65 -10.26 -22.47
CA LYS C 180 -32.92 -8.89 -22.92
C LYS C 180 -34.01 -8.22 -22.09
N GLU C 181 -35.08 -8.96 -21.77
CA GLU C 181 -36.12 -8.38 -20.92
C GLU C 181 -35.57 -8.08 -19.53
N PHE C 182 -34.77 -9.01 -18.99
CA PHE C 182 -34.10 -8.77 -17.72
C PHE C 182 -33.17 -7.57 -17.79
N SER C 183 -32.40 -7.46 -18.88
CA SER C 183 -31.52 -6.31 -19.05
C SER C 183 -32.30 -5.00 -19.11
N GLU C 184 -33.43 -4.99 -19.83
CA GLU C 184 -34.24 -3.77 -19.93
C GLU C 184 -34.81 -3.40 -18.58
N GLU C 185 -35.34 -4.38 -17.84
CA GLU C 185 -35.79 -4.15 -16.48
C GLU C 185 -34.69 -3.54 -15.62
N THR C 186 -33.47 -4.07 -15.74
CA THR C 186 -32.35 -3.57 -14.95
C THR C 186 -31.95 -2.16 -15.36
N ASN C 187 -31.83 -1.93 -16.67
CA ASN C 187 -31.35 -0.61 -17.11
C ASN C 187 -32.36 0.46 -16.71
N ARG C 188 -33.66 0.18 -16.84
CA ARG C 188 -34.68 1.20 -16.54
C ARG C 188 -34.63 1.59 -15.05
N GLU C 189 -34.45 0.61 -14.17
CA GLU C 189 -34.40 0.88 -12.70
C GLU C 189 -33.19 1.76 -12.38
N ASP C 190 -32.05 1.47 -13.00
CA ASP C 190 -30.81 2.23 -12.72
C ASP C 190 -30.02 2.36 -14.03
N PRO C 191 -30.26 3.43 -14.81
CA PRO C 191 -29.52 3.62 -16.08
C PRO C 191 -28.02 3.78 -15.90
N VAL C 192 -27.57 4.35 -14.78
CA VAL C 192 -26.14 4.56 -14.56
C VAL C 192 -25.43 3.24 -14.28
N VAL C 193 -25.89 2.51 -13.26
CA VAL C 193 -25.20 1.30 -12.82
C VAL C 193 -25.60 0.06 -13.60
N GLY C 194 -26.79 0.05 -14.18
CA GLY C 194 -27.31 -1.11 -14.88
C GLY C 194 -26.36 -1.77 -15.86
N PRO C 195 -25.76 -0.98 -16.76
CA PRO C 195 -24.81 -1.57 -17.72
C PRO C 195 -23.65 -2.33 -17.08
N GLN C 196 -22.96 -1.75 -16.09
CA GLN C 196 -21.88 -2.50 -15.44
C GLN C 196 -22.42 -3.72 -14.72
N PHE C 197 -23.60 -3.59 -14.13
CA PHE C 197 -24.23 -4.72 -13.45
C PHE C 197 -24.40 -5.90 -14.40
N LEU C 198 -25.02 -5.67 -15.56
CA LEU C 198 -25.21 -6.75 -16.53
C LEU C 198 -23.88 -7.19 -17.13
N GLN C 199 -22.98 -6.26 -17.44
CA GLN C 199 -21.67 -6.65 -17.93
C GLN C 199 -20.89 -7.44 -16.88
N GLY C 200 -21.09 -7.12 -15.60
CA GLY C 200 -20.46 -7.89 -14.55
C GLY C 200 -20.91 -9.34 -14.56
N ILE C 201 -22.18 -9.59 -14.86
CA ILE C 201 -22.66 -10.96 -14.99
C ILE C 201 -21.93 -11.67 -16.14
N LEU C 202 -21.84 -11.01 -17.29
CA LEU C 202 -21.23 -11.65 -18.46
C LEU C 202 -19.75 -11.93 -18.24
N ASN C 203 -19.03 -10.98 -17.63
CA ASN C 203 -17.63 -11.22 -17.30
C ASN C 203 -17.48 -12.44 -16.41
N TRP C 204 -18.41 -12.66 -15.49
CA TRP C 204 -18.39 -13.86 -14.67
C TRP C 204 -18.50 -15.11 -15.54
N VAL C 205 -19.39 -15.10 -16.53
CA VAL C 205 -19.56 -16.24 -17.41
C VAL C 205 -18.26 -16.52 -18.17
N GLU C 206 -17.59 -15.46 -18.62
CA GLU C 206 -16.31 -15.62 -19.29
C GLU C 206 -15.28 -16.27 -18.37
N HIS C 207 -15.29 -15.90 -17.09
CA HIS C 207 -14.32 -16.46 -16.16
C HIS C 207 -14.57 -17.95 -15.94
N THR C 208 -15.83 -18.36 -15.90
CA THR C 208 -16.16 -19.76 -15.62
C THR C 208 -15.69 -20.71 -16.72
N ARG C 209 -15.55 -20.23 -17.96
CA ARG C 209 -15.03 -21.09 -19.01
C ARG C 209 -13.52 -21.26 -18.94
N LYS C 210 -12.83 -20.41 -18.16
CA LYS C 210 -11.45 -20.68 -17.82
C LYS C 210 -11.36 -21.94 -16.98
N ALA C 211 -10.44 -22.83 -17.35
CA ALA C 211 -10.24 -24.09 -16.64
C ALA C 211 -9.11 -23.95 -15.63
N LEU C 212 -9.25 -24.67 -14.51
CA LEU C 212 -8.03 -24.71 -13.73
C LEU C 212 -7.23 -25.96 -14.09
N PRO C 213 -5.90 -25.88 -14.06
CA PRO C 213 -5.11 -27.12 -14.07
C PRO C 213 -5.40 -27.92 -12.82
N ALA C 214 -5.83 -29.18 -13.02
CA ALA C 214 -6.07 -30.08 -11.90
C ALA C 214 -4.73 -30.54 -11.32
N SER C 215 -3.71 -29.68 -11.45
CA SER C 215 -2.35 -29.96 -11.03
C SER C 215 -1.73 -28.80 -10.29
N MET C 216 -2.37 -27.64 -10.26
CA MET C 216 -1.82 -26.45 -9.63
C MET C 216 -1.60 -26.68 -8.14
N THR C 217 -0.52 -26.11 -7.62
CA THR C 217 -0.15 -26.23 -6.22
C THR C 217 0.40 -24.89 -5.77
N PHE C 218 0.07 -24.47 -4.54
CA PHE C 218 0.31 -23.12 -4.04
C PHE C 218 1.47 -23.09 -3.04
N ARG C 219 2.42 -22.15 -3.22
CA ARG C 219 3.64 -22.17 -2.41
C ARG C 219 3.46 -21.45 -1.07
N SER C 220 2.85 -20.25 -1.07
CA SER C 220 2.37 -19.67 0.17
C SER C 220 0.86 -19.46 0.11
N PHE C 221 0.32 -19.25 1.30
CA PHE C 221 -1.09 -18.94 1.44
C PHE C 221 -1.45 -17.68 0.67
N ASN C 222 -0.55 -16.69 0.62
CA ASN C 222 -0.83 -15.47 -0.15
C ASN C 222 -1.05 -15.78 -1.63
N GLU C 223 -0.33 -16.75 -2.17
CA GLU C 223 -0.50 -17.13 -3.57
C GLU C 223 -1.89 -17.71 -3.80
N TYR C 224 -2.36 -18.55 -2.88
CA TYR C 224 -3.73 -19.04 -2.97
C TYR C 224 -4.72 -17.89 -2.85
N ILE C 225 -4.43 -16.92 -1.98
CA ILE C 225 -5.33 -15.80 -1.80
C ILE C 225 -5.48 -15.03 -3.10
N ASP C 226 -4.36 -14.67 -3.73
CA ASP C 226 -4.43 -14.00 -5.02
C ASP C 226 -5.18 -14.83 -6.04
N TYR C 227 -5.05 -16.16 -5.98
CA TYR C 227 -5.84 -17.01 -6.86
C TYR C 227 -7.32 -16.98 -6.51
N ARG C 228 -7.66 -17.26 -5.25
CA ARG C 228 -9.07 -17.32 -4.85
C ARG C 228 -9.75 -15.96 -4.98
N ILE C 229 -9.02 -14.87 -4.73
CA ILE C 229 -9.55 -13.55 -5.06
C ILE C 229 -9.93 -13.48 -6.53
N GLY C 230 -9.23 -14.23 -7.39
CA GLY C 230 -9.54 -14.20 -8.81
C GLY C 230 -10.90 -14.78 -9.15
N ASP C 231 -11.31 -15.83 -8.46
CA ASP C 231 -12.66 -16.42 -8.70
C ASP C 231 -13.76 -15.58 -8.02
N PHE C 232 -13.50 -14.31 -7.70
CA PHE C 232 -14.46 -13.52 -6.86
C PHE C 232 -15.69 -12.97 -7.60
N ALA C 233 -15.71 -12.87 -8.94
CA ALA C 233 -16.86 -12.20 -9.61
C ALA C 233 -16.99 -10.78 -9.06
N VAL C 234 -15.87 -10.07 -8.90
CA VAL C 234 -15.85 -8.71 -8.28
C VAL C 234 -16.67 -7.70 -9.10
N ASP C 235 -16.59 -7.77 -10.43
CA ASP C 235 -17.24 -6.71 -11.25
C ASP C 235 -18.75 -6.73 -10.98
N PHE C 236 -19.35 -7.91 -10.86
CA PHE C 236 -20.79 -7.99 -10.51
C PHE C 236 -20.97 -7.48 -9.07
N CYS C 237 -20.15 -7.98 -8.13
CA CYS C 237 -20.32 -7.60 -6.73
C CYS C 237 -20.14 -6.11 -6.52
N ASP C 238 -19.13 -5.51 -7.15
CA ASP C 238 -18.97 -4.07 -7.05
C ASP C 238 -20.20 -3.35 -7.60
N ALA C 239 -20.69 -3.80 -8.76
CA ALA C 239 -21.88 -3.18 -9.33
C ALA C 239 -23.11 -3.42 -8.45
N ALA C 240 -23.17 -4.58 -7.79
CA ALA C 240 -24.31 -4.87 -6.92
C ALA C 240 -24.36 -3.93 -5.72
N ILE C 241 -23.19 -3.62 -5.15
CA ILE C 241 -23.14 -2.63 -4.08
C ILE C 241 -23.67 -1.29 -4.57
N LEU C 242 -23.19 -0.84 -5.74
CA LEU C 242 -23.65 0.41 -6.32
C LEU C 242 -25.16 0.41 -6.49
N LEU C 243 -25.71 -0.66 -7.09
CA LEU C 243 -27.15 -0.73 -7.32
C LEU C 243 -27.92 -0.67 -6.01
N THR C 244 -27.61 -1.59 -5.09
CA THR C 244 -28.36 -1.67 -3.85
C THR C 244 -28.19 -0.40 -3.00
N CYS C 245 -26.99 0.15 -2.97
CA CYS C 245 -26.76 1.38 -2.21
C CYS C 245 -27.22 2.64 -2.94
N GLU C 246 -27.68 2.51 -4.18
CA GLU C 246 -28.18 3.64 -4.96
C GLU C 246 -27.16 4.77 -5.03
N ILE C 247 -25.92 4.39 -5.36
CA ILE C 247 -24.83 5.36 -5.53
C ILE C 247 -24.03 4.92 -6.75
N PHE C 248 -23.21 5.83 -7.26
CA PHE C 248 -22.34 5.53 -8.38
C PHE C 248 -20.91 5.98 -8.10
N LEU C 249 -19.95 5.17 -8.50
CA LEU C 249 -18.54 5.50 -8.38
C LEU C 249 -17.82 5.24 -9.70
N THR C 250 -17.14 6.25 -10.22
CA THR C 250 -16.27 6.06 -11.35
C THR C 250 -15.07 5.19 -10.94
N PRO C 251 -14.34 4.62 -11.90
CA PRO C 251 -13.14 3.85 -11.51
C PRO C 251 -12.13 4.65 -10.73
N ALA C 252 -11.96 5.94 -11.04
CA ALA C 252 -11.06 6.78 -10.25
C ALA C 252 -11.61 7.03 -8.85
N ASP C 253 -12.94 7.11 -8.72
CA ASP C 253 -13.55 7.22 -7.40
C ASP C 253 -13.22 6.02 -6.53
N MET C 254 -13.00 4.86 -7.16
CA MET C 254 -12.68 3.64 -6.42
C MET C 254 -11.22 3.55 -6.03
N GLU C 255 -10.36 4.34 -6.66
CA GLU C 255 -8.92 4.22 -6.43
C GLU C 255 -8.52 4.30 -4.96
N PRO C 256 -9.05 5.21 -4.14
CA PRO C 256 -8.67 5.20 -2.72
C PRO C 256 -9.01 3.91 -1.95
N LEU C 257 -10.10 3.24 -2.32
CA LEU C 257 -10.57 2.08 -1.50
C LEU C 257 -9.98 0.76 -1.97
N ARG C 258 -8.87 0.80 -2.72
CA ARG C 258 -8.30 -0.45 -3.28
C ARG C 258 -7.87 -1.37 -2.13
N LYS C 259 -7.29 -0.81 -1.08
CA LYS C 259 -6.83 -1.62 0.08
C LYS C 259 -8.03 -2.31 0.72
N LEU C 260 -8.97 -1.51 1.25
CA LEU C 260 -10.16 -2.08 1.83
C LEU C 260 -10.83 -3.06 0.88
N HIS C 261 -10.84 -2.75 -0.43
CA HIS C 261 -11.52 -3.61 -1.38
C HIS C 261 -10.89 -5.00 -1.42
N ARG C 262 -9.56 -5.09 -1.45
CA ARG C 262 -8.90 -6.39 -1.45
C ARG C 262 -9.18 -7.14 -0.16
N LEU C 263 -9.18 -6.42 0.96
CA LEU C 263 -9.56 -7.01 2.24
C LEU C 263 -10.96 -7.61 2.16
N TYR C 264 -11.89 -6.89 1.53
CA TYR C 264 -13.26 -7.36 1.43
C TYR C 264 -13.35 -8.62 0.56
N MET C 265 -12.68 -8.63 -0.58
CA MET C 265 -12.65 -9.86 -1.40
C MET C 265 -12.00 -11.00 -0.63
N THR C 266 -10.93 -10.71 0.10
CA THR C 266 -10.25 -11.75 0.86
C THR C 266 -11.17 -12.35 1.92
N HIS C 267 -11.79 -11.49 2.73
CA HIS C 267 -12.71 -11.99 3.76
C HIS C 267 -13.87 -12.77 3.15
N PHE C 268 -14.46 -12.25 2.07
CA PHE C 268 -15.57 -12.93 1.43
C PHE C 268 -15.16 -14.30 0.94
N SER C 269 -14.07 -14.37 0.17
CA SER C 269 -13.62 -15.65 -0.38
C SER C 269 -13.24 -16.62 0.72
N LEU C 270 -12.41 -16.18 1.67
CA LEU C 270 -11.95 -17.10 2.72
C LEU C 270 -13.10 -17.53 3.63
N THR C 271 -14.02 -16.63 3.93
CA THR C 271 -15.21 -17.04 4.69
C THR C 271 -16.02 -18.07 3.92
N ASN C 272 -16.19 -17.85 2.61
CA ASN C 272 -16.92 -18.81 1.80
C ASN C 272 -16.23 -20.17 1.81
N ASP C 273 -14.90 -20.18 1.72
CA ASP C 273 -14.15 -21.45 1.80
C ASP C 273 -14.42 -22.17 3.11
N LEU C 274 -14.32 -21.46 4.24
CA LEU C 274 -14.47 -22.08 5.55
C LEU C 274 -15.82 -22.77 5.69
N TYR C 275 -16.91 -22.06 5.37
CA TYR C 275 -18.24 -22.63 5.55
C TYR C 275 -18.56 -23.70 4.52
N SER C 276 -18.02 -23.58 3.31
CA SER C 276 -18.30 -24.55 2.26
C SER C 276 -17.39 -25.79 2.30
N PHE C 277 -16.36 -25.79 3.15
CA PHE C 277 -15.33 -26.84 3.08
C PHE C 277 -15.90 -28.24 3.28
N ASN C 278 -16.59 -28.47 4.40
CA ASN C 278 -17.14 -29.80 4.67
C ASN C 278 -17.95 -30.25 3.48
N LYS C 279 -18.54 -29.32 2.75
CA LYS C 279 -19.37 -29.78 1.66
C LYS C 279 -18.50 -30.43 0.61
N GLU C 280 -17.35 -29.83 0.31
CA GLU C 280 -16.50 -30.37 -0.73
C GLU C 280 -15.96 -31.74 -0.34
N VAL C 281 -15.57 -31.94 0.92
CA VAL C 281 -15.01 -33.24 1.29
C VAL C 281 -16.05 -34.34 1.11
N VAL C 282 -17.32 -34.07 1.46
CA VAL C 282 -18.38 -35.02 1.13
C VAL C 282 -18.41 -35.26 -0.38
N ALA C 283 -18.42 -34.17 -1.16
CA ALA C 283 -18.39 -34.26 -2.62
C ALA C 283 -17.10 -34.89 -3.15
N GLU C 284 -15.98 -34.74 -2.45
CA GLU C 284 -14.69 -35.29 -2.91
C GLU C 284 -14.69 -36.81 -2.96
N GLN C 285 -15.14 -37.47 -1.90
CA GLN C 285 -15.31 -38.93 -1.83
C GLN C 285 -16.41 -39.48 -2.71
N GLU C 286 -17.54 -38.82 -2.82
CA GLU C 286 -18.61 -39.40 -3.59
C GLU C 286 -18.41 -39.24 -5.09
N THR C 287 -18.41 -37.98 -5.57
CA THR C 287 -18.25 -37.61 -6.98
C THR C 287 -16.82 -37.33 -7.44
N GLY C 288 -15.83 -37.52 -6.57
CA GLY C 288 -14.43 -37.35 -6.97
C GLY C 288 -14.03 -35.97 -7.39
N SER C 289 -14.83 -34.96 -7.08
CA SER C 289 -14.48 -33.60 -7.46
C SER C 289 -13.32 -33.10 -6.62
N ALA C 290 -12.49 -32.26 -7.23
CA ALA C 290 -11.35 -31.70 -6.51
C ALA C 290 -11.84 -30.75 -5.43
N VAL C 291 -11.06 -30.63 -4.36
CA VAL C 291 -11.33 -29.68 -3.28
C VAL C 291 -10.23 -28.63 -3.34
N ILE C 292 -10.60 -27.42 -3.74
CA ILE C 292 -9.67 -26.30 -3.80
C ILE C 292 -10.05 -25.34 -2.70
N ASN C 293 -9.70 -25.68 -1.46
CA ASN C 293 -10.14 -24.93 -0.31
C ASN C 293 -8.95 -24.49 0.54
N ALA C 294 -9.09 -23.31 1.15
CA ALA C 294 -8.02 -22.79 2.00
C ALA C 294 -7.76 -23.70 3.20
N VAL C 295 -8.79 -24.41 3.68
CA VAL C 295 -8.59 -25.39 4.74
C VAL C 295 -7.60 -26.45 4.29
N ARG C 296 -7.85 -27.07 3.13
CA ARG C 296 -6.91 -28.06 2.61
C ARG C 296 -5.56 -27.44 2.33
N VAL C 297 -5.55 -26.23 1.74
CA VAL C 297 -4.31 -25.54 1.49
C VAL C 297 -3.52 -25.33 2.78
N LEU C 298 -4.17 -24.76 3.80
CA LEU C 298 -3.48 -24.52 5.07
C LEU C 298 -3.03 -25.84 5.70
N GLU C 299 -3.87 -26.87 5.62
CA GLU C 299 -3.52 -28.19 6.14
C GLU C 299 -2.18 -28.65 5.59
N GLN C 300 -1.96 -28.50 4.28
CA GLN C 300 -0.70 -28.92 3.68
C GLN C 300 0.42 -27.95 4.01
N LEU C 301 0.20 -26.65 3.81
CA LEU C 301 1.27 -25.66 4.04
C LEU C 301 1.74 -25.70 5.49
N VAL C 302 0.81 -25.68 6.44
CA VAL C 302 1.18 -25.67 7.86
C VAL C 302 1.42 -27.09 8.38
N ASP C 303 1.04 -28.11 7.62
CA ASP C 303 1.17 -29.52 8.02
C ASP C 303 0.56 -29.75 9.40
N THR C 304 -0.75 -29.58 9.44
CA THR C 304 -1.53 -29.72 10.66
C THR C 304 -2.78 -30.54 10.35
N SER C 305 -3.57 -30.84 11.38
CA SER C 305 -4.82 -31.54 11.15
C SER C 305 -5.83 -30.62 10.46
N THR C 306 -6.83 -31.23 9.80
CA THR C 306 -7.86 -30.45 9.12
C THR C 306 -8.68 -29.63 10.10
N ARG C 307 -9.13 -30.24 11.21
CA ARG C 307 -9.88 -29.46 12.19
C ARG C 307 -9.07 -28.29 12.69
N SER C 308 -7.80 -28.53 13.03
CA SER C 308 -6.93 -27.44 13.49
C SER C 308 -6.64 -26.41 12.38
N ALA C 309 -6.60 -26.83 11.11
CA ALA C 309 -6.44 -25.89 10.00
C ALA C 309 -7.63 -24.99 9.87
N LYS C 310 -8.84 -25.53 10.09
CA LYS C 310 -10.03 -24.70 10.07
C LYS C 310 -9.94 -23.61 11.14
N VAL C 311 -9.40 -23.95 12.31
CA VAL C 311 -9.22 -22.95 13.35
C VAL C 311 -8.28 -21.85 12.87
N LEU C 312 -7.21 -22.23 12.17
CA LEU C 312 -6.30 -21.22 11.63
C LEU C 312 -7.00 -20.36 10.58
N LEU C 313 -7.86 -20.95 9.76
CA LEU C 313 -8.58 -20.15 8.79
C LEU C 313 -9.50 -19.15 9.49
N ARG C 314 -10.26 -19.62 10.49
CA ARG C 314 -11.13 -18.73 11.25
C ARG C 314 -10.34 -17.60 11.91
N ALA C 315 -9.19 -17.93 12.51
CA ALA C 315 -8.37 -16.89 13.13
C ALA C 315 -7.84 -15.91 12.09
N PHE C 316 -7.41 -16.44 10.93
CA PHE C 316 -6.99 -15.58 9.84
C PHE C 316 -8.09 -14.58 9.48
N LEU C 317 -9.35 -15.04 9.44
CA LEU C 317 -10.46 -14.16 9.15
C LEU C 317 -10.63 -13.08 10.22
N TRP C 318 -10.41 -13.45 11.48
CA TRP C 318 -10.54 -12.47 12.56
C TRP C 318 -9.53 -11.35 12.40
N ASP C 319 -8.30 -11.70 12.00
CA ASP C 319 -7.30 -10.66 11.75
C ASP C 319 -7.64 -9.82 10.53
N LEU C 320 -8.22 -10.43 9.49
CA LEU C 320 -8.66 -9.65 8.35
C LEU C 320 -9.69 -8.60 8.77
N GLU C 321 -10.57 -8.97 9.69
CA GLU C 321 -11.56 -8.02 10.20
C GLU C 321 -10.90 -6.84 10.91
N LEU C 322 -9.81 -7.09 11.65
CA LEU C 322 -9.07 -5.98 12.23
C LEU C 322 -8.49 -5.08 11.16
N GLN C 323 -7.90 -5.67 10.12
CA GLN C 323 -7.34 -4.86 9.04
C GLN C 323 -8.43 -4.07 8.35
N ILE C 324 -9.60 -4.67 8.15
CA ILE C 324 -10.74 -3.92 7.59
C ILE C 324 -11.06 -2.74 8.49
N HIS C 325 -11.15 -2.99 9.81
CA HIS C 325 -11.46 -1.91 10.74
C HIS C 325 -10.40 -0.82 10.77
N ASP C 326 -9.11 -1.21 10.77
CA ASP C 326 -8.06 -0.21 10.78
C ASP C 326 -8.11 0.65 9.52
N GLU C 327 -8.26 0.02 8.35
CA GLU C 327 -8.31 0.77 7.10
C GLU C 327 -9.54 1.68 7.07
N LEU C 328 -10.67 1.20 7.57
CA LEU C 328 -11.84 2.08 7.68
C LEU C 328 -11.53 3.29 8.55
N THR C 329 -10.87 3.06 9.69
CA THR C 329 -10.49 4.17 10.57
C THR C 329 -9.57 5.14 9.84
N ARG C 330 -8.54 4.61 9.18
CA ARG C 330 -7.64 5.45 8.40
C ARG C 330 -8.40 6.20 7.30
N LEU C 331 -9.29 5.50 6.59
CA LEU C 331 -10.05 6.14 5.53
C LEU C 331 -10.94 7.26 6.08
N LYS C 332 -11.46 7.07 7.29
CA LYS C 332 -12.28 8.10 7.92
C LYS C 332 -11.54 9.43 8.01
N GLY C 333 -10.22 9.36 8.24
CA GLY C 333 -9.42 10.57 8.21
C GLY C 333 -9.32 11.20 6.84
N THR C 334 -9.11 10.38 5.80
CA THR C 334 -8.95 10.89 4.45
C THR C 334 -10.22 11.59 3.95
N ASP C 335 -10.03 12.51 3.02
CA ASP C 335 -11.13 13.24 2.39
C ASP C 335 -11.84 12.30 1.41
N LEU C 336 -13.06 11.91 1.76
CA LEU C 336 -13.85 10.98 0.96
C LEU C 336 -15.21 11.59 0.65
N THR C 337 -15.69 11.36 -0.56
CA THR C 337 -17.06 11.77 -0.87
C THR C 337 -18.06 10.89 -0.12
N PRO C 338 -19.27 11.41 0.14
CA PRO C 338 -20.31 10.56 0.75
C PRO C 338 -20.55 9.24 0.02
N SER C 339 -20.51 9.24 -1.31
CA SER C 339 -20.68 7.98 -2.04
C SER C 339 -19.51 7.04 -1.81
N GLN C 340 -18.29 7.57 -1.79
CA GLN C 340 -17.12 6.75 -1.45
C GLN C 340 -17.26 6.14 -0.07
N TRP C 341 -17.75 6.90 0.90
CA TRP C 341 -17.94 6.36 2.23
C TRP C 341 -19.06 5.33 2.26
N ARG C 342 -20.12 5.57 1.50
CA ARG C 342 -21.20 4.59 1.41
C ARG C 342 -20.71 3.28 0.82
N PHE C 343 -19.83 3.35 -0.18
CA PHE C 343 -19.26 2.14 -0.75
C PHE C 343 -18.36 1.43 0.25
N ALA C 344 -17.54 2.19 0.98
CA ALA C 344 -16.69 1.60 2.00
C ALA C 344 -17.51 0.79 2.99
N ARG C 345 -18.59 1.38 3.50
CA ARG C 345 -19.45 0.68 4.46
C ARG C 345 -20.22 -0.45 3.80
N GLY C 346 -20.57 -0.31 2.51
CA GLY C 346 -21.27 -1.37 1.82
C GLY C 346 -20.46 -2.66 1.74
N MET C 347 -19.16 -2.54 1.51
CA MET C 347 -18.30 -3.72 1.49
C MET C 347 -18.32 -4.43 2.83
N VAL C 348 -18.30 -3.67 3.92
CA VAL C 348 -18.44 -4.25 5.25
C VAL C 348 -19.75 -5.02 5.36
N GLU C 349 -20.83 -4.46 4.79
CA GLU C 349 -22.13 -5.13 4.84
C GLU C 349 -22.15 -6.42 4.02
N VAL C 350 -21.41 -6.48 2.92
CA VAL C 350 -21.32 -7.74 2.17
C VAL C 350 -20.62 -8.80 3.02
N CYS C 351 -19.49 -8.44 3.64
CA CYS C 351 -18.75 -9.39 4.45
C CYS C 351 -19.59 -9.91 5.61
N ALA C 352 -20.20 -9.00 6.37
CA ALA C 352 -21.08 -9.42 7.46
C ALA C 352 -22.23 -10.27 6.95
N GLY C 353 -22.86 -9.84 5.85
CA GLY C 353 -23.96 -10.61 5.28
C GLY C 353 -23.54 -11.97 4.76
N ASN C 354 -22.32 -12.07 4.21
CA ASN C 354 -21.83 -13.35 3.73
C ASN C 354 -21.71 -14.36 4.86
N ILE C 355 -21.18 -13.94 6.01
CA ILE C 355 -21.10 -14.85 7.16
C ILE C 355 -22.48 -15.36 7.53
N PHE C 356 -23.46 -14.46 7.70
CA PHE C 356 -24.79 -14.90 8.09
C PHE C 356 -25.39 -15.85 7.06
N TYR C 357 -25.31 -15.47 5.77
CA TYR C 357 -25.81 -16.36 4.73
C TYR C 357 -25.17 -17.74 4.82
N SER C 358 -23.84 -17.79 4.91
CA SER C 358 -23.13 -19.07 4.98
C SER C 358 -23.52 -19.84 6.23
N ALA C 359 -23.69 -19.15 7.36
CA ALA C 359 -24.09 -19.81 8.60
C ALA C 359 -25.50 -20.37 8.51
N THR C 360 -26.39 -19.69 7.80
CA THR C 360 -27.78 -20.08 7.63
C THR C 360 -28.01 -21.03 6.46
N CYS C 361 -26.97 -21.21 5.63
CA CYS C 361 -27.08 -22.07 4.42
C CYS C 361 -27.17 -23.55 4.81
N LEU C 362 -28.29 -24.21 4.47
CA LEU C 362 -28.49 -25.64 4.82
C LEU C 362 -27.43 -26.52 4.15
N ARG C 363 -27.11 -26.27 2.89
CA ARG C 363 -26.17 -27.19 2.19
C ARG C 363 -24.81 -27.15 2.90
N TYR C 364 -24.40 -25.99 3.39
CA TYR C 364 -23.13 -25.91 4.16
C TYR C 364 -23.33 -26.63 5.50
N ALA C 365 -24.46 -26.40 6.15
CA ALA C 365 -24.71 -26.98 7.49
C ALA C 365 -24.76 -28.51 7.44
N LYS C 366 -25.38 -29.08 6.41
CA LYS C 366 -25.51 -30.55 6.32
C LYS C 366 -25.04 -30.99 4.94
N PRO C 367 -23.89 -31.71 4.80
CA PRO C 367 -23.34 -32.06 3.52
C PRO C 367 -23.51 -33.55 3.22
N MET D 1 -4.06 -14.18 48.98
CA MET D 1 -3.67 -14.34 47.59
C MET D 1 -2.43 -13.52 47.29
N ARG D 2 -1.54 -14.09 46.48
CA ARG D 2 -0.25 -13.45 46.26
C ARG D 2 -0.45 -12.11 45.54
N PRO D 3 0.18 -11.03 46.00
CA PRO D 3 0.06 -9.75 45.30
C PRO D 3 0.50 -9.86 43.85
N ILE D 4 -0.10 -9.03 43.01
CA ILE D 4 0.16 -9.07 41.58
C ILE D 4 1.02 -7.88 41.17
N THR D 5 2.13 -8.18 40.49
CA THR D 5 3.05 -7.20 39.92
C THR D 5 2.55 -6.59 38.61
N CYS D 6 2.15 -7.41 37.64
CA CYS D 6 1.73 -6.87 36.36
C CYS D 6 0.68 -7.78 35.76
N SER D 7 0.01 -7.28 34.71
CA SER D 7 -0.96 -8.10 34.01
C SER D 7 -0.99 -7.70 32.54
N PHE D 8 -0.90 -8.68 31.65
CA PHE D 8 -0.89 -8.36 30.24
C PHE D 8 -1.39 -9.55 29.42
N ASP D 9 -1.82 -9.24 28.20
CA ASP D 9 -2.19 -10.25 27.22
C ASP D 9 -1.47 -9.89 25.92
N PRO D 10 -0.59 -10.75 25.42
CA PRO D 10 0.11 -10.44 24.15
C PRO D 10 -0.84 -10.20 22.99
N VAL D 11 -1.95 -10.93 22.91
CA VAL D 11 -2.86 -10.77 21.78
C VAL D 11 -3.86 -9.67 22.11
N GLY D 12 -4.82 -9.97 22.96
CA GLY D 12 -5.85 -9.02 23.35
C GLY D 12 -7.26 -9.46 23.04
N ILE D 13 -7.48 -10.55 22.34
CA ILE D 13 -8.83 -10.98 22.00
C ILE D 13 -9.33 -11.89 23.09
N SER D 14 -10.61 -11.75 23.42
CA SER D 14 -11.25 -12.50 24.48
C SER D 14 -11.99 -13.71 23.91
N PHE D 15 -12.18 -14.71 24.75
CA PHE D 15 -12.86 -15.91 24.29
C PHE D 15 -14.36 -15.66 24.37
N GLN D 16 -15.11 -16.29 23.46
CA GLN D 16 -16.60 -16.23 23.54
C GLN D 16 -17.07 -17.68 23.43
N THR D 17 -18.08 -18.07 24.19
CA THR D 17 -18.42 -19.51 24.20
C THR D 17 -19.73 -19.82 23.49
N GLU D 18 -19.69 -20.71 22.51
CA GLU D 18 -20.94 -21.19 21.86
C GLU D 18 -21.35 -22.47 22.60
N SER D 19 -20.54 -22.90 23.58
CA SER D 19 -20.81 -24.17 24.32
C SER D 19 -20.70 -23.95 25.83
N LYS D 20 -21.45 -24.72 26.63
CA LYS D 20 -21.49 -24.52 28.10
C LYS D 20 -20.13 -24.75 28.76
N GLN D 21 -19.37 -25.77 28.32
CA GLN D 21 -18.07 -26.11 28.97
C GLN D 21 -18.36 -26.59 30.40
N GLU D 22 -19.23 -27.58 30.54
CA GLU D 22 -19.61 -28.12 31.84
C GLU D 22 -18.45 -28.79 32.58
N ASN D 23 -17.57 -29.51 31.87
CA ASN D 23 -16.45 -30.18 32.54
C ASN D 23 -15.47 -29.22 33.16
N PHE D 24 -15.43 -28.00 32.68
CA PHE D 24 -14.58 -27.03 33.34
C PHE D 24 -15.26 -26.41 34.53
N GLU D 25 -16.55 -26.65 34.76
CA GLU D 25 -17.15 -25.59 35.56
C GLU D 25 -16.75 -25.75 37.02
N PHE D 26 -16.18 -26.90 37.39
CA PHE D 26 -15.68 -27.06 38.76
C PHE D 26 -14.80 -25.88 39.13
N LEU D 27 -14.13 -25.30 38.14
CA LEU D 27 -13.44 -24.04 38.39
C LEU D 27 -14.43 -22.94 38.78
N ARG D 28 -15.61 -22.82 38.14
CA ARG D 28 -16.55 -21.84 38.69
C ARG D 28 -16.91 -22.17 40.12
N GLU D 29 -17.35 -23.41 40.30
CA GLU D 29 -17.85 -23.91 41.56
C GLU D 29 -16.94 -23.51 42.70
N ALA D 30 -15.63 -23.57 42.46
CA ALA D 30 -14.64 -23.34 43.50
C ALA D 30 -14.51 -21.89 43.91
N ILE D 31 -14.92 -20.92 43.07
CA ILE D 31 -14.90 -19.53 43.51
C ILE D 31 -15.86 -19.31 44.67
N SER D 32 -17.07 -19.85 44.54
CA SER D 32 -18.10 -19.60 45.54
C SER D 32 -18.15 -20.67 46.63
N ARG D 33 -18.08 -21.94 46.22
CA ARG D 33 -18.25 -23.03 47.21
C ARG D 33 -17.02 -23.93 47.24
N SER D 34 -16.88 -24.75 48.28
CA SER D 34 -15.74 -25.70 48.32
C SER D 34 -15.89 -26.72 47.19
N VAL D 35 -14.78 -27.06 46.53
CA VAL D 35 -14.80 -28.08 45.46
C VAL D 35 -13.81 -29.16 45.88
N PRO D 36 -14.12 -30.47 45.79
CA PRO D 36 -13.20 -31.47 46.28
C PRO D 36 -11.91 -31.36 45.46
N GLY D 37 -10.76 -31.45 46.13
CA GLY D 37 -9.47 -31.29 45.43
C GLY D 37 -8.96 -29.87 45.54
N LEU D 38 -9.85 -28.88 45.69
CA LEU D 38 -9.39 -27.50 45.69
C LEU D 38 -9.37 -26.89 47.10
N GLU D 39 -9.41 -27.75 48.13
CA GLU D 39 -9.45 -27.29 49.51
C GLU D 39 -8.20 -26.52 49.92
N ASN D 40 -7.08 -26.70 49.21
CA ASN D 40 -5.84 -26.03 49.56
C ASN D 40 -5.55 -24.81 48.69
N CYS D 41 -6.49 -24.39 47.84
CA CYS D 41 -6.26 -23.28 46.92
C CYS D 41 -7.36 -22.24 47.06
N ASN D 42 -6.98 -20.99 46.80
CA ASN D 42 -7.94 -19.93 46.54
C ASN D 42 -8.24 -19.90 45.05
N VAL D 43 -9.50 -20.10 44.69
CA VAL D 43 -9.92 -20.15 43.30
C VAL D 43 -10.64 -18.85 42.97
N PHE D 44 -10.20 -18.20 41.90
CA PHE D 44 -10.74 -16.85 41.60
C PHE D 44 -10.81 -16.63 40.10
N ASP D 45 -11.29 -15.46 39.70
CA ASP D 45 -11.28 -15.09 38.27
C ASP D 45 -10.20 -14.03 38.08
N PRO D 46 -9.25 -14.22 37.16
CA PRO D 46 -8.16 -13.27 36.92
C PRO D 46 -8.73 -11.93 36.44
N ARG D 47 -9.79 -11.96 35.64
CA ARG D 47 -10.35 -10.71 35.05
C ARG D 47 -10.77 -9.78 36.18
N SER D 48 -11.33 -10.34 37.27
CA SER D 48 -11.79 -9.50 38.40
C SER D 48 -10.60 -8.73 38.98
N LEU D 49 -9.43 -9.35 39.08
CA LEU D 49 -8.22 -8.60 39.55
C LEU D 49 -7.59 -7.84 38.38
N GLY D 50 -8.37 -7.49 37.35
CA GLY D 50 -7.86 -6.70 36.25
C GLY D 50 -6.85 -7.42 35.38
N VAL D 51 -6.71 -8.73 35.52
CA VAL D 51 -5.78 -9.50 34.70
C VAL D 51 -6.49 -9.94 33.43
N PRO D 52 -5.91 -9.68 32.26
CA PRO D 52 -6.52 -10.20 31.03
C PRO D 52 -6.58 -11.71 31.06
N TRP D 53 -7.76 -12.25 30.78
CA TRP D 53 -8.04 -13.68 30.94
C TRP D 53 -8.61 -14.24 29.64
N PRO D 54 -7.77 -14.37 28.59
CA PRO D 54 -8.25 -14.83 27.28
C PRO D 54 -8.29 -16.35 27.16
N THR D 55 -9.12 -16.98 27.99
CA THR D 55 -9.18 -18.44 28.05
C THR D 55 -10.63 -18.87 28.22
N SER D 56 -10.93 -20.08 27.74
CA SER D 56 -12.20 -20.72 28.07
C SER D 56 -12.25 -21.22 29.51
N PHE D 57 -11.10 -21.44 30.15
CA PHE D 57 -11.09 -21.87 31.55
C PHE D 57 -11.76 -20.79 32.39
N PRO D 58 -12.81 -21.12 33.14
CA PRO D 58 -13.56 -20.07 33.85
C PRO D 58 -12.81 -19.45 35.01
N ALA D 59 -11.92 -20.19 35.67
CA ALA D 59 -11.23 -19.67 36.84
C ALA D 59 -9.80 -20.19 36.85
N ALA D 60 -8.99 -19.60 37.73
CA ALA D 60 -7.63 -20.06 38.02
C ALA D 60 -7.48 -20.27 39.52
N ALA D 61 -6.71 -21.29 39.88
CA ALA D 61 -6.53 -21.67 41.27
C ALA D 61 -5.07 -21.49 41.67
N GLN D 62 -4.85 -20.88 42.83
CA GLN D 62 -3.52 -20.66 43.39
C GLN D 62 -3.51 -21.14 44.83
N SER D 63 -2.42 -21.80 45.23
CA SER D 63 -2.32 -22.37 46.56
C SER D 63 -2.40 -21.31 47.65
N LYS D 64 -3.11 -21.63 48.73
CA LYS D 64 -3.21 -20.70 49.85
C LYS D 64 -1.95 -20.63 50.69
N TYR D 65 -0.99 -21.54 50.48
CA TYR D 65 0.23 -21.59 51.26
C TYR D 65 1.43 -21.00 50.51
N TRP D 66 1.18 -19.97 49.70
CA TRP D 66 2.27 -19.31 48.98
C TRP D 66 3.20 -18.57 49.91
N LYS D 67 2.70 -18.06 51.04
CA LYS D 67 3.57 -17.37 51.98
C LYS D 67 4.61 -18.32 52.56
N ASP D 68 4.21 -19.56 52.83
CA ASP D 68 5.17 -20.58 53.25
C ASP D 68 6.19 -20.85 52.15
N ALA D 69 5.72 -20.93 50.90
CA ALA D 69 6.64 -21.12 49.78
C ALA D 69 7.58 -19.94 49.65
N GLU D 70 7.08 -18.74 49.95
CA GLU D 70 7.93 -17.56 49.98
C GLU D 70 9.04 -17.74 51.01
N GLU D 71 8.70 -18.32 52.17
CA GLU D 71 9.68 -18.56 53.23
C GLU D 71 10.72 -19.60 52.82
N ALA D 72 10.25 -20.75 52.32
CA ALA D 72 11.16 -21.85 52.01
C ALA D 72 12.16 -21.47 50.93
N ALA D 73 11.69 -20.83 49.85
CA ALA D 73 12.58 -20.40 48.79
C ALA D 73 13.63 -19.43 49.32
N ALA D 74 13.23 -18.52 50.21
CA ALA D 74 14.19 -17.59 50.78
C ALA D 74 15.30 -18.33 51.55
N GLU D 75 14.91 -19.33 52.36
CA GLU D 75 15.91 -20.11 53.09
C GLU D 75 16.90 -20.77 52.15
N LEU D 76 16.39 -21.54 51.18
CA LEU D 76 17.27 -22.24 50.24
C LEU D 76 18.22 -21.29 49.55
N MET D 77 17.72 -20.14 49.11
CA MET D 77 18.60 -19.17 48.47
C MET D 77 19.76 -18.77 49.38
N ASP D 78 19.48 -18.55 50.66
CA ASP D 78 20.54 -18.12 51.58
C ASP D 78 21.61 -19.19 51.74
N GLN D 79 21.22 -20.46 51.84
CA GLN D 79 22.21 -21.53 51.88
C GLN D 79 23.07 -21.55 50.62
N ILE D 80 22.44 -21.38 49.45
CA ILE D 80 23.18 -21.47 48.20
C ILE D 80 24.22 -20.35 48.10
N VAL D 81 23.82 -19.12 48.40
CA VAL D 81 24.75 -17.99 48.27
C VAL D 81 25.78 -18.02 49.39
N ALA D 82 25.65 -18.98 50.30
CA ALA D 82 26.61 -19.14 51.39
C ALA D 82 27.68 -20.17 51.07
N ALA D 83 27.42 -21.07 50.11
CA ALA D 83 28.33 -22.18 49.82
C ALA D 83 29.40 -21.81 48.79
N ALA D 84 29.09 -20.93 47.85
CA ALA D 84 30.05 -20.46 46.84
C ALA D 84 30.87 -21.58 46.21
N LYS D 101 22.24 -6.63 39.20
CA LYS D 101 23.18 -7.34 40.07
C LYS D 101 22.41 -8.28 40.99
N ALA D 102 21.97 -7.75 42.13
CA ALA D 102 21.10 -8.45 43.06
C ALA D 102 19.69 -8.64 42.49
N ALA D 103 19.37 -7.95 41.39
CA ALA D 103 18.06 -8.04 40.78
C ALA D 103 17.70 -9.49 40.42
N LYS D 104 18.69 -10.26 39.99
CA LYS D 104 18.41 -11.63 39.53
C LYS D 104 17.86 -12.44 40.71
N ARG D 105 18.46 -12.30 41.89
CA ARG D 105 18.02 -13.15 43.02
C ARG D 105 16.57 -12.84 43.38
N ARG D 106 16.20 -11.56 43.41
CA ARG D 106 14.80 -11.19 43.72
C ARG D 106 13.88 -11.74 42.62
N GLU D 107 14.29 -11.61 41.37
CA GLU D 107 13.47 -12.13 40.25
C GLU D 107 13.37 -13.65 40.37
N LEU D 108 14.48 -14.31 40.69
CA LEU D 108 14.49 -15.79 40.79
C LEU D 108 13.56 -16.22 41.92
N LEU D 109 13.61 -15.49 43.03
CA LEU D 109 12.74 -15.84 44.18
C LEU D 109 11.28 -15.66 43.77
N ASP D 110 10.98 -14.60 43.03
CA ASP D 110 9.58 -14.32 42.62
C ASP D 110 9.09 -15.48 41.75
N THR D 111 9.76 -15.73 40.62
CA THR D 111 9.30 -16.80 39.72
C THR D 111 9.27 -18.15 40.42
N SER D 112 10.23 -18.40 41.31
CA SER D 112 10.26 -19.67 42.05
C SER D 112 9.01 -19.87 42.90
N VAL D 113 8.36 -18.79 43.33
CA VAL D 113 7.11 -18.92 44.06
C VAL D 113 5.90 -18.84 43.15
N SER D 114 5.91 -17.89 42.19
CA SER D 114 4.73 -17.65 41.37
C SER D 114 4.36 -18.88 40.54
N ALA D 115 5.35 -19.49 39.88
CA ALA D 115 5.06 -20.62 39.00
C ALA D 115 4.43 -21.79 39.76
N PRO D 116 5.11 -22.45 40.71
CA PRO D 116 4.52 -23.68 41.26
C PRO D 116 3.23 -23.44 42.04
N MET D 117 3.11 -22.29 42.72
CA MET D 117 1.86 -22.01 43.45
C MET D 117 0.66 -21.93 42.51
N ASN D 118 0.84 -21.32 41.34
CA ASN D 118 -0.25 -21.26 40.38
C ASN D 118 -0.38 -22.57 39.60
N MET D 119 0.74 -23.11 39.11
CA MET D 119 0.68 -24.32 38.30
C MET D 119 0.21 -25.52 39.13
N PHE D 120 0.55 -25.57 40.41
CA PHE D 120 0.26 -26.71 41.28
C PHE D 120 -0.45 -26.21 42.52
N PRO D 121 -1.72 -25.81 42.39
CA PRO D 121 -2.39 -25.07 43.48
C PRO D 121 -2.83 -25.93 44.66
N ALA D 122 -2.94 -27.25 44.50
CA ALA D 122 -3.43 -28.09 45.59
C ALA D 122 -2.42 -28.26 46.74
N ALA D 123 -1.28 -27.58 46.70
CA ALA D 123 -0.22 -27.83 47.68
C ALA D 123 -0.60 -27.31 49.06
N ASN D 124 -0.48 -28.18 50.08
CA ASN D 124 -0.58 -27.74 51.46
C ASN D 124 0.70 -27.00 51.87
N ALA D 125 0.74 -26.55 53.12
CA ALA D 125 1.88 -25.79 53.64
C ALA D 125 3.21 -26.53 53.44
N PRO D 126 3.38 -27.77 53.91
CA PRO D 126 4.65 -28.47 53.63
C PRO D 126 4.90 -28.72 52.15
N ARG D 127 3.88 -29.19 51.41
CA ARG D 127 4.10 -29.46 49.99
C ARG D 127 4.39 -28.18 49.19
N ALA D 128 3.79 -27.04 49.56
CA ALA D 128 4.12 -25.76 48.92
C ALA D 128 5.58 -25.45 49.13
N ARG D 129 6.06 -25.80 50.31
CA ARG D 129 7.46 -25.69 50.69
C ARG D 129 8.39 -26.49 49.79
N ILE D 130 8.05 -27.75 49.53
CA ILE D 130 8.91 -28.56 48.68
C ILE D 130 8.96 -27.98 47.28
N MET D 131 7.79 -27.57 46.76
CA MET D 131 7.71 -27.06 45.40
C MET D 131 8.50 -25.78 45.21
N ALA D 132 8.43 -24.85 46.16
CA ALA D 132 9.20 -23.62 46.03
C ALA D 132 10.70 -23.92 45.99
N LYS D 133 11.17 -24.82 46.85
CA LYS D 133 12.58 -25.20 46.82
C LYS D 133 12.92 -25.89 45.50
N ALA D 134 12.07 -26.82 45.05
CA ALA D 134 12.30 -27.49 43.78
C ALA D 134 12.31 -26.49 42.63
N ALA D 135 11.34 -25.57 42.62
CA ALA D 135 11.30 -24.57 41.55
C ALA D 135 12.56 -23.72 41.57
N LEU D 136 13.01 -23.31 42.76
CA LEU D 136 14.22 -22.50 42.85
C LEU D 136 15.39 -23.24 42.22
N LEU D 137 15.56 -24.52 42.57
CA LEU D 137 16.65 -25.30 42.01
C LEU D 137 16.59 -25.34 40.48
N ILE D 138 15.40 -25.65 39.94
CA ILE D 138 15.24 -25.70 38.48
C ILE D 138 15.52 -24.33 37.87
N PHE D 139 14.94 -23.28 38.43
CA PHE D 139 15.06 -21.95 37.82
C PHE D 139 16.50 -21.43 37.87
N MET D 140 17.23 -21.66 38.98
CA MET D 140 18.63 -21.27 39.02
C MET D 140 19.45 -22.03 37.98
N HIS D 141 19.06 -23.28 37.71
CA HIS D 141 19.80 -24.09 36.70
C HIS D 141 19.55 -23.50 35.30
N ASP D 142 18.29 -23.19 35.01
CA ASP D 142 17.93 -22.67 33.67
C ASP D 142 18.64 -21.32 33.43
N ASP D 143 18.69 -20.47 34.46
CA ASP D 143 19.32 -19.14 34.31
C ASP D 143 20.80 -19.34 33.97
N VAL D 144 21.45 -20.31 34.62
CA VAL D 144 22.89 -20.59 34.39
C VAL D 144 23.07 -21.04 32.92
N CYS D 145 22.16 -21.87 32.43
CA CYS D 145 22.28 -22.40 31.05
C CYS D 145 22.17 -21.24 30.05
N ASP D 171 34.04 -27.36 48.71
CA ASP D 171 32.80 -26.61 48.50
C ASP D 171 31.75 -27.45 47.78
N ILE D 172 32.20 -28.34 46.89
CA ILE D 172 31.28 -29.22 46.14
C ILE D 172 30.42 -30.03 47.11
N LEU D 173 31.06 -30.66 48.09
CA LEU D 173 30.37 -31.51 49.05
C LEU D 173 29.35 -30.73 49.86
N TRP D 174 29.61 -29.45 50.11
CA TRP D 174 28.64 -28.59 50.78
C TRP D 174 27.36 -28.43 49.96
N GLN D 175 27.49 -28.03 48.69
CA GLN D 175 26.33 -27.85 47.84
C GLN D 175 25.56 -29.16 47.72
N ASN D 176 26.29 -30.27 47.61
CA ASN D 176 25.65 -31.58 47.55
C ASN D 176 24.86 -31.89 48.80
N ARG D 177 25.32 -31.42 49.96
CA ARG D 177 24.59 -31.67 51.19
C ARG D 177 23.25 -30.94 51.21
N ILE D 178 23.19 -29.75 50.59
CA ILE D 178 21.92 -29.02 50.51
C ILE D 178 20.89 -29.82 49.72
N PHE D 179 21.28 -30.33 48.56
CA PHE D 179 20.36 -31.14 47.77
C PHE D 179 19.99 -32.41 48.52
N LYS D 180 20.95 -32.99 49.24
CA LYS D 180 20.68 -34.19 50.03
C LYS D 180 19.60 -33.97 51.08
N GLU D 181 19.70 -32.86 51.85
CA GLU D 181 18.65 -32.57 52.82
C GLU D 181 17.31 -32.32 52.14
N PHE D 182 17.32 -31.61 51.02
CA PHE D 182 16.09 -31.39 50.25
C PHE D 182 15.48 -32.71 49.80
N SER D 183 16.31 -33.64 49.33
CA SER D 183 15.79 -34.96 48.95
C SER D 183 15.17 -35.66 50.14
N GLU D 184 15.86 -35.65 51.28
CA GLU D 184 15.33 -36.31 52.46
C GLU D 184 14.09 -35.61 52.97
N GLU D 185 14.12 -34.28 53.00
CA GLU D 185 12.93 -33.50 53.35
C GLU D 185 11.74 -33.87 52.47
N THR D 186 11.97 -34.03 51.15
CA THR D 186 10.90 -34.39 50.22
C THR D 186 10.40 -35.80 50.47
N ASN D 187 11.32 -36.78 50.48
CA ASN D 187 10.94 -38.16 50.66
C ASN D 187 10.28 -38.36 52.01
N ARG D 188 10.50 -37.43 52.92
CA ARG D 188 9.99 -37.71 54.25
C ARG D 188 8.53 -37.22 54.36
N GLU D 189 8.15 -36.26 53.53
CA GLU D 189 6.76 -35.87 53.36
C GLU D 189 5.99 -36.92 52.59
N ASP D 190 6.50 -37.29 51.41
CA ASP D 190 5.85 -38.26 50.53
C ASP D 190 6.86 -39.32 50.14
N PRO D 191 6.88 -40.45 50.85
CA PRO D 191 7.81 -41.53 50.50
C PRO D 191 7.53 -42.20 49.17
N VAL D 192 6.29 -42.19 48.67
CA VAL D 192 6.07 -42.93 47.39
C VAL D 192 6.32 -42.00 46.19
N VAL D 193 5.59 -40.90 46.08
CA VAL D 193 5.75 -39.90 44.97
C VAL D 193 7.13 -39.23 45.00
N GLY D 194 7.70 -38.96 46.18
CA GLY D 194 8.91 -38.12 46.27
C GLY D 194 10.14 -38.63 45.53
N PRO D 195 10.50 -39.93 45.47
CA PRO D 195 11.68 -40.31 44.70
C PRO D 195 11.53 -39.96 43.21
N GLN D 196 10.35 -40.17 42.63
CA GLN D 196 10.10 -39.77 41.22
C GLN D 196 10.21 -38.25 41.11
N PHE D 197 9.72 -37.52 42.11
CA PHE D 197 9.72 -36.04 42.07
C PHE D 197 11.16 -35.54 41.99
N LEU D 198 12.05 -36.17 42.77
CA LEU D 198 13.48 -35.76 42.75
C LEU D 198 14.13 -36.29 41.47
N GLN D 199 13.77 -37.50 41.05
CA GLN D 199 14.32 -38.04 39.81
C GLN D 199 13.88 -37.22 38.61
N GLY D 200 12.65 -36.69 38.65
CA GLY D 200 12.19 -35.82 37.58
C GLY D 200 13.02 -34.55 37.47
N ILE D 201 13.45 -34.00 38.61
CA ILE D 201 14.34 -32.83 38.57
C ILE D 201 15.62 -33.18 37.84
N LEU D 202 16.23 -34.30 38.21
CA LEU D 202 17.50 -34.67 37.61
C LEU D 202 17.34 -34.97 36.12
N ASN D 203 16.27 -35.67 35.75
CA ASN D 203 16.02 -35.94 34.34
C ASN D 203 15.93 -34.66 33.53
N TRP D 204 15.35 -33.61 34.10
CA TRP D 204 15.33 -32.32 33.41
C TRP D 204 16.74 -31.79 33.20
N VAL D 205 17.61 -31.92 34.20
CA VAL D 205 18.98 -31.42 34.10
C VAL D 205 19.73 -32.08 32.94
N GLU D 206 19.55 -33.40 32.78
CA GLU D 206 20.21 -34.11 31.69
C GLU D 206 19.78 -33.64 30.31
N HIS D 207 18.51 -33.39 30.10
CA HIS D 207 18.02 -33.17 28.75
C HIS D 207 18.45 -31.85 28.12
N THR D 208 18.88 -30.84 28.89
CA THR D 208 19.39 -29.64 28.23
C THR D 208 20.64 -29.91 27.40
N THR D 217 14.82 -23.19 11.16
CA THR D 217 13.43 -22.95 10.75
C THR D 217 12.67 -24.27 10.63
N PHE D 218 11.41 -24.25 11.01
CA PHE D 218 10.59 -25.46 11.15
C PHE D 218 9.63 -25.56 9.97
N ARG D 219 9.61 -26.73 9.32
CA ARG D 219 8.79 -26.90 8.13
C ARG D 219 7.35 -27.26 8.47
N SER D 220 7.11 -28.05 9.51
CA SER D 220 5.76 -28.45 9.88
C SER D 220 5.42 -27.96 11.28
N PHE D 221 4.21 -27.44 11.46
CA PHE D 221 3.77 -27.03 12.79
C PHE D 221 3.58 -28.25 13.70
N ASN D 222 3.06 -29.35 13.15
CA ASN D 222 2.98 -30.57 13.94
C ASN D 222 4.36 -31.05 14.32
N GLU D 223 5.35 -30.84 13.47
CA GLU D 223 6.72 -31.17 13.81
C GLU D 223 7.21 -30.29 14.94
N TYR D 224 6.91 -28.99 14.86
CA TYR D 224 7.28 -28.09 15.96
C TYR D 224 6.61 -28.51 17.26
N ILE D 225 5.36 -28.95 17.18
CA ILE D 225 4.67 -29.35 18.40
C ILE D 225 5.39 -30.54 19.05
N ASP D 226 5.68 -31.57 18.25
CA ASP D 226 6.38 -32.75 18.75
C ASP D 226 7.71 -32.39 19.42
N TYR D 227 8.41 -31.40 18.87
CA TYR D 227 9.64 -30.95 19.50
C TYR D 227 9.34 -30.30 20.84
N ARG D 228 8.39 -29.36 20.87
CA ARG D 228 8.08 -28.64 22.10
C ARG D 228 7.53 -29.58 23.18
N ILE D 229 6.75 -30.59 22.78
CA ILE D 229 6.35 -31.60 23.75
C ILE D 229 7.58 -32.20 24.42
N GLY D 230 8.63 -32.38 23.62
CA GLY D 230 9.85 -33.00 24.11
C GLY D 230 10.57 -32.16 25.14
N ASP D 231 10.61 -30.85 24.95
CA ASP D 231 11.33 -29.97 25.87
C ASP D 231 10.53 -29.77 27.15
N PHE D 232 9.56 -30.64 27.37
CA PHE D 232 8.65 -30.53 28.50
C PHE D 232 9.19 -31.34 29.67
N ALA D 233 9.35 -30.70 30.82
CA ALA D 233 9.82 -31.39 32.02
C ALA D 233 8.72 -32.31 32.51
N VAL D 234 8.39 -33.34 31.72
CA VAL D 234 7.20 -34.15 31.97
C VAL D 234 7.33 -34.93 33.28
N ASP D 235 8.48 -35.57 33.50
CA ASP D 235 8.68 -36.38 34.71
C ASP D 235 8.40 -35.56 35.96
N PHE D 236 8.97 -34.36 36.03
CA PHE D 236 8.80 -33.51 37.21
C PHE D 236 7.35 -33.05 37.35
N CYS D 237 6.76 -32.54 36.26
CA CYS D 237 5.40 -32.00 36.33
C CYS D 237 4.40 -33.07 36.76
N ASP D 238 4.48 -34.25 36.17
CA ASP D 238 3.59 -35.33 36.58
C ASP D 238 3.77 -35.66 38.06
N ALA D 239 5.03 -35.72 38.50
CA ALA D 239 5.30 -35.99 39.91
C ALA D 239 4.82 -34.85 40.81
N ALA D 240 4.92 -33.61 40.32
CA ALA D 240 4.46 -32.46 41.11
C ALA D 240 2.93 -32.49 41.26
N ILE D 241 2.22 -32.87 40.21
CA ILE D 241 0.77 -33.05 40.34
C ILE D 241 0.47 -34.10 41.39
N LEU D 242 1.13 -35.25 41.29
CA LEU D 242 0.94 -36.33 42.25
C LEU D 242 1.19 -35.85 43.68
N LEU D 243 2.33 -35.18 43.88
CA LEU D 243 2.70 -34.69 45.22
C LEU D 243 1.66 -33.71 45.76
N THR D 244 1.34 -32.67 44.98
CA THR D 244 0.42 -31.64 45.45
C THR D 244 -0.98 -32.21 45.67
N CYS D 245 -1.44 -33.09 44.78
CA CYS D 245 -2.76 -33.69 44.95
C CYS D 245 -2.77 -34.79 46.00
N GLU D 246 -1.61 -35.14 46.57
CA GLU D 246 -1.50 -36.17 47.59
C GLU D 246 -2.14 -37.47 47.13
N ILE D 247 -1.79 -37.86 45.91
CA ILE D 247 -2.24 -39.09 45.29
C ILE D 247 -1.05 -39.69 44.55
N PHE D 248 -1.16 -40.98 44.23
CA PHE D 248 -0.13 -41.67 43.46
C PHE D 248 -0.78 -42.46 42.34
N LEU D 249 -0.16 -42.43 41.16
CA LEU D 249 -0.58 -43.21 40.01
C LEU D 249 0.64 -43.92 39.45
N THR D 250 0.55 -45.24 39.33
CA THR D 250 1.57 -46.01 38.64
C THR D 250 1.55 -45.66 37.15
N PRO D 251 2.63 -45.99 36.42
CA PRO D 251 2.61 -45.74 34.97
C PRO D 251 1.45 -46.40 34.25
N ALA D 252 1.04 -47.59 34.68
CA ALA D 252 -0.13 -48.22 34.08
C ALA D 252 -1.41 -47.47 34.44
N ASP D 253 -1.47 -46.90 35.65
CA ASP D 253 -2.59 -46.05 36.03
C ASP D 253 -2.70 -44.84 35.11
N MET D 254 -1.57 -44.40 34.56
CA MET D 254 -1.56 -43.24 33.68
C MET D 254 -2.03 -43.59 32.28
N GLU D 255 -2.02 -44.88 31.93
CA GLU D 255 -2.34 -45.27 30.52
C GLU D 255 -3.59 -44.55 29.97
N PRO D 256 -4.75 -44.53 30.66
CA PRO D 256 -5.98 -43.91 30.14
C PRO D 256 -5.89 -42.40 29.88
N LEU D 257 -5.18 -41.65 30.73
CA LEU D 257 -5.16 -40.16 30.66
C LEU D 257 -4.12 -39.63 29.67
N ARG D 258 -3.39 -40.50 28.98
CA ARG D 258 -2.27 -40.03 28.12
C ARG D 258 -2.75 -39.08 27.02
N LYS D 259 -3.89 -39.33 26.37
CA LYS D 259 -4.29 -38.39 25.29
C LYS D 259 -4.51 -36.99 25.87
N LEU D 260 -5.16 -36.90 27.03
CA LEU D 260 -5.34 -35.59 27.72
C LEU D 260 -3.97 -35.07 28.12
N HIS D 261 -3.10 -35.96 28.59
CA HIS D 261 -1.74 -35.55 29.04
C HIS D 261 -1.01 -34.87 27.89
N ARG D 262 -1.14 -35.43 26.68
CA ARG D 262 -0.48 -34.76 25.56
C ARG D 262 -1.14 -33.42 25.23
N LEU D 263 -2.48 -33.36 25.27
CA LEU D 263 -3.16 -32.09 25.08
C LEU D 263 -2.69 -31.06 26.10
N TYR D 264 -2.55 -31.49 27.34
CA TYR D 264 -2.09 -30.60 28.41
C TYR D 264 -0.66 -30.14 28.14
N MET D 265 0.21 -31.05 27.71
CA MET D 265 1.59 -30.66 27.37
C MET D 265 1.62 -29.66 26.23
N THR D 266 0.78 -29.86 25.22
CA THR D 266 0.71 -28.92 24.10
C THR D 266 0.22 -27.55 24.56
N HIS D 267 -0.90 -27.52 25.29
CA HIS D 267 -1.43 -26.24 25.78
C HIS D 267 -0.40 -25.53 26.64
N PHE D 268 0.27 -26.26 27.53
CA PHE D 268 1.29 -25.65 28.38
C PHE D 268 2.41 -25.03 27.54
N SER D 269 2.98 -25.81 26.62
CA SER D 269 4.11 -25.33 25.83
C SER D 269 3.71 -24.15 24.96
N LEU D 270 2.60 -24.28 24.23
CA LEU D 270 2.18 -23.22 23.32
C LEU D 270 1.78 -21.95 24.08
N THR D 271 1.15 -22.11 25.25
CA THR D 271 0.79 -20.92 26.07
C THR D 271 2.07 -20.20 26.47
N ASN D 272 3.06 -20.97 26.93
CA ASN D 272 4.33 -20.35 27.38
C ASN D 272 4.96 -19.66 26.17
N ASP D 273 4.90 -20.30 25.01
CA ASP D 273 5.54 -19.69 23.81
C ASP D 273 4.88 -18.36 23.50
N LEU D 274 3.54 -18.28 23.53
CA LEU D 274 2.89 -17.01 23.12
C LEU D 274 3.29 -15.87 24.07
N TYR D 275 3.23 -16.12 25.37
CA TYR D 275 3.58 -15.07 26.36
C TYR D 275 5.07 -14.69 26.27
N SER D 276 5.94 -15.69 26.13
CA SER D 276 7.40 -15.44 26.02
C SER D 276 7.75 -14.67 24.75
N PHE D 277 7.08 -14.98 23.64
CA PHE D 277 7.45 -14.38 22.33
C PHE D 277 8.01 -12.96 22.43
N ASN D 278 7.30 -12.03 23.07
CA ASN D 278 7.79 -10.62 23.00
C ASN D 278 9.19 -10.55 23.60
N LYS D 279 9.44 -11.26 24.70
CA LYS D 279 10.78 -11.24 25.34
C LYS D 279 11.80 -11.84 24.37
N GLU D 280 11.44 -12.92 23.68
CA GLU D 280 12.37 -13.56 22.71
C GLU D 280 12.67 -12.59 21.56
N VAL D 281 11.65 -11.87 21.08
CA VAL D 281 11.86 -10.97 19.91
C VAL D 281 12.65 -9.74 20.37
N VAL D 282 12.35 -9.22 21.57
CA VAL D 282 13.08 -8.04 22.10
C VAL D 282 14.54 -8.43 22.27
N ALA D 283 14.80 -9.64 22.77
CA ALA D 283 16.18 -10.12 22.93
C ALA D 283 16.81 -10.20 21.53
N GLU D 284 16.04 -10.68 20.56
CA GLU D 284 16.62 -10.86 19.20
C GLU D 284 17.05 -9.48 18.67
N GLN D 285 16.23 -8.44 18.84
CA GLN D 285 16.74 -7.11 18.42
C GLN D 285 17.92 -6.69 19.30
N GLU D 286 17.82 -6.88 20.62
CA GLU D 286 18.87 -6.44 21.57
C GLU D 286 20.20 -7.18 21.42
N THR D 287 20.17 -8.50 21.22
CA THR D 287 21.44 -9.28 21.23
C THR D 287 21.45 -10.29 20.10
N GLY D 288 20.58 -10.10 19.11
CA GLY D 288 20.56 -11.00 17.97
C GLY D 288 20.26 -12.44 18.31
N SER D 289 19.67 -12.70 19.48
CA SER D 289 19.40 -14.06 19.94
C SER D 289 18.31 -14.73 19.11
N ALA D 290 18.43 -16.06 18.97
CA ALA D 290 17.47 -16.83 18.17
C ALA D 290 16.08 -16.83 18.81
N VAL D 291 15.07 -16.90 17.95
CA VAL D 291 13.68 -16.99 18.38
C VAL D 291 13.13 -18.34 17.92
N ILE D 292 12.84 -19.23 18.86
CA ILE D 292 12.15 -20.48 18.59
C ILE D 292 10.80 -20.37 19.28
N ASN D 293 9.75 -20.12 18.50
CA ASN D 293 8.43 -19.87 19.05
C ASN D 293 7.39 -20.24 18.01
N ALA D 294 6.25 -20.73 18.49
CA ALA D 294 5.17 -21.07 17.57
C ALA D 294 4.68 -19.85 16.80
N VAL D 295 4.78 -18.66 17.39
CA VAL D 295 4.43 -17.43 16.68
C VAL D 295 5.27 -17.28 15.41
N ARG D 296 6.59 -17.34 15.57
CA ARG D 296 7.48 -17.21 14.42
C ARG D 296 7.26 -18.34 13.41
N VAL D 297 7.10 -19.58 13.90
CA VAL D 297 6.83 -20.70 13.01
C VAL D 297 5.58 -20.44 12.17
N LEU D 298 4.46 -20.08 12.81
CA LEU D 298 3.22 -19.85 12.08
C LEU D 298 3.35 -18.68 11.12
N GLU D 299 3.96 -17.58 11.56
CA GLU D 299 4.19 -16.44 10.67
C GLU D 299 4.94 -16.88 9.42
N GLN D 300 5.89 -17.80 9.55
CA GLN D 300 6.63 -18.28 8.40
C GLN D 300 5.78 -19.19 7.52
N LEU D 301 5.15 -20.21 8.11
CA LEU D 301 4.39 -21.18 7.33
C LEU D 301 3.22 -20.52 6.61
N VAL D 302 2.45 -19.69 7.31
CA VAL D 302 1.31 -19.02 6.70
C VAL D 302 1.72 -17.75 5.98
N ASP D 303 2.98 -17.32 6.15
CA ASP D 303 3.49 -16.10 5.53
C ASP D 303 2.55 -14.92 5.83
N THR D 304 2.46 -14.59 7.13
CA THR D 304 1.53 -13.58 7.62
C THR D 304 2.21 -12.63 8.59
N SER D 305 1.44 -11.62 9.02
CA SER D 305 1.87 -10.62 9.99
C SER D 305 2.04 -11.21 11.38
N THR D 306 2.73 -10.45 12.25
CA THR D 306 2.94 -10.90 13.62
C THR D 306 1.62 -10.97 14.40
N ARG D 307 0.77 -9.91 14.39
CA ARG D 307 -0.46 -10.07 15.16
C ARG D 307 -1.30 -11.19 14.61
N SER D 308 -1.39 -11.32 13.28
CA SER D 308 -2.14 -12.43 12.74
C SER D 308 -1.59 -13.76 13.26
N ALA D 309 -0.26 -13.86 13.38
CA ALA D 309 0.34 -15.06 13.97
C ALA D 309 -0.04 -15.19 15.46
N LYS D 310 0.02 -14.08 16.22
CA LYS D 310 -0.40 -14.15 17.62
C LYS D 310 -1.87 -14.53 17.75
N VAL D 311 -2.73 -13.93 16.91
CA VAL D 311 -4.15 -14.27 16.92
C VAL D 311 -4.36 -15.73 16.51
N LEU D 312 -3.58 -16.20 15.53
CA LEU D 312 -3.71 -17.58 15.06
C LEU D 312 -3.39 -18.58 16.18
N LEU D 313 -2.33 -18.31 16.94
CA LEU D 313 -1.97 -19.20 18.04
C LEU D 313 -3.00 -19.16 19.15
N ARG D 314 -3.46 -17.96 19.51
CA ARG D 314 -4.50 -17.82 20.53
C ARG D 314 -5.72 -18.65 20.18
N ALA D 315 -6.15 -18.62 18.91
CA ALA D 315 -7.26 -19.46 18.50
C ALA D 315 -6.91 -20.94 18.58
N PHE D 316 -5.69 -21.30 18.17
CA PHE D 316 -5.23 -22.67 18.32
C PHE D 316 -5.29 -23.12 19.78
N LEU D 317 -4.87 -22.23 20.69
CA LEU D 317 -4.91 -22.57 22.11
C LEU D 317 -6.34 -22.78 22.60
N TRP D 318 -7.28 -21.94 22.13
CA TRP D 318 -8.67 -22.12 22.53
C TRP D 318 -9.21 -23.45 22.03
N ASP D 319 -8.82 -23.87 20.81
CA ASP D 319 -9.28 -25.15 20.30
C ASP D 319 -8.69 -26.31 21.10
N LEU D 320 -7.44 -26.17 21.59
CA LEU D 320 -6.90 -27.18 22.49
C LEU D 320 -7.72 -27.27 23.78
N GLU D 321 -8.16 -26.13 24.31
CA GLU D 321 -8.99 -26.15 25.50
C GLU D 321 -10.32 -26.85 25.21
N LEU D 322 -10.87 -26.66 24.00
CA LEU D 322 -12.07 -27.41 23.63
C LEU D 322 -11.78 -28.90 23.57
N GLN D 323 -10.64 -29.28 22.98
CA GLN D 323 -10.26 -30.69 22.92
C GLN D 323 -10.06 -31.27 24.32
N ILE D 324 -9.46 -30.48 25.22
CA ILE D 324 -9.33 -30.90 26.61
C ILE D 324 -10.73 -31.14 27.21
N HIS D 325 -11.65 -30.20 26.99
CA HIS D 325 -13.00 -30.36 27.52
C HIS D 325 -13.69 -31.59 26.94
N ASP D 326 -13.56 -31.81 25.63
CA ASP D 326 -14.20 -32.97 25.01
C ASP D 326 -13.66 -34.27 25.59
N GLU D 327 -12.34 -34.37 25.76
CA GLU D 327 -11.75 -35.59 26.30
C GLU D 327 -12.22 -35.86 27.72
N LEU D 328 -12.41 -34.81 28.52
CA LEU D 328 -12.92 -34.98 29.89
C LEU D 328 -14.28 -35.67 29.88
N THR D 329 -15.19 -35.25 29.01
CA THR D 329 -16.50 -35.90 28.93
C THR D 329 -16.37 -37.36 28.53
N ARG D 330 -15.56 -37.64 27.50
CA ARG D 330 -15.37 -39.02 27.07
C ARG D 330 -14.83 -39.89 28.19
N LEU D 331 -13.83 -39.38 28.92
CA LEU D 331 -13.26 -40.13 30.03
C LEU D 331 -14.29 -40.36 31.13
N LYS D 332 -15.20 -39.40 31.36
CA LYS D 332 -16.21 -39.54 32.39
C LYS D 332 -17.03 -40.81 32.21
N GLY D 333 -17.31 -41.18 30.95
CA GLY D 333 -17.95 -42.46 30.70
C GLY D 333 -17.05 -43.63 31.06
N THR D 334 -15.76 -43.53 30.73
CA THR D 334 -14.82 -44.59 31.02
C THR D 334 -14.67 -44.78 32.54
N ASP D 335 -14.32 -46.00 32.92
CA ASP D 335 -14.10 -46.35 34.32
C ASP D 335 -12.77 -45.77 34.78
N LEU D 336 -12.83 -44.77 35.67
CA LEU D 336 -11.65 -44.09 36.18
C LEU D 336 -11.64 -44.16 37.70
N THR D 337 -10.45 -44.40 38.28
CA THR D 337 -10.31 -44.39 39.72
C THR D 337 -10.41 -42.97 40.24
N PRO D 338 -10.76 -42.79 41.52
CA PRO D 338 -10.82 -41.43 42.08
C PRO D 338 -9.57 -40.60 41.91
N SER D 339 -8.38 -41.12 42.20
CA SER D 339 -7.19 -40.32 41.98
C SER D 339 -6.78 -40.32 40.51
N GLN D 340 -7.12 -41.38 39.76
CA GLN D 340 -6.94 -41.27 38.30
C GLN D 340 -7.68 -40.05 37.78
N TRP D 341 -8.91 -39.83 38.26
CA TRP D 341 -9.68 -38.66 37.89
C TRP D 341 -9.07 -37.39 38.49
N ARG D 342 -8.52 -37.50 39.71
CA ARG D 342 -7.86 -36.35 40.33
C ARG D 342 -6.67 -35.87 39.50
N PHE D 343 -5.95 -36.80 38.88
CA PHE D 343 -4.84 -36.40 38.00
C PHE D 343 -5.35 -35.64 36.79
N ALA D 344 -6.43 -36.11 36.18
CA ALA D 344 -7.02 -35.43 35.03
C ALA D 344 -7.37 -33.99 35.37
N ARG D 345 -8.02 -33.76 36.50
CA ARG D 345 -8.38 -32.40 36.87
C ARG D 345 -7.15 -31.57 37.20
N GLY D 346 -6.11 -32.21 37.74
CA GLY D 346 -4.89 -31.48 38.05
C GLY D 346 -4.23 -30.92 36.80
N MET D 347 -4.22 -31.69 35.71
CA MET D 347 -3.62 -31.20 34.47
C MET D 347 -4.32 -29.95 33.97
N VAL D 348 -5.65 -29.93 34.03
CA VAL D 348 -6.39 -28.71 33.71
C VAL D 348 -5.96 -27.57 34.64
N GLU D 349 -5.78 -27.88 35.93
CA GLU D 349 -5.35 -26.86 36.88
C GLU D 349 -3.94 -26.35 36.59
N VAL D 350 -3.05 -27.20 36.08
CA VAL D 350 -1.74 -26.74 35.65
C VAL D 350 -1.88 -25.81 34.44
N CYS D 351 -2.69 -26.23 33.47
CA CYS D 351 -2.90 -25.42 32.26
C CYS D 351 -3.46 -24.05 32.60
N ALA D 352 -4.55 -24.00 33.39
CA ALA D 352 -5.11 -22.72 33.79
C ALA D 352 -4.10 -21.89 34.59
N GLY D 353 -3.43 -22.52 35.55
CA GLY D 353 -2.46 -21.78 36.35
C GLY D 353 -1.30 -21.25 35.53
N ASN D 354 -0.90 -22.00 34.49
CA ASN D 354 0.17 -21.53 33.62
C ASN D 354 -0.20 -20.24 32.91
N ILE D 355 -1.43 -20.16 32.40
CA ILE D 355 -1.90 -18.91 31.79
C ILE D 355 -1.78 -17.77 32.79
N PHE D 356 -2.32 -17.98 34.00
CA PHE D 356 -2.27 -16.93 35.01
C PHE D 356 -0.83 -16.57 35.33
N TYR D 357 0.03 -17.56 35.58
CA TYR D 357 1.44 -17.30 35.81
C TYR D 357 2.05 -16.51 34.66
N SER D 358 1.80 -16.96 33.43
CA SER D 358 2.39 -16.27 32.27
C SER D 358 1.89 -14.84 32.18
N ALA D 359 0.60 -14.63 32.42
CA ALA D 359 0.04 -13.28 32.40
C ALA D 359 0.58 -12.43 33.56
N THR D 360 0.88 -13.05 34.70
CA THR D 360 1.38 -12.35 35.88
C THR D 360 2.89 -12.17 35.89
N CYS D 361 3.62 -12.83 35.00
CA CYS D 361 5.08 -12.75 35.01
C CYS D 361 5.55 -11.44 34.39
N LEU D 362 6.40 -10.72 35.12
CA LEU D 362 6.90 -9.43 34.62
C LEU D 362 7.86 -9.63 33.45
N ARG D 363 8.70 -10.67 33.50
CA ARG D 363 9.66 -10.90 32.43
C ARG D 363 8.96 -11.15 31.11
N TYR D 364 7.90 -11.97 31.13
CA TYR D 364 7.12 -12.27 29.91
C TYR D 364 6.45 -10.98 29.43
N ALA D 365 6.01 -10.17 30.38
CA ALA D 365 5.42 -8.85 30.03
C ALA D 365 6.57 -7.98 29.52
N LYS D 366 6.28 -6.99 28.68
CA LYS D 366 7.45 -6.24 28.15
C LYS D 366 8.16 -5.64 29.36
N PRO D 367 9.50 -5.68 29.44
CA PRO D 367 10.23 -5.20 30.60
C PRO D 367 9.52 -4.03 31.29
#